data_5VRN
#
_entry.id   5VRN
#
_cell.length_a   81.660
_cell.length_b   100.940
_cell.length_c   377.820
_cell.angle_alpha   90.00
_cell.angle_beta   90.00
_cell.angle_gamma   90.00
#
_symmetry.space_group_name_H-M   'C 2 2 21'
#
loop_
_entity.id
_entity.type
_entity.pdbx_description
1 polymer 'Enoyl-[acyl-carrier-protein] reductase [NADH]'
2 non-polymer '[[(2~{R},3~{S},4~{R},5~{R})-5-(3-aminocarbonylpyridin-1-ium-1-yl)-4-[[5-[4-cyano-2-[(~{E})-hydroxyiminomethyl]phenoxy]-1-oxidanyl-3~{H}-2,1$l^{4}-benzoxaborol-1-yl]oxy]-3-oxidanyl-oxolan-2-yl]methoxy-oxidanyl-phosphoryl] [(2~{R},3~{S},4~{R},5~{R})-5-(6-aminopurin-9-yl)-3,4-bis(oxidanyl)oxolan-2-yl]methyl hydrogen phosphate'
3 water water
#
_entity_poly.entity_id   1
_entity_poly.type   'polypeptide(L)'
_entity_poly.pdbx_seq_one_letter_code
;GSHMTGLLDGKRILVSGIITDSSIAFHIARVAQEQGAQLVLTGFDRLRLIQRITDRLPAKAPLLELDVQNEEHLASLAGR
VTEAIGAGNKLDGVVHSIGFMPQTGMGINPFFDAPYADVSKGIHISAYSYASMAKALLPIMNPGGSIVGMDFDPSRAMPA
YNWMTVAKSALESVNRFVAREAGKYGVRSNLVAAGPIRTLAMSAIVGGALGEEAGAQIQLLEEGWDQRAPIGWNMKDATP
VAKTVCALLSDWLPATTGDIIYADGGAHTQLL
;
_entity_poly.pdbx_strand_id   A,B,C,D,E,F
#
loop_
_chem_comp.id
_chem_comp.type
_chem_comp.name
_chem_comp.formula
9JM non-polymer '[[(2~{R},3~{S},4~{R},5~{R})-5-(3-aminocarbonylpyridin-1-ium-1-yl)-4-[[5-[4-cyano-2-[(~{E})-hydroxyiminomethyl]phenoxy]-1-oxidanyl-3~{H}-2,1$l^{4}-benzoxaborol-1-yl]oxy]-3-oxidanyl-oxolan-2-yl]methoxy-oxidanyl-phosphoryl] [(2~{R},3~{S},4~{R},5~{R})-5-(6-aminopurin-9-yl)-3,4-bis(oxidanyl)oxolan-2-yl]methyl hydrogen phosphate' 'C36 H38 B N9 O18 P2 1'
#
# COMPACT_ATOMS: atom_id res chain seq x y z
N THR A 5 -10.24 20.90 2.97
CA THR A 5 -9.75 19.84 2.01
C THR A 5 -10.39 19.93 0.58
N GLY A 6 -10.26 18.84 -0.16
CA GLY A 6 -10.25 18.90 -1.58
C GLY A 6 -11.59 19.04 -2.29
N LEU A 7 -11.55 19.72 -3.44
CA LEU A 7 -12.74 20.02 -4.24
C LEU A 7 -13.31 18.77 -4.89
N LEU A 8 -12.43 17.83 -5.24
CA LEU A 8 -12.83 16.59 -5.93
C LEU A 8 -12.58 15.34 -5.03
N ASP A 9 -12.69 15.54 -3.73
CA ASP A 9 -12.37 14.52 -2.74
C ASP A 9 -13.20 13.25 -2.91
N GLY A 10 -12.50 12.13 -3.04
CA GLY A 10 -13.12 10.86 -3.19
C GLY A 10 -13.84 10.69 -4.50
N LYS A 11 -13.50 11.49 -5.50
CA LYS A 11 -14.10 11.32 -6.83
C LYS A 11 -13.19 10.46 -7.70
N ARG A 12 -13.79 9.63 -8.53
CA ARG A 12 -13.03 8.84 -9.50
C ARG A 12 -13.15 9.46 -10.86
N ILE A 13 -12.05 9.89 -11.43
CA ILE A 13 -12.10 10.66 -12.69
C ILE A 13 -11.18 10.15 -13.77
N LEU A 14 -11.77 9.89 -14.92
CA LEU A 14 -11.04 9.51 -16.10
C LEU A 14 -10.54 10.75 -16.87
N VAL A 15 -9.23 10.83 -17.11
CA VAL A 15 -8.61 11.96 -17.87
C VAL A 15 -7.86 11.50 -19.10
N SER A 16 -8.38 11.87 -20.26
CA SER A 16 -7.74 11.54 -21.53
C SER A 16 -6.87 12.68 -21.98
N GLY A 17 -6.04 12.40 -22.97
CA GLY A 17 -5.37 13.43 -23.73
C GLY A 17 -4.02 13.91 -23.23
N ILE A 18 -3.42 13.18 -22.30
CA ILE A 18 -2.04 13.53 -21.90
C ILE A 18 -1.05 13.00 -22.93
N ILE A 19 -0.21 13.90 -23.47
CA ILE A 19 0.91 13.52 -24.36
C ILE A 19 2.27 14.16 -23.93
N THR A 20 2.27 15.42 -23.51
CA THR A 20 3.45 16.03 -22.85
C THR A 20 3.03 16.69 -21.54
N ASP A 21 4.00 17.19 -20.80
CA ASP A 21 3.73 17.93 -19.56
C ASP A 21 3.27 19.38 -19.78
N SER A 22 3.24 19.81 -21.03
CA SER A 22 2.59 21.04 -21.41
C SER A 22 1.15 20.81 -21.98
N SER A 23 0.69 19.52 -21.99
CA SER A 23 -0.69 19.18 -22.38
C SER A 23 -1.65 19.80 -21.41
N ILE A 24 -2.77 20.33 -21.91
CA ILE A 24 -3.80 20.89 -21.00
C ILE A 24 -4.24 19.77 -20.07
N ALA A 25 -4.39 18.58 -20.63
CA ALA A 25 -4.82 17.38 -19.88
C ALA A 25 -3.88 17.08 -18.72
N PHE A 26 -2.59 17.35 -18.91
CA PHE A 26 -1.64 17.08 -17.87
C PHE A 26 -1.97 17.92 -16.64
N HIS A 27 -2.24 19.21 -16.87
CA HIS A 27 -2.51 20.16 -15.80
C HIS A 27 -3.84 19.90 -15.13
N ILE A 28 -4.86 19.56 -15.94
CA ILE A 28 -6.15 19.14 -15.42
C ILE A 28 -5.93 18.02 -14.42
N ALA A 29 -5.23 17.00 -14.84
CA ALA A 29 -4.97 15.82 -13.98
C ALA A 29 -4.25 16.21 -12.71
N ARG A 30 -3.21 17.03 -12.86
CA ARG A 30 -2.44 17.52 -11.70
CA ARG A 30 -2.44 17.52 -11.70
C ARG A 30 -3.33 18.23 -10.68
N VAL A 31 -4.09 19.20 -11.16
CA VAL A 31 -4.95 19.98 -10.27
C VAL A 31 -5.99 19.11 -9.61
N ALA A 32 -6.53 18.20 -10.39
CA ALA A 32 -7.58 17.32 -9.90
C ALA A 32 -7.03 16.49 -8.75
N GLN A 33 -5.83 15.96 -8.95
CA GLN A 33 -5.15 15.14 -7.95
C GLN A 33 -4.82 15.95 -6.74
N GLU A 34 -4.27 17.16 -6.96
CA GLU A 34 -4.05 18.15 -5.86
C GLU A 34 -5.31 18.37 -5.02
N GLN A 35 -6.47 18.24 -5.68
CA GLN A 35 -7.81 18.42 -5.07
C GLN A 35 -8.49 17.13 -4.55
N GLY A 36 -7.75 16.01 -4.54
CA GLY A 36 -8.20 14.78 -3.89
C GLY A 36 -8.84 13.75 -4.80
N ALA A 37 -8.89 14.05 -6.09
CA ALA A 37 -9.44 13.13 -7.05
C ALA A 37 -8.53 11.92 -7.16
N GLN A 38 -9.14 10.76 -7.38
CA GLN A 38 -8.43 9.53 -7.73
C GLN A 38 -8.64 9.27 -9.24
N LEU A 39 -7.55 9.22 -9.98
CA LEU A 39 -7.61 9.28 -11.44
C LEU A 39 -7.39 7.96 -12.13
N VAL A 40 -8.01 7.85 -13.32
CA VAL A 40 -7.67 6.84 -14.33
C VAL A 40 -7.28 7.60 -15.59
N LEU A 41 -6.10 7.32 -16.15
CA LEU A 41 -5.60 8.07 -17.30
C LEU A 41 -5.75 7.26 -18.53
N THR A 42 -5.98 7.92 -19.68
CA THR A 42 -5.89 7.21 -20.99
C THR A 42 -4.88 7.86 -21.94
N GLY A 43 -4.26 7.06 -22.79
CA GLY A 43 -3.28 7.52 -23.75
C GLY A 43 -3.41 6.91 -25.13
N PHE A 44 -2.89 7.63 -26.12
CA PHE A 44 -2.87 7.19 -27.48
C PHE A 44 -1.45 7.00 -28.06
N ASP A 45 -1.22 5.82 -28.64
CA ASP A 45 -0.04 5.54 -29.48
C ASP A 45 1.25 5.49 -28.67
N ARG A 46 1.80 6.68 -28.35
CA ARG A 46 3.11 6.80 -27.70
C ARG A 46 3.02 6.47 -26.16
N LEU A 47 2.65 5.23 -25.84
CA LEU A 47 2.32 4.83 -24.46
C LEU A 47 3.54 4.84 -23.51
N ARG A 48 4.72 4.50 -24.04
CA ARG A 48 5.97 4.50 -23.24
C ARG A 48 6.33 5.92 -22.80
N LEU A 49 6.30 6.84 -23.76
CA LEU A 49 6.50 8.28 -23.47
C LEU A 49 5.49 8.80 -22.44
N ILE A 50 4.21 8.57 -22.72
CA ILE A 50 3.12 9.03 -21.85
C ILE A 50 3.29 8.53 -20.41
N GLN A 51 3.61 7.26 -20.26
CA GLN A 51 3.86 6.63 -18.94
C GLN A 51 4.94 7.38 -18.18
N ARG A 52 6.02 7.72 -18.90
CA ARG A 52 7.13 8.49 -18.32
C ARG A 52 6.66 9.91 -17.88
N ILE A 53 5.88 10.56 -18.73
CA ILE A 53 5.31 11.90 -18.44
C ILE A 53 4.43 11.87 -17.19
N THR A 54 3.56 10.86 -17.12
CA THR A 54 2.53 10.75 -16.05
C THR A 54 3.14 10.35 -14.69
N ASP A 55 4.36 9.82 -14.71
CA ASP A 55 5.10 9.58 -13.46
C ASP A 55 5.45 10.88 -12.80
N ARG A 56 5.50 11.96 -13.58
CA ARG A 56 5.74 13.33 -13.03
C ARG A 56 4.49 13.96 -12.36
N LEU A 57 3.32 13.31 -12.48
CA LEU A 57 2.13 13.74 -11.75
C LEU A 57 2.29 13.55 -10.24
N PRO A 58 1.56 14.35 -9.43
CA PRO A 58 1.65 14.25 -7.96
C PRO A 58 1.42 12.87 -7.39
N ALA A 59 0.53 12.11 -8.01
CA ALA A 59 0.16 10.77 -7.54
C ALA A 59 0.19 9.72 -8.63
N LYS A 60 0.37 8.48 -8.22
CA LYS A 60 0.35 7.31 -9.12
C LYS A 60 -1.06 7.10 -9.62
N ALA A 61 -1.19 6.70 -10.88
CA ALA A 61 -2.52 6.47 -11.46
C ALA A 61 -2.44 5.52 -12.65
N PRO A 62 -3.39 4.57 -12.76
CA PRO A 62 -3.33 3.60 -13.85
C PRO A 62 -3.44 4.24 -15.22
N LEU A 63 -2.60 3.81 -16.14
CA LEU A 63 -2.60 4.31 -17.49
C LEU A 63 -3.13 3.24 -18.42
N LEU A 64 -4.19 3.59 -19.16
CA LEU A 64 -4.86 2.68 -20.09
C LEU A 64 -4.76 3.20 -21.51
N GLU A 65 -4.79 2.30 -22.46
CA GLU A 65 -4.66 2.68 -23.85
C GLU A 65 -6.01 2.97 -24.50
N LEU A 66 -6.06 4.04 -25.27
CA LEU A 66 -7.28 4.44 -25.98
C LEU A 66 -6.97 5.28 -27.21
N ASP A 67 -7.01 4.62 -28.34
CA ASP A 67 -7.13 5.26 -29.65
C ASP A 67 -8.61 5.38 -29.92
N VAL A 68 -9.14 6.61 -29.90
CA VAL A 68 -10.60 6.84 -30.07
C VAL A 68 -11.13 6.41 -31.44
N GLN A 69 -10.24 6.27 -32.42
CA GLN A 69 -10.62 5.69 -33.73
C GLN A 69 -10.77 4.12 -33.76
N ASN A 70 -10.37 3.47 -32.68
CA ASN A 70 -10.43 2.02 -32.58
C ASN A 70 -11.73 1.54 -31.91
N GLU A 71 -12.61 0.95 -32.71
CA GLU A 71 -13.92 0.45 -32.22
C GLU A 71 -13.73 -0.65 -31.13
N GLU A 72 -12.63 -1.42 -31.21
CA GLU A 72 -12.34 -2.44 -30.17
C GLU A 72 -11.91 -1.83 -28.83
N HIS A 73 -11.07 -0.79 -28.88
CA HIS A 73 -10.64 -0.06 -27.69
C HIS A 73 -11.81 0.54 -26.93
N LEU A 74 -12.78 1.05 -27.69
CA LEU A 74 -13.94 1.68 -27.13
C LEU A 74 -14.88 0.65 -26.54
N ALA A 75 -15.09 -0.43 -27.28
CA ALA A 75 -15.99 -1.49 -26.83
C ALA A 75 -15.49 -2.12 -25.53
N SER A 76 -14.17 -2.13 -25.36
CA SER A 76 -13.55 -2.75 -24.17
C SER A 76 -13.24 -1.78 -23.03
N LEU A 77 -13.39 -0.50 -23.31
CA LEU A 77 -12.93 0.59 -22.39
C LEU A 77 -13.59 0.54 -21.04
N ALA A 78 -14.90 0.40 -21.03
CA ALA A 78 -15.66 0.31 -19.77
C ALA A 78 -15.14 -0.83 -18.88
N GLY A 79 -15.03 -2.02 -19.45
CA GLY A 79 -14.53 -3.20 -18.71
C GLY A 79 -13.13 -2.98 -18.19
N ARG A 80 -12.28 -2.40 -19.05
CA ARG A 80 -10.88 -2.15 -18.70
C ARG A 80 -10.73 -1.12 -17.61
N VAL A 81 -11.63 -0.14 -17.58
CA VAL A 81 -11.64 0.88 -16.51
C VAL A 81 -12.08 0.29 -15.19
N THR A 82 -13.18 -0.46 -15.21
CA THR A 82 -13.70 -1.11 -13.99
C THR A 82 -12.60 -1.97 -13.26
N GLU A 83 -11.90 -2.79 -14.05
CA GLU A 83 -10.72 -3.51 -13.59
C GLU A 83 -9.70 -2.60 -12.85
N ALA A 84 -9.42 -1.43 -13.40
CA ALA A 84 -8.42 -0.50 -12.83
C ALA A 84 -8.89 0.19 -11.56
N ILE A 85 -10.19 0.50 -11.46
CA ILE A 85 -10.75 1.16 -10.27
C ILE A 85 -11.40 0.18 -9.29
N GLY A 86 -11.49 -1.07 -9.70
CA GLY A 86 -12.08 -2.11 -8.89
C GLY A 86 -13.57 -2.28 -9.15
N ALA A 87 -14.01 -3.52 -9.22
CA ALA A 87 -15.40 -3.86 -9.39
C ALA A 87 -16.26 -3.33 -8.22
N GLY A 88 -17.48 -2.94 -8.55
CA GLY A 88 -18.41 -2.35 -7.56
C GLY A 88 -18.17 -0.84 -7.42
N ASN A 89 -17.20 -0.32 -8.21
CA ASN A 89 -16.92 1.10 -8.28
C ASN A 89 -17.29 1.69 -9.63
N LYS A 90 -17.64 2.97 -9.60
CA LYS A 90 -17.96 3.72 -10.83
C LYS A 90 -17.24 5.01 -10.90
N LEU A 91 -17.25 5.57 -12.10
CA LEU A 91 -16.65 6.89 -12.37
C LEU A 91 -17.59 8.05 -11.98
N ASP A 92 -17.04 9.08 -11.37
CA ASP A 92 -17.75 10.36 -11.14
C ASP A 92 -17.48 11.41 -12.25
N GLY A 93 -16.42 11.19 -13.02
CA GLY A 93 -15.97 12.16 -13.96
C GLY A 93 -15.23 11.57 -15.15
N VAL A 94 -15.35 12.26 -16.28
CA VAL A 94 -14.68 11.92 -17.51
C VAL A 94 -14.23 13.19 -18.15
N VAL A 95 -12.96 13.24 -18.55
CA VAL A 95 -12.40 14.41 -19.22
C VAL A 95 -11.91 14.04 -20.63
N HIS A 96 -12.50 14.71 -21.63
CA HIS A 96 -12.12 14.59 -23.03
C HIS A 96 -11.23 15.76 -23.35
N SER A 97 -9.96 15.49 -23.54
CA SER A 97 -9.02 16.53 -23.89
C SER A 97 -8.24 16.03 -25.07
N ILE A 98 -8.96 15.83 -26.15
CA ILE A 98 -8.44 15.21 -27.34
C ILE A 98 -8.81 16.04 -28.57
N GLY A 99 -7.84 16.27 -29.44
CA GLY A 99 -8.06 17.03 -30.68
C GLY A 99 -6.97 16.74 -31.69
N PHE A 100 -7.34 16.76 -32.95
CA PHE A 100 -6.43 16.48 -34.04
C PHE A 100 -6.99 16.95 -35.33
N MET A 101 -6.17 17.64 -36.11
CA MET A 101 -6.50 17.97 -37.48
C MET A 101 -5.25 17.92 -38.35
N PRO A 102 -5.26 17.09 -39.41
CA PRO A 102 -4.06 17.07 -40.23
C PRO A 102 -3.66 18.46 -40.67
N GLN A 103 -2.36 18.68 -40.85
CA GLN A 103 -1.81 20.02 -41.25
C GLN A 103 -2.41 20.50 -42.57
N THR A 104 -3.00 19.58 -43.32
CA THR A 104 -3.71 19.92 -44.54
C THR A 104 -5.03 20.72 -44.33
N GLY A 105 -5.65 20.57 -43.16
CA GLY A 105 -6.89 21.26 -42.85
C GLY A 105 -6.73 22.38 -41.84
N MET A 106 -5.51 22.64 -41.45
CA MET A 106 -5.23 23.53 -40.33
C MET A 106 -3.82 23.99 -40.39
N GLY A 107 -3.61 25.30 -40.34
CA GLY A 107 -2.27 25.87 -40.56
C GLY A 107 -2.09 26.72 -41.81
N ILE A 108 -1.06 26.37 -42.58
CA ILE A 108 -0.59 27.12 -43.70
C ILE A 108 -1.38 26.82 -45.01
N ASN A 109 -1.96 25.66 -45.08
CA ASN A 109 -2.67 25.21 -46.31
C ASN A 109 -4.01 25.97 -46.50
N PRO A 110 -4.28 26.41 -47.75
CA PRO A 110 -5.58 27.08 -47.95
C PRO A 110 -6.79 26.24 -47.48
N PHE A 111 -7.84 26.93 -47.06
CA PHE A 111 -9.08 26.31 -46.61
C PHE A 111 -9.63 25.30 -47.60
N PHE A 112 -9.64 25.68 -48.88
CA PHE A 112 -10.22 24.85 -49.95
C PHE A 112 -9.41 23.64 -50.32
N ASP A 113 -8.12 23.61 -49.96
CA ASP A 113 -7.21 22.50 -50.40
C ASP A 113 -7.12 21.38 -49.40
N ALA A 114 -7.94 21.45 -48.35
CA ALA A 114 -8.06 20.33 -47.42
C ALA A 114 -8.95 19.21 -48.03
N PRO A 115 -8.38 18.01 -48.25
CA PRO A 115 -9.19 16.91 -48.81
C PRO A 115 -10.05 16.29 -47.75
N TYR A 116 -11.23 15.86 -48.12
CA TYR A 116 -12.24 15.47 -47.13
C TYR A 116 -11.76 14.37 -46.16
N ALA A 117 -10.99 13.44 -46.69
CA ALA A 117 -10.43 12.30 -45.88
C ALA A 117 -9.68 12.79 -44.66
N ASP A 118 -8.94 13.88 -44.83
CA ASP A 118 -8.20 14.47 -43.74
C ASP A 118 -9.17 15.17 -42.80
N VAL A 119 -10.11 15.91 -43.39
CA VAL A 119 -11.11 16.61 -42.62
C VAL A 119 -11.91 15.60 -41.76
N SER A 120 -12.38 14.52 -42.39
CA SER A 120 -13.16 13.52 -41.76
C SER A 120 -12.46 12.90 -40.60
N LYS A 121 -11.16 12.62 -40.78
CA LYS A 121 -10.35 12.04 -39.69
C LYS A 121 -10.27 13.02 -38.50
N GLY A 122 -10.19 14.30 -38.78
CA GLY A 122 -10.12 15.30 -37.69
C GLY A 122 -11.41 15.48 -36.92
N ILE A 123 -12.53 15.43 -37.64
CA ILE A 123 -13.85 15.47 -37.02
C ILE A 123 -14.08 14.23 -36.18
N HIS A 124 -13.63 13.09 -36.69
CA HIS A 124 -13.78 11.79 -36.02
C HIS A 124 -13.14 11.87 -34.66
N ILE A 125 -11.91 12.36 -34.65
CA ILE A 125 -11.09 12.39 -33.44
C ILE A 125 -11.51 13.54 -32.53
N SER A 126 -11.77 14.68 -33.13
CA SER A 126 -12.04 15.91 -32.38
C SER A 126 -13.48 16.11 -31.91
N ALA A 127 -14.47 15.59 -32.64
CA ALA A 127 -15.92 15.80 -32.28
C ALA A 127 -16.66 14.50 -31.99
N TYR A 128 -16.74 13.62 -32.98
CA TYR A 128 -17.45 12.30 -32.82
C TYR A 128 -16.98 11.50 -31.62
N SER A 129 -15.68 11.48 -31.42
CA SER A 129 -15.10 10.76 -30.28
C SER A 129 -15.64 11.20 -28.93
N TYR A 130 -16.12 12.44 -28.84
CA TYR A 130 -16.76 12.95 -27.58
C TYR A 130 -18.03 12.13 -27.30
N ALA A 131 -18.80 11.89 -28.35
CA ALA A 131 -19.99 11.06 -28.26
C ALA A 131 -19.64 9.61 -27.95
N SER A 132 -18.65 9.04 -28.65
CA SER A 132 -18.31 7.61 -28.48
C SER A 132 -17.69 7.32 -27.10
N MET A 133 -16.86 8.21 -26.60
CA MET A 133 -16.37 8.13 -25.21
C MET A 133 -17.51 8.15 -24.21
N ALA A 134 -18.47 9.04 -24.44
CA ALA A 134 -19.65 9.13 -23.55
C ALA A 134 -20.48 7.81 -23.57
N LYS A 135 -20.72 7.29 -24.76
CA LYS A 135 -21.38 5.98 -24.92
C LYS A 135 -20.67 4.85 -24.15
N ALA A 136 -19.34 4.81 -24.28
CA ALA A 136 -18.54 3.77 -23.67
C ALA A 136 -18.62 3.84 -22.14
N LEU A 137 -18.65 5.06 -21.59
CA LEU A 137 -18.39 5.30 -20.15
C LEU A 137 -19.60 5.66 -19.30
N LEU A 138 -20.68 6.14 -19.92
CA LEU A 138 -21.90 6.43 -19.17
C LEU A 138 -22.42 5.24 -18.35
N PRO A 139 -22.44 4.03 -18.94
CA PRO A 139 -22.95 2.88 -18.17
C PRO A 139 -22.16 2.63 -16.87
N ILE A 140 -20.93 3.11 -16.81
CA ILE A 140 -20.12 3.01 -15.57
C ILE A 140 -19.90 4.35 -14.85
N MET A 141 -20.87 5.26 -15.00
CA MET A 141 -20.80 6.56 -14.29
C MET A 141 -21.84 6.66 -13.21
N ASN A 142 -21.48 7.33 -12.12
CA ASN A 142 -22.40 7.62 -11.01
C ASN A 142 -23.29 8.79 -11.30
N PRO A 143 -24.43 8.86 -10.62
CA PRO A 143 -25.23 10.05 -10.76
C PRO A 143 -24.51 11.17 -10.07
N GLY A 144 -24.76 12.39 -10.54
CA GLY A 144 -24.08 13.58 -10.02
C GLY A 144 -22.78 13.82 -10.77
N GLY A 145 -22.42 12.90 -11.64
CA GLY A 145 -21.20 12.92 -12.32
C GLY A 145 -21.19 13.87 -13.50
N SER A 146 -20.00 14.03 -14.05
CA SER A 146 -19.74 15.10 -15.00
C SER A 146 -18.82 14.66 -16.12
N ILE A 147 -19.18 15.06 -17.33
CA ILE A 147 -18.34 14.84 -18.49
C ILE A 147 -17.91 16.20 -19.04
N VAL A 148 -16.61 16.34 -19.31
CA VAL A 148 -16.05 17.60 -19.75
C VAL A 148 -15.11 17.43 -20.94
N GLY A 149 -15.33 18.28 -21.93
CA GLY A 149 -14.54 18.30 -23.13
C GLY A 149 -13.95 19.67 -23.36
N MET A 150 -12.81 19.71 -24.09
CA MET A 150 -12.10 20.97 -24.40
C MET A 150 -12.47 21.58 -25.79
N ASP A 151 -12.86 22.84 -25.75
CA ASP A 151 -13.40 23.59 -26.88
C ASP A 151 -12.51 24.83 -27.15
N PHE A 152 -12.59 25.37 -28.34
CA PHE A 152 -11.96 26.61 -28.68
C PHE A 152 -13.01 27.33 -29.53
N ASP A 153 -13.42 28.51 -29.07
CA ASP A 153 -14.61 29.17 -29.54
C ASP A 153 -14.63 29.26 -31.05
N PRO A 154 -15.54 28.53 -31.70
CA PRO A 154 -15.59 28.52 -33.14
C PRO A 154 -16.70 29.36 -33.76
N SER A 155 -17.33 30.21 -32.97
CA SER A 155 -18.55 30.95 -33.44
C SER A 155 -18.24 32.00 -34.45
N ARG A 156 -16.97 32.35 -34.57
CA ARG A 156 -16.48 33.27 -35.59
C ARG A 156 -15.32 32.65 -36.32
N ALA A 157 -15.20 32.93 -37.62
CA ALA A 157 -14.07 32.39 -38.39
C ALA A 157 -12.78 33.12 -38.02
N MET A 158 -11.65 32.44 -38.17
CA MET A 158 -10.33 33.04 -37.95
C MET A 158 -9.29 32.46 -38.87
N PRO A 159 -8.16 33.18 -39.08
CA PRO A 159 -7.13 32.60 -39.94
C PRO A 159 -6.47 31.37 -39.37
N ALA A 160 -6.03 30.48 -40.28
CA ALA A 160 -5.24 29.29 -39.96
C ALA A 160 -6.06 28.08 -39.38
N TYR A 161 -6.77 28.32 -38.29
CA TYR A 161 -7.43 27.27 -37.53
C TYR A 161 -8.40 26.47 -38.41
N ASN A 162 -8.95 27.17 -39.40
CA ASN A 162 -9.59 26.55 -40.54
C ASN A 162 -10.57 25.39 -40.19
N TRP A 163 -10.31 24.18 -40.69
CA TRP A 163 -11.20 23.02 -40.47
C TRP A 163 -11.24 22.55 -39.04
N MET A 164 -10.23 22.85 -38.25
CA MET A 164 -10.31 22.55 -36.83
C MET A 164 -11.44 23.39 -36.20
N THR A 165 -11.63 24.62 -36.71
CA THR A 165 -12.77 25.46 -36.26
C THR A 165 -14.10 24.77 -36.53
N VAL A 166 -14.20 24.23 -37.74
CA VAL A 166 -15.38 23.45 -38.15
C VAL A 166 -15.60 22.26 -37.23
N ALA A 167 -14.52 21.57 -36.90
CA ALA A 167 -14.59 20.45 -35.94
C ALA A 167 -15.10 20.88 -34.58
N LYS A 168 -14.66 22.02 -34.11
CA LYS A 168 -15.12 22.55 -32.79
C LYS A 168 -16.58 23.02 -32.84
N SER A 169 -17.00 23.58 -33.96
CA SER A 169 -18.42 23.85 -34.17
C SER A 169 -19.22 22.57 -34.07
N ALA A 170 -18.70 21.51 -34.68
CA ALA A 170 -19.34 20.19 -34.63
C ALA A 170 -19.37 19.65 -33.23
N LEU A 171 -18.25 19.80 -32.52
CA LEU A 171 -18.12 19.26 -31.16
C LEU A 171 -19.14 19.90 -30.21
N GLU A 172 -19.35 21.22 -30.36
CA GLU A 172 -20.31 21.94 -29.56
C GLU A 172 -21.73 21.39 -29.77
N SER A 173 -22.10 21.19 -31.03
CA SER A 173 -23.41 20.56 -31.34
C SER A 173 -23.47 19.17 -30.67
N VAL A 174 -22.44 18.37 -30.88
CA VAL A 174 -22.33 17.00 -30.28
C VAL A 174 -22.57 17.03 -28.75
N ASN A 175 -21.93 17.95 -28.07
CA ASN A 175 -22.05 18.09 -26.63
C ASN A 175 -23.51 18.31 -26.14
N ARG A 176 -24.32 19.02 -26.94
CA ARG A 176 -25.69 19.24 -26.62
C ARG A 176 -26.54 17.96 -26.72
N PHE A 177 -26.22 17.09 -27.67
CA PHE A 177 -26.89 15.79 -27.76
C PHE A 177 -26.39 14.82 -26.74
N VAL A 178 -25.12 14.85 -26.45
CA VAL A 178 -24.58 13.96 -25.45
C VAL A 178 -25.20 14.28 -24.10
N ALA A 179 -25.47 15.55 -23.84
CA ALA A 179 -26.16 15.97 -22.61
C ALA A 179 -27.50 15.32 -22.46
N ARG A 180 -28.22 15.22 -23.56
CA ARG A 180 -29.52 14.55 -23.56
C ARG A 180 -29.39 13.13 -23.10
N GLU A 181 -28.43 12.40 -23.68
CA GLU A 181 -28.18 11.00 -23.29
C GLU A 181 -27.66 10.91 -21.87
N ALA A 182 -26.75 11.81 -21.54
CA ALA A 182 -26.09 11.81 -20.20
C ALA A 182 -27.07 12.12 -19.03
N GLY A 183 -28.09 12.89 -19.32
CA GLY A 183 -29.08 13.30 -18.32
C GLY A 183 -29.85 12.14 -17.74
N LYS A 184 -30.10 11.15 -18.60
CA LYS A 184 -30.77 9.91 -18.21
C LYS A 184 -30.04 9.21 -17.06
N TYR A 185 -28.71 9.37 -17.01
CA TYR A 185 -27.87 8.80 -15.95
C TYR A 185 -27.61 9.74 -14.76
N GLY A 186 -28.23 10.93 -14.76
CA GLY A 186 -27.94 11.97 -13.72
C GLY A 186 -26.56 12.62 -13.91
N VAL A 187 -26.09 12.63 -15.16
CA VAL A 187 -24.72 13.04 -15.50
C VAL A 187 -24.76 14.24 -16.40
N ARG A 188 -23.95 15.22 -16.06
CA ARG A 188 -23.83 16.47 -16.80
CA ARG A 188 -23.83 16.47 -16.80
C ARG A 188 -22.78 16.36 -17.92
N SER A 189 -22.94 17.15 -18.95
CA SER A 189 -22.02 17.16 -20.07
C SER A 189 -21.74 18.63 -20.47
N ASN A 190 -20.45 19.03 -20.52
CA ASN A 190 -20.10 20.40 -20.85
C ASN A 190 -18.78 20.54 -21.49
N LEU A 191 -18.61 21.65 -22.18
CA LEU A 191 -17.32 22.01 -22.74
C LEU A 191 -16.73 23.20 -22.03
N VAL A 192 -15.39 23.20 -21.92
CA VAL A 192 -14.63 24.38 -21.52
C VAL A 192 -13.97 24.99 -22.72
N ALA A 193 -14.41 26.18 -23.06
CA ALA A 193 -13.85 26.89 -24.20
C ALA A 193 -12.72 27.69 -23.70
N ALA A 194 -11.53 27.14 -23.88
CA ALA A 194 -10.31 27.79 -23.39
C ALA A 194 -9.74 28.84 -24.36
N GLY A 195 -9.06 29.84 -23.77
CA GLY A 195 -8.17 30.74 -24.51
C GLY A 195 -6.91 30.02 -24.98
N PRO A 196 -6.15 30.66 -25.88
CA PRO A 196 -4.97 30.04 -26.47
C PRO A 196 -3.91 29.73 -25.44
N ILE A 197 -3.41 28.50 -25.47
CA ILE A 197 -2.42 28.00 -24.54
C ILE A 197 -1.18 27.53 -25.30
N ARG A 198 -0.02 28.01 -24.86
CA ARG A 198 1.27 27.63 -25.49
C ARG A 198 1.65 26.21 -25.18
N THR A 199 1.08 25.25 -25.89
CA THR A 199 1.55 23.86 -25.82
C THR A 199 2.86 23.78 -26.58
N LEU A 200 3.55 22.63 -26.48
CA LEU A 200 4.79 22.45 -27.20
C LEU A 200 4.56 22.71 -28.69
N ALA A 201 3.48 22.12 -29.21
CA ALA A 201 3.07 22.28 -30.62
C ALA A 201 2.95 23.75 -31.00
N MET A 202 2.12 24.46 -30.23
CA MET A 202 1.93 25.93 -30.39
C MET A 202 3.22 26.72 -30.32
N SER A 203 4.05 26.40 -29.33
CA SER A 203 5.34 27.11 -29.14
C SER A 203 6.23 27.01 -30.38
N ALA A 204 6.20 25.85 -31.06
CA ALA A 204 6.98 25.65 -32.29
C ALA A 204 6.49 26.53 -33.44
N ILE A 205 5.17 26.64 -33.58
CA ILE A 205 4.59 27.54 -34.58
C ILE A 205 5.03 29.00 -34.33
N VAL A 206 4.90 29.45 -33.07
CA VAL A 206 5.31 30.82 -32.66
C VAL A 206 6.77 31.04 -33.04
N GLY A 207 7.58 29.99 -32.84
CA GLY A 207 8.99 30.00 -33.21
C GLY A 207 9.30 29.81 -34.70
N GLY A 208 8.26 29.79 -35.55
CA GLY A 208 8.46 29.89 -37.01
C GLY A 208 8.40 28.61 -37.81
N ALA A 209 8.07 27.50 -37.16
CA ALA A 209 8.09 26.16 -37.79
C ALA A 209 7.14 26.04 -38.97
N LEU A 210 6.02 26.73 -38.91
CA LEU A 210 5.04 26.71 -40.01
C LEU A 210 5.21 27.94 -40.94
N GLY A 211 6.31 28.66 -40.80
CA GLY A 211 6.58 29.87 -41.63
C GLY A 211 6.47 31.16 -40.84
N GLU A 212 6.90 32.27 -41.43
CA GLU A 212 6.87 33.57 -40.76
C GLU A 212 5.48 34.20 -40.71
N GLU A 213 4.67 33.99 -41.76
CA GLU A 213 3.27 34.49 -41.81
C GLU A 213 2.43 33.81 -40.74
N ALA A 214 2.57 32.49 -40.63
CA ALA A 214 1.86 31.71 -39.58
C ALA A 214 2.31 32.12 -38.14
N GLY A 215 3.61 32.33 -37.96
CA GLY A 215 4.15 32.71 -36.68
C GLY A 215 3.57 34.05 -36.34
N ALA A 216 3.48 34.93 -37.34
CA ALA A 216 2.97 36.30 -37.14
C ALA A 216 1.47 36.30 -36.80
N GLN A 217 0.71 35.43 -37.47
CA GLN A 217 -0.76 35.30 -37.24
C GLN A 217 -1.12 34.81 -35.82
N ILE A 218 -0.45 33.76 -35.35
CA ILE A 218 -0.65 33.26 -33.97
C ILE A 218 -0.26 34.34 -32.94
N GLN A 219 0.77 35.12 -33.26
CA GLN A 219 1.26 36.18 -32.37
C GLN A 219 0.28 37.37 -32.30
N LEU A 220 -0.37 37.69 -33.42
CA LEU A 220 -1.47 38.68 -33.42
C LEU A 220 -2.62 38.21 -32.59
N LEU A 221 -3.03 36.95 -32.79
CA LEU A 221 -4.15 36.38 -32.04
C LEU A 221 -3.92 36.43 -30.53
N GLU A 222 -2.76 35.96 -30.09
CA GLU A 222 -2.42 35.95 -28.65
C GLU A 222 -2.39 37.36 -28.03
N GLU A 223 -1.66 38.28 -28.67
CA GLU A 223 -1.54 39.67 -28.17
C GLU A 223 -2.92 40.31 -28.08
N GLY A 224 -3.71 40.17 -29.14
CA GLY A 224 -5.11 40.67 -29.14
C GLY A 224 -6.02 40.00 -28.10
N TRP A 225 -5.75 38.74 -27.81
CA TRP A 225 -6.52 38.00 -26.81
C TRP A 225 -6.35 38.60 -25.40
N ASP A 226 -5.09 38.81 -25.01
CA ASP A 226 -4.74 39.36 -23.71
C ASP A 226 -5.24 40.79 -23.58
N GLN A 227 -5.19 41.53 -24.70
CA GLN A 227 -5.70 42.92 -24.75
C GLN A 227 -7.21 43.00 -24.46
N ARG A 228 -7.98 42.23 -25.24
CA ARG A 228 -9.40 42.09 -25.09
C ARG A 228 -9.86 41.56 -23.74
N ALA A 229 -9.18 40.53 -23.24
CA ALA A 229 -9.53 39.95 -21.94
C ALA A 229 -9.50 41.01 -20.81
N PRO A 230 -10.62 41.26 -20.16
CA PRO A 230 -10.61 42.25 -19.09
C PRO A 230 -9.71 41.92 -17.93
N ILE A 231 -9.51 40.65 -17.66
CA ILE A 231 -8.53 40.25 -16.60
C ILE A 231 -7.21 39.76 -17.19
N GLY A 232 -6.94 40.09 -18.43
CA GLY A 232 -5.75 39.61 -19.09
C GLY A 232 -5.73 38.12 -19.39
N TRP A 233 -4.75 37.71 -20.19
CA TRP A 233 -4.63 36.31 -20.58
C TRP A 233 -3.19 35.89 -20.77
N ASN A 234 -2.82 34.86 -20.03
CA ASN A 234 -1.45 34.28 -20.07
C ASN A 234 -1.39 32.97 -20.79
N MET A 235 -0.88 33.02 -22.01
CA MET A 235 -0.85 31.85 -22.90
C MET A 235 0.08 30.77 -22.31
N LYS A 236 1.02 31.19 -21.47
CA LYS A 236 1.97 30.25 -20.85
C LYS A 236 1.37 29.50 -19.64
N ASP A 237 0.20 29.91 -19.17
CA ASP A 237 -0.37 29.33 -17.94
C ASP A 237 -1.62 28.58 -18.25
N ALA A 238 -1.57 27.25 -18.08
CA ALA A 238 -2.75 26.36 -18.30
C ALA A 238 -3.57 26.13 -17.05
N THR A 239 -3.06 26.59 -15.93
CA THR A 239 -3.67 26.36 -14.61
C THR A 239 -5.13 26.90 -14.47
N PRO A 240 -5.38 28.15 -14.89
CA PRO A 240 -6.73 28.67 -14.78
C PRO A 240 -7.74 27.85 -15.55
N VAL A 241 -7.35 27.33 -16.70
CA VAL A 241 -8.31 26.47 -17.47
C VAL A 241 -8.49 25.10 -16.78
N ALA A 242 -7.43 24.56 -16.20
CA ALA A 242 -7.54 23.27 -15.47
C ALA A 242 -8.48 23.38 -14.30
N LYS A 243 -8.44 24.52 -13.63
CA LYS A 243 -9.30 24.76 -12.46
C LYS A 243 -10.73 24.85 -12.88
N THR A 244 -10.95 25.46 -14.01
CA THR A 244 -12.29 25.59 -14.60
C THR A 244 -12.89 24.21 -14.90
N VAL A 245 -12.05 23.32 -15.44
CA VAL A 245 -12.47 21.96 -15.67
C VAL A 245 -12.79 21.31 -14.33
N CYS A 246 -11.89 21.45 -13.36
CA CYS A 246 -12.14 20.83 -12.05
C CYS A 246 -13.44 21.34 -11.46
N ALA A 247 -13.72 22.62 -11.69
CA ALA A 247 -14.97 23.21 -11.22
C ALA A 247 -16.20 22.49 -11.81
N LEU A 248 -16.16 22.25 -13.10
CA LEU A 248 -17.25 21.53 -13.77
C LEU A 248 -17.32 20.07 -13.32
N LEU A 249 -16.17 19.51 -12.96
CA LEU A 249 -16.13 18.14 -12.44
C LEU A 249 -16.67 18.04 -11.04
N SER A 250 -16.70 19.17 -10.34
CA SER A 250 -17.11 19.21 -8.95
C SER A 250 -18.62 19.23 -8.81
N ASP A 251 -19.08 19.36 -7.57
CA ASP A 251 -20.51 19.40 -7.28
C ASP A 251 -21.09 20.83 -7.33
N TRP A 252 -20.25 21.82 -7.64
CA TRP A 252 -20.60 23.24 -7.48
C TRP A 252 -21.20 23.92 -8.72
N LEU A 253 -21.31 23.19 -9.81
CA LEU A 253 -22.10 23.63 -10.95
C LEU A 253 -23.09 22.54 -11.37
N PRO A 254 -24.10 22.25 -10.49
CA PRO A 254 -24.97 21.05 -10.62
C PRO A 254 -26.15 21.19 -11.56
N ALA A 255 -26.41 22.39 -12.02
CA ALA A 255 -27.55 22.66 -12.87
C ALA A 255 -27.14 23.03 -14.31
N THR A 256 -25.84 22.87 -14.63
CA THR A 256 -25.30 23.26 -15.92
C THR A 256 -24.96 22.03 -16.75
N THR A 257 -25.45 22.01 -17.99
CA THR A 257 -25.26 20.89 -18.88
C THR A 257 -25.62 21.25 -20.32
N GLY A 258 -25.06 20.50 -21.26
CA GLY A 258 -25.20 20.81 -22.72
C GLY A 258 -24.58 22.16 -23.08
N ASP A 259 -23.73 22.65 -22.16
CA ASP A 259 -23.34 24.04 -22.14
C ASP A 259 -21.86 24.24 -22.37
N ILE A 260 -21.51 25.50 -22.59
CA ILE A 260 -20.13 25.95 -22.75
C ILE A 260 -19.75 27.01 -21.72
N ILE A 261 -18.71 26.71 -20.95
CA ILE A 261 -18.08 27.64 -20.02
C ILE A 261 -16.76 28.13 -20.59
N TYR A 262 -16.55 29.44 -20.54
CA TYR A 262 -15.44 30.05 -21.20
C TYR A 262 -14.34 30.37 -20.20
N ALA A 263 -13.23 29.66 -20.30
CA ALA A 263 -12.05 30.00 -19.52
C ALA A 263 -11.03 30.72 -20.43
N ASP A 264 -11.36 31.97 -20.79
CA ASP A 264 -10.60 32.71 -21.79
C ASP A 264 -10.28 34.13 -21.38
N GLY A 265 -10.35 34.41 -20.10
CA GLY A 265 -10.11 35.76 -19.58
C GLY A 265 -11.19 36.79 -19.87
N GLY A 266 -12.34 36.31 -20.33
CA GLY A 266 -13.42 37.18 -20.82
C GLY A 266 -13.24 37.73 -22.23
N ALA A 267 -12.22 37.30 -22.95
CA ALA A 267 -11.92 37.86 -24.29
C ALA A 267 -13.09 37.77 -25.28
N HIS A 268 -13.75 36.62 -25.32
CA HIS A 268 -14.88 36.45 -26.22
C HIS A 268 -16.06 37.40 -25.96
N THR A 269 -16.11 38.05 -24.80
CA THR A 269 -17.17 39.03 -24.49
C THR A 269 -16.84 40.45 -24.95
N GLN A 270 -15.66 40.64 -25.53
CA GLN A 270 -15.21 41.98 -25.89
C GLN A 270 -14.85 42.04 -27.37
N LEU A 271 -15.37 43.03 -28.06
CA LEU A 271 -15.05 43.24 -29.48
C LEU A 271 -13.60 43.74 -29.61
N LEU A 272 -13.26 44.80 -28.91
CA LEU A 272 -11.86 45.14 -28.73
C LEU A 272 -11.57 45.85 -27.41
N GLY B 6 -13.96 24.40 3.39
CA GLY B 6 -14.92 25.38 2.84
C GLY B 6 -14.44 26.01 1.54
N LEU B 7 -15.37 26.14 0.60
CA LEU B 7 -15.08 26.64 -0.74
C LEU B 7 -14.76 28.13 -0.73
N LEU B 8 -15.37 28.86 0.20
CA LEU B 8 -15.23 30.31 0.29
C LEU B 8 -14.55 30.73 1.62
N ASP B 9 -13.68 29.84 2.10
CA ASP B 9 -13.01 30.01 3.35
C ASP B 9 -12.21 31.31 3.44
N GLY B 10 -12.51 32.07 4.47
CA GLY B 10 -11.82 33.32 4.73
C GLY B 10 -12.09 34.39 3.69
N LYS B 11 -13.19 34.26 2.95
CA LYS B 11 -13.57 35.29 1.97
C LYS B 11 -14.58 36.24 2.60
N ARG B 12 -14.49 37.51 2.25
CA ARG B 12 -15.46 38.49 2.68
C ARG B 12 -16.39 38.80 1.53
N ILE B 13 -17.67 38.49 1.71
CA ILE B 13 -18.65 38.62 0.61
C ILE B 13 -19.91 39.43 0.95
N LEU B 14 -20.15 40.44 0.13
CA LEU B 14 -21.34 41.27 0.26
C LEU B 14 -22.49 40.61 -0.51
N VAL B 15 -23.61 40.38 0.16
CA VAL B 15 -24.82 39.81 -0.48
C VAL B 15 -26.02 40.71 -0.38
N SER B 16 -26.48 41.22 -1.53
CA SER B 16 -27.70 42.04 -1.58
C SER B 16 -28.91 41.18 -1.91
N GLY B 17 -30.08 41.77 -1.73
CA GLY B 17 -31.32 41.21 -2.26
C GLY B 17 -32.09 40.23 -1.43
N ILE B 18 -31.75 40.09 -0.17
CA ILE B 18 -32.60 39.27 0.73
C ILE B 18 -33.84 40.05 1.16
N ILE B 19 -35.01 39.47 0.89
CA ILE B 19 -36.30 40.01 1.37
C ILE B 19 -37.16 38.94 2.10
N THR B 20 -37.20 37.71 1.59
CA THR B 20 -37.79 36.58 2.36
C THR B 20 -36.81 35.44 2.39
N ASP B 21 -37.17 34.38 3.12
CA ASP B 21 -36.37 33.14 3.16
C ASP B 21 -36.52 32.26 1.91
N SER B 22 -37.40 32.65 1.01
CA SER B 22 -37.49 32.04 -0.33
C SER B 22 -36.73 32.85 -1.40
N SER B 23 -36.10 33.96 -0.98
CA SER B 23 -35.30 34.78 -1.88
C SER B 23 -34.10 33.95 -2.34
N ILE B 24 -33.71 34.10 -3.61
CA ILE B 24 -32.50 33.41 -4.14
C ILE B 24 -31.31 33.87 -3.32
N ALA B 25 -31.28 35.17 -3.01
CA ALA B 25 -30.23 35.78 -2.19
C ALA B 25 -30.08 35.15 -0.81
N PHE B 26 -31.20 34.73 -0.24
CA PHE B 26 -31.15 34.11 1.09
C PHE B 26 -30.34 32.83 1.03
N HIS B 27 -30.63 32.00 0.01
CA HIS B 27 -29.97 30.72 -0.15
C HIS B 27 -28.49 30.88 -0.54
N ILE B 28 -28.21 31.82 -1.42
CA ILE B 28 -26.84 32.16 -1.75
C ILE B 28 -26.06 32.43 -0.44
N ALA B 29 -26.59 33.31 0.39
CA ALA B 29 -25.92 33.69 1.66
C ALA B 29 -25.71 32.48 2.57
N ARG B 30 -26.76 31.66 2.68
CA ARG B 30 -26.71 30.45 3.48
CA ARG B 30 -26.71 30.45 3.48
C ARG B 30 -25.59 29.53 3.02
N VAL B 31 -25.58 29.22 1.73
CA VAL B 31 -24.60 28.28 1.18
C VAL B 31 -23.20 28.85 1.31
N ALA B 32 -23.08 30.14 1.07
CA ALA B 32 -21.79 30.82 1.20
C ALA B 32 -21.26 30.68 2.61
N GLN B 33 -22.13 30.93 3.58
CA GLN B 33 -21.77 30.82 4.99
C GLN B 33 -21.43 29.40 5.38
N GLU B 34 -22.27 28.46 4.95
CA GLU B 34 -21.98 27.00 5.09
C GLU B 34 -20.56 26.66 4.59
N GLN B 35 -20.09 27.42 3.59
CA GLN B 35 -18.79 27.21 2.93
C GLN B 35 -17.67 28.09 3.45
N GLY B 36 -17.92 28.79 4.56
CA GLY B 36 -16.85 29.51 5.31
C GLY B 36 -16.71 30.98 5.01
N ALA B 37 -17.58 31.50 4.16
CA ALA B 37 -17.56 32.89 3.83
C ALA B 37 -17.96 33.70 5.04
N GLN B 38 -17.37 34.88 5.17
CA GLN B 38 -17.80 35.88 6.16
C GLN B 38 -18.57 36.96 5.41
N LEU B 39 -19.84 37.16 5.77
CA LEU B 39 -20.76 38.00 4.97
C LEU B 39 -21.01 39.40 5.52
N VAL B 40 -21.29 40.32 4.59
CA VAL B 40 -21.95 41.60 4.84
C VAL B 40 -23.23 41.61 4.00
N LEU B 41 -24.38 41.88 4.64
CA LEU B 41 -25.66 41.82 3.92
C LEU B 41 -26.14 43.21 3.67
N THR B 42 -26.87 43.40 2.57
CA THR B 42 -27.61 44.69 2.36
C THR B 42 -29.12 44.47 2.16
N GLY B 43 -29.91 45.44 2.58
CA GLY B 43 -31.36 45.37 2.46
C GLY B 43 -32.03 46.67 2.01
N PHE B 44 -33.21 46.52 1.41
CA PHE B 44 -34.00 47.65 0.91
C PHE B 44 -35.36 47.79 1.61
N ASP B 45 -35.62 49.02 2.12
CA ASP B 45 -36.98 49.43 2.60
C ASP B 45 -37.38 48.70 3.90
N ARG B 46 -37.83 47.45 3.77
CA ARG B 46 -38.37 46.67 4.89
C ARG B 46 -37.24 46.08 5.81
N LEU B 47 -36.46 46.98 6.44
CA LEU B 47 -35.22 46.58 7.17
C LEU B 47 -35.47 45.77 8.43
N ARG B 48 -36.57 46.06 9.12
CA ARG B 48 -36.95 45.31 10.35
C ARG B 48 -37.28 43.85 9.98
N LEU B 49 -38.11 43.67 8.94
CA LEU B 49 -38.45 42.34 8.43
C LEU B 49 -37.21 41.58 8.00
N ILE B 50 -36.40 42.22 7.17
CA ILE B 50 -35.15 41.61 6.65
C ILE B 50 -34.22 41.14 7.78
N GLN B 51 -34.03 41.98 8.80
CA GLN B 51 -33.22 41.63 10.00
C GLN B 51 -33.74 40.35 10.67
N ARG B 52 -35.05 40.24 10.77
CA ARG B 52 -35.70 39.03 11.29
C ARG B 52 -35.41 37.79 10.41
N ILE B 53 -35.54 37.96 9.08
CA ILE B 53 -35.28 36.87 8.07
C ILE B 53 -33.82 36.40 8.17
N THR B 54 -32.89 37.36 8.27
CA THR B 54 -31.44 37.08 8.26
C THR B 54 -30.93 36.48 9.57
N ASP B 55 -31.71 36.60 10.65
CA ASP B 55 -31.39 35.90 11.92
C ASP B 55 -31.51 34.41 11.75
N ARG B 56 -32.32 33.98 10.77
CA ARG B 56 -32.49 32.57 10.44
C ARG B 56 -31.28 31.98 9.62
N LEU B 57 -30.35 32.83 9.18
CA LEU B 57 -29.10 32.36 8.53
C LEU B 57 -28.20 31.63 9.52
N PRO B 58 -27.38 30.70 9.02
CA PRO B 58 -26.50 29.90 9.88
C PRO B 58 -25.62 30.72 10.81
N ALA B 59 -25.18 31.89 10.34
CA ALA B 59 -24.28 32.77 11.11
C ALA B 59 -24.76 34.22 11.16
N LYS B 60 -24.34 34.93 12.21
CA LYS B 60 -24.64 36.36 12.38
C LYS B 60 -23.84 37.15 11.37
N ALA B 61 -24.43 38.22 10.85
CA ALA B 61 -23.76 39.04 9.84
C ALA B 61 -24.35 40.44 9.82
N PRO B 62 -23.50 41.46 9.71
CA PRO B 62 -24.00 42.83 9.72
C PRO B 62 -24.95 43.16 8.56
N LEU B 63 -26.05 43.82 8.88
CA LEU B 63 -27.05 44.18 7.89
C LEU B 63 -27.02 45.68 7.69
N LEU B 64 -26.83 46.08 6.44
CA LEU B 64 -26.71 47.47 6.07
C LEU B 64 -27.83 47.82 5.14
N GLU B 65 -28.20 49.09 5.14
CA GLU B 65 -29.27 49.57 4.27
C GLU B 65 -28.77 50.00 2.89
N LEU B 66 -29.51 49.59 1.85
CA LEU B 66 -29.18 49.97 0.46
C LEU B 66 -30.42 49.93 -0.44
N ASP B 67 -30.95 51.13 -0.68
CA ASP B 67 -31.84 51.40 -1.79
C ASP B 67 -30.95 51.82 -2.98
N VAL B 68 -30.86 50.95 -4.00
CA VAL B 68 -29.94 51.23 -5.15
C VAL B 68 -30.32 52.49 -5.95
N GLN B 69 -31.54 52.97 -5.79
CA GLN B 69 -31.97 54.25 -6.39
C GLN B 69 -31.50 55.52 -5.63
N ASN B 70 -30.95 55.33 -4.44
CA ASN B 70 -30.48 56.42 -3.61
C ASN B 70 -29.01 56.70 -3.84
N GLU B 71 -28.74 57.83 -4.49
CA GLU B 71 -27.34 58.23 -4.78
C GLU B 71 -26.52 58.44 -3.48
N GLU B 72 -27.17 58.84 -2.40
CA GLU B 72 -26.50 59.03 -1.08
C GLU B 72 -26.11 57.67 -0.43
N HIS B 73 -27.00 56.69 -0.52
CA HIS B 73 -26.71 55.32 -0.04
C HIS B 73 -25.52 54.68 -0.74
N LEU B 74 -25.43 54.94 -2.04
CA LEU B 74 -24.37 54.41 -2.85
C LEU B 74 -23.06 55.12 -2.56
N ALA B 75 -23.11 56.45 -2.47
CA ALA B 75 -21.90 57.25 -2.20
C ALA B 75 -21.29 56.90 -0.85
N SER B 76 -22.15 56.50 0.10
CA SER B 76 -21.70 56.15 1.47
C SER B 76 -21.44 54.66 1.69
N LEU B 77 -21.82 53.82 0.71
CA LEU B 77 -21.82 52.37 0.89
C LEU B 77 -20.43 51.80 1.18
N ALA B 78 -19.44 52.20 0.42
CA ALA B 78 -18.06 51.73 0.63
C ALA B 78 -17.60 52.00 2.05
N GLY B 79 -17.77 53.25 2.51
CA GLY B 79 -17.38 53.64 3.86
C GLY B 79 -18.12 52.84 4.92
N ARG B 80 -19.42 52.66 4.70
CA ARG B 80 -20.27 51.89 5.64
C ARG B 80 -19.91 50.42 5.71
N VAL B 81 -19.48 49.85 4.58
CA VAL B 81 -19.02 48.45 4.54
C VAL B 81 -17.71 48.31 5.29
N THR B 82 -16.77 49.21 5.03
CA THR B 82 -15.45 49.18 5.65
C THR B 82 -15.54 49.17 7.19
N GLU B 83 -16.37 50.07 7.72
CA GLU B 83 -16.74 50.07 9.15
C GLU B 83 -17.20 48.71 9.66
N ALA B 84 -18.06 48.03 8.89
CA ALA B 84 -18.62 46.72 9.30
C ALA B 84 -17.60 45.57 9.26
N ILE B 85 -16.71 45.58 8.29
CA ILE B 85 -15.66 44.51 8.14
C ILE B 85 -14.30 44.92 8.73
N GLY B 86 -14.19 46.17 9.16
CA GLY B 86 -12.98 46.66 9.79
C GLY B 86 -12.04 47.30 8.79
N ALA B 87 -11.43 48.41 9.19
CA ALA B 87 -10.49 49.13 8.33
C ALA B 87 -9.26 48.29 8.00
N GLY B 88 -8.72 48.50 6.79
CA GLY B 88 -7.57 47.72 6.30
C GLY B 88 -8.03 46.42 5.67
N ASN B 89 -9.34 46.19 5.69
CA ASN B 89 -9.92 44.98 5.10
C ASN B 89 -10.68 45.32 3.87
N LYS B 90 -10.72 44.33 2.96
CA LYS B 90 -11.45 44.49 1.71
C LYS B 90 -12.33 43.32 1.40
N LEU B 91 -13.26 43.56 0.47
CA LEU B 91 -14.22 42.54 0.01
C LEU B 91 -13.61 41.65 -1.06
N ASP B 92 -13.86 40.34 -0.96
CA ASP B 92 -13.51 39.37 -2.02
C ASP B 92 -14.66 39.07 -2.98
N GLY B 93 -15.86 39.43 -2.57
CA GLY B 93 -17.04 39.12 -3.33
C GLY B 93 -18.19 40.08 -3.15
N VAL B 94 -18.98 40.23 -4.19
CA VAL B 94 -20.18 41.09 -4.18
C VAL B 94 -21.24 40.32 -4.95
N VAL B 95 -22.42 40.18 -4.37
CA VAL B 95 -23.54 39.52 -5.01
C VAL B 95 -24.71 40.51 -5.21
N HIS B 96 -25.08 40.71 -6.47
CA HIS B 96 -26.24 41.52 -6.89
C HIS B 96 -27.39 40.56 -7.15
N SER B 97 -28.37 40.56 -6.26
CA SER B 97 -29.52 39.72 -6.44
C SER B 97 -30.75 40.58 -6.30
N ILE B 98 -30.87 41.53 -7.21
CA ILE B 98 -31.86 42.57 -7.13
C ILE B 98 -32.56 42.71 -8.45
N GLY B 99 -33.87 42.83 -8.40
CA GLY B 99 -34.67 42.97 -9.61
C GLY B 99 -36.05 43.53 -9.27
N PHE B 100 -36.58 44.31 -10.18
CA PHE B 100 -37.88 44.92 -9.98
C PHE B 100 -38.43 45.42 -11.27
N MET B 101 -39.68 45.12 -11.54
CA MET B 101 -40.39 45.72 -12.63
C MET B 101 -41.87 45.95 -12.24
N PRO B 102 -42.34 47.21 -12.33
CA PRO B 102 -43.72 47.39 -12.02
C PRO B 102 -44.61 46.45 -12.81
N GLN B 103 -45.71 46.02 -12.20
CA GLN B 103 -46.63 45.09 -12.80
C GLN B 103 -47.14 45.59 -14.15
N THR B 104 -47.01 46.90 -14.36
CA THR B 104 -47.39 47.52 -15.62
C THR B 104 -46.50 47.09 -16.82
N GLY B 105 -45.28 46.69 -16.52
CA GLY B 105 -44.32 46.27 -17.56
C GLY B 105 -44.02 44.78 -17.56
N MET B 106 -44.68 44.05 -16.68
CA MET B 106 -44.39 42.59 -16.52
C MET B 106 -45.61 41.94 -15.88
N GLY B 107 -46.11 40.87 -16.50
CA GLY B 107 -47.35 40.25 -16.11
C GLY B 107 -48.48 40.26 -17.15
N ILE B 108 -49.64 40.75 -16.72
CA ILE B 108 -50.84 40.65 -17.55
C ILE B 108 -51.00 41.81 -18.49
N ASN B 109 -50.33 42.92 -18.20
CA ASN B 109 -50.54 44.15 -18.94
C ASN B 109 -49.90 44.03 -20.32
N PRO B 110 -50.62 44.45 -21.38
CA PRO B 110 -49.97 44.38 -22.69
C PRO B 110 -48.59 45.06 -22.72
N PHE B 111 -47.71 44.51 -23.56
CA PHE B 111 -46.37 45.08 -23.78
C PHE B 111 -46.35 46.61 -24.06
N PHE B 112 -47.24 47.04 -24.94
CA PHE B 112 -47.33 48.43 -25.38
C PHE B 112 -47.91 49.39 -24.36
N ASP B 113 -48.61 48.89 -23.34
CA ASP B 113 -49.26 49.77 -22.36
C ASP B 113 -48.41 50.08 -21.15
N ALA B 114 -47.16 49.63 -21.16
CA ALA B 114 -46.21 49.98 -20.09
C ALA B 114 -45.68 51.41 -20.31
N PRO B 115 -45.95 52.34 -19.36
CA PRO B 115 -45.47 53.72 -19.54
C PRO B 115 -43.99 53.81 -19.17
N TYR B 116 -43.25 54.61 -19.92
CA TYR B 116 -41.80 54.56 -19.84
C TYR B 116 -41.27 54.79 -18.41
N ALA B 117 -41.93 55.68 -17.64
CA ALA B 117 -41.58 55.94 -16.24
C ALA B 117 -41.47 54.66 -15.40
N ASP B 118 -42.38 53.73 -15.61
CA ASP B 118 -42.36 52.44 -14.90
C ASP B 118 -41.21 51.57 -15.47
N VAL B 119 -41.10 51.56 -16.79
CA VAL B 119 -40.04 50.82 -17.44
C VAL B 119 -38.66 51.31 -16.96
N SER B 120 -38.48 52.62 -16.97
CA SER B 120 -37.21 53.27 -16.56
C SER B 120 -36.85 52.93 -15.15
N LYS B 121 -37.84 52.94 -14.27
CA LYS B 121 -37.60 52.56 -12.86
C LYS B 121 -37.16 51.10 -12.72
N GLY B 122 -37.73 50.21 -13.53
CA GLY B 122 -37.29 48.81 -13.55
C GLY B 122 -35.89 48.58 -14.08
N ILE B 123 -35.54 49.27 -15.14
CA ILE B 123 -34.17 49.16 -15.69
C ILE B 123 -33.14 49.73 -14.70
N HIS B 124 -33.52 50.81 -14.05
CA HIS B 124 -32.67 51.48 -13.06
C HIS B 124 -32.31 50.49 -11.99
N ILE B 125 -33.30 49.81 -11.48
CA ILE B 125 -33.09 48.91 -10.34
C ILE B 125 -32.44 47.60 -10.80
N SER B 126 -32.90 47.10 -11.94
CA SER B 126 -32.57 45.75 -12.42
C SER B 126 -31.27 45.63 -13.24
N ALA B 127 -30.88 46.69 -13.96
CA ALA B 127 -29.67 46.70 -14.79
C ALA B 127 -28.62 47.76 -14.37
N TYR B 128 -29.00 49.02 -14.41
CA TYR B 128 -28.06 50.14 -14.04
C TYR B 128 -27.43 49.97 -12.67
N SER B 129 -28.25 49.58 -11.71
CA SER B 129 -27.79 49.37 -10.34
C SER B 129 -26.64 48.36 -10.26
N TYR B 130 -26.53 47.46 -11.23
CA TYR B 130 -25.38 46.53 -11.29
C TYR B 130 -24.06 47.29 -11.50
N ALA B 131 -24.11 48.25 -12.40
CA ALA B 131 -22.99 49.15 -12.64
C ALA B 131 -22.68 50.06 -11.45
N SER B 132 -23.70 50.66 -10.85
CA SER B 132 -23.49 51.58 -9.74
C SER B 132 -22.99 50.85 -8.46
N MET B 133 -23.50 49.65 -8.18
CA MET B 133 -22.94 48.82 -7.10
C MET B 133 -21.46 48.53 -7.33
N ALA B 134 -21.11 48.21 -8.57
CA ALA B 134 -19.71 47.91 -8.92
C ALA B 134 -18.82 49.13 -8.70
N LYS B 135 -19.30 50.27 -9.16
CA LYS B 135 -18.62 51.58 -8.92
C LYS B 135 -18.37 51.86 -7.43
N ALA B 136 -19.38 51.63 -6.63
CA ALA B 136 -19.30 51.88 -5.19
C ALA B 136 -18.31 50.97 -4.49
N LEU B 137 -18.26 49.72 -4.92
CA LEU B 137 -17.55 48.68 -4.18
C LEU B 137 -16.17 48.23 -4.73
N LEU B 138 -15.91 48.45 -6.02
CA LEU B 138 -14.63 48.06 -6.58
C LEU B 138 -13.41 48.64 -5.84
N PRO B 139 -13.45 49.96 -5.51
CA PRO B 139 -12.35 50.54 -4.72
C PRO B 139 -12.02 49.80 -3.43
N ILE B 140 -13.00 49.09 -2.87
CA ILE B 140 -12.76 48.27 -1.65
C ILE B 140 -12.80 46.74 -1.90
N MET B 141 -12.41 46.32 -3.11
CA MET B 141 -12.34 44.87 -3.44
C MET B 141 -10.92 44.40 -3.64
N ASN B 142 -10.66 43.17 -3.20
CA ASN B 142 -9.33 42.55 -3.37
C ASN B 142 -9.14 42.00 -4.77
N PRO B 143 -7.88 41.89 -5.22
CA PRO B 143 -7.69 41.18 -6.46
C PRO B 143 -8.03 39.73 -6.31
N GLY B 144 -8.47 39.12 -7.38
CA GLY B 144 -8.92 37.70 -7.37
C GLY B 144 -10.40 37.63 -7.07
N GLY B 145 -10.99 38.77 -6.76
CA GLY B 145 -12.35 38.84 -6.28
C GLY B 145 -13.35 38.77 -7.41
N SER B 146 -14.61 38.69 -7.03
CA SER B 146 -15.66 38.33 -7.95
C SER B 146 -16.96 39.08 -7.69
N ILE B 147 -17.56 39.54 -8.78
CA ILE B 147 -18.85 40.18 -8.70
C ILE B 147 -19.85 39.32 -9.46
N VAL B 148 -20.99 39.07 -8.84
CA VAL B 148 -22.00 38.22 -9.42
C VAL B 148 -23.41 38.79 -9.34
N GLY B 149 -24.09 38.77 -10.48
CA GLY B 149 -25.44 39.24 -10.59
C GLY B 149 -26.37 38.14 -11.11
N MET B 150 -27.68 38.27 -10.83
CA MET B 150 -28.66 37.29 -11.25
C MET B 150 -29.38 37.70 -12.56
N ASP B 151 -29.39 36.77 -13.50
CA ASP B 151 -29.91 36.93 -14.85
C ASP B 151 -31.04 35.86 -15.13
N PHE B 152 -31.87 36.15 -16.11
CA PHE B 152 -32.88 35.22 -16.60
C PHE B 152 -32.87 35.38 -18.12
N ASP B 153 -32.59 34.29 -18.81
CA ASP B 153 -32.14 34.34 -20.18
C ASP B 153 -33.10 35.13 -21.05
N PRO B 154 -32.65 36.31 -21.57
CA PRO B 154 -33.54 37.19 -22.30
C PRO B 154 -33.32 37.16 -23.82
N SER B 155 -32.56 36.19 -24.30
CA SER B 155 -32.17 36.15 -25.70
C SER B 155 -33.31 35.83 -26.63
N ARG B 156 -34.42 35.33 -26.07
CA ARG B 156 -35.63 35.04 -26.85
C ARG B 156 -36.81 35.64 -26.12
N ALA B 157 -37.77 36.16 -26.87
CA ALA B 157 -38.90 36.75 -26.24
C ALA B 157 -39.77 35.64 -25.62
N MET B 158 -40.51 35.99 -24.58
CA MET B 158 -41.49 35.09 -23.97
C MET B 158 -42.72 35.85 -23.47
N PRO B 159 -43.86 35.16 -23.31
CA PRO B 159 -45.02 35.86 -22.79
C PRO B 159 -44.83 36.35 -21.39
N ALA B 160 -45.48 37.46 -21.07
CA ALA B 160 -45.60 37.99 -19.70
C ALA B 160 -44.38 38.78 -19.20
N TYR B 161 -43.23 38.13 -19.24
CA TYR B 161 -41.99 38.69 -18.64
C TYR B 161 -41.68 40.06 -19.23
N ASN B 162 -42.06 40.23 -20.49
CA ASN B 162 -42.18 41.53 -21.14
C ASN B 162 -41.00 42.43 -20.89
N TRP B 163 -41.22 43.59 -20.27
CA TRP B 163 -40.13 44.60 -20.07
C TRP B 163 -39.03 44.16 -19.08
N MET B 164 -39.34 43.23 -18.21
CA MET B 164 -38.30 42.68 -17.35
C MET B 164 -37.27 41.89 -18.24
N THR B 165 -37.72 41.28 -19.31
CA THR B 165 -36.84 40.67 -20.27
C THR B 165 -35.92 41.71 -20.85
N VAL B 166 -36.49 42.84 -21.24
CA VAL B 166 -35.72 43.93 -21.79
C VAL B 166 -34.64 44.37 -20.78
N ALA B 167 -35.03 44.44 -19.51
CA ALA B 167 -34.09 44.83 -18.46
C ALA B 167 -32.95 43.87 -18.32
N LYS B 168 -33.25 42.57 -18.47
CA LYS B 168 -32.22 41.54 -18.41
C LYS B 168 -31.29 41.63 -19.60
N SER B 169 -31.83 41.95 -20.77
CA SER B 169 -30.99 42.14 -21.93
C SER B 169 -30.07 43.25 -21.67
N ALA B 170 -30.58 44.31 -21.04
CA ALA B 170 -29.76 45.45 -20.71
C ALA B 170 -28.69 45.05 -19.70
N LEU B 171 -29.07 44.26 -18.71
CA LEU B 171 -28.17 43.90 -17.61
C LEU B 171 -27.00 43.11 -18.10
N GLU B 172 -27.27 42.23 -19.06
CA GLU B 172 -26.23 41.42 -19.70
C GLU B 172 -25.21 42.32 -20.37
N SER B 173 -25.70 43.27 -21.14
CA SER B 173 -24.79 44.27 -21.79
C SER B 173 -23.96 45.00 -20.71
N VAL B 174 -24.66 45.50 -19.70
CA VAL B 174 -24.01 46.19 -18.57
C VAL B 174 -22.90 45.37 -17.93
N ASN B 175 -23.16 44.09 -17.70
CA ASN B 175 -22.15 43.16 -17.11
C ASN B 175 -20.82 43.07 -17.92
N ARG B 176 -20.92 43.18 -19.24
CA ARG B 176 -19.72 43.14 -20.11
C ARG B 176 -18.85 44.39 -19.95
N PHE B 177 -19.48 45.55 -19.74
CA PHE B 177 -18.75 46.79 -19.50
C PHE B 177 -18.23 46.87 -18.10
N VAL B 178 -19.01 46.38 -17.15
CA VAL B 178 -18.55 46.34 -15.77
C VAL B 178 -17.28 45.48 -15.69
N ALA B 179 -17.24 44.38 -16.46
CA ALA B 179 -16.05 43.50 -16.47
C ALA B 179 -14.79 44.24 -16.91
N ARG B 180 -14.93 45.09 -17.90
CA ARG B 180 -13.82 45.94 -18.35
C ARG B 180 -13.29 46.78 -17.19
N GLU B 181 -14.21 47.44 -16.47
CA GLU B 181 -13.80 48.27 -15.32
C GLU B 181 -13.24 47.41 -14.18
N ALA B 182 -13.91 46.28 -13.93
CA ALA B 182 -13.54 45.39 -12.84
C ALA B 182 -12.17 44.69 -13.03
N GLY B 183 -11.79 44.47 -14.30
CA GLY B 183 -10.53 43.83 -14.62
C GLY B 183 -9.33 44.63 -14.17
N LYS B 184 -9.46 45.96 -14.21
CA LYS B 184 -8.39 46.87 -13.72
C LYS B 184 -8.03 46.60 -12.27
N TYR B 185 -8.97 46.11 -11.49
CA TYR B 185 -8.77 45.77 -10.06
C TYR B 185 -8.40 44.30 -9.81
N GLY B 186 -8.23 43.52 -10.89
CA GLY B 186 -8.07 42.03 -10.77
C GLY B 186 -9.37 41.31 -10.35
N VAL B 187 -10.51 41.91 -10.68
CA VAL B 187 -11.82 41.45 -10.23
C VAL B 187 -12.70 41.01 -11.41
N ARG B 188 -13.31 39.83 -11.26
CA ARG B 188 -14.16 39.24 -12.28
CA ARG B 188 -14.16 39.24 -12.28
C ARG B 188 -15.62 39.70 -12.11
N SER B 189 -16.37 39.68 -13.20
CA SER B 189 -17.78 40.11 -13.20
C SER B 189 -18.56 39.18 -14.05
N ASN B 190 -19.61 38.58 -13.48
CA ASN B 190 -20.41 37.57 -14.24
C ASN B 190 -21.84 37.49 -13.76
N LEU B 191 -22.68 36.97 -14.63
CA LEU B 191 -24.09 36.76 -14.31
C LEU B 191 -24.37 35.28 -14.26
N VAL B 192 -25.26 34.91 -13.34
CA VAL B 192 -25.82 33.57 -13.32
C VAL B 192 -27.25 33.61 -13.86
N ALA B 193 -27.44 32.96 -15.00
CA ALA B 193 -28.74 32.93 -15.65
C ALA B 193 -29.46 31.75 -15.12
N ALA B 194 -30.31 31.99 -14.15
CA ALA B 194 -31.04 30.91 -13.46
C ALA B 194 -32.33 30.52 -14.17
N GLY B 195 -32.69 29.25 -14.01
CA GLY B 195 -34.02 28.75 -14.38
C GLY B 195 -35.07 29.31 -13.41
N PRO B 196 -36.38 29.13 -13.72
CA PRO B 196 -37.48 29.68 -12.93
C PRO B 196 -37.54 29.09 -11.54
N ILE B 197 -37.60 29.96 -10.54
CA ILE B 197 -37.56 29.59 -9.14
C ILE B 197 -38.83 30.10 -8.46
N ARG B 198 -39.52 29.20 -7.76
CA ARG B 198 -40.78 29.53 -7.04
C ARG B 198 -40.51 30.37 -5.82
N THR B 199 -40.32 31.66 -6.02
CA THR B 199 -40.29 32.59 -4.89
C THR B 199 -41.73 32.80 -4.41
N LEU B 200 -41.90 33.47 -3.27
CA LEU B 200 -43.26 33.74 -2.74
C LEU B 200 -44.10 34.47 -3.82
N ALA B 201 -43.47 35.49 -4.43
CA ALA B 201 -44.08 36.25 -5.54
C ALA B 201 -44.57 35.31 -6.65
N MET B 202 -43.65 34.51 -7.19
CA MET B 202 -43.95 33.49 -8.24
C MET B 202 -45.06 32.52 -7.82
N SER B 203 -44.98 32.01 -6.59
CA SER B 203 -46.00 31.08 -6.08
C SER B 203 -47.45 31.67 -6.11
N ALA B 204 -47.57 32.97 -5.85
CA ALA B 204 -48.86 33.67 -5.89
C ALA B 204 -49.44 33.76 -7.30
N ILE B 205 -48.59 34.05 -8.27
CA ILE B 205 -49.00 34.05 -9.69
C ILE B 205 -49.54 32.65 -10.10
N VAL B 206 -48.78 31.60 -9.77
CA VAL B 206 -49.23 30.19 -10.03
C VAL B 206 -50.62 29.94 -9.43
N GLY B 207 -50.81 30.47 -8.22
CA GLY B 207 -52.07 30.39 -7.51
C GLY B 207 -53.16 31.34 -8.00
N GLY B 208 -52.95 32.03 -9.12
CA GLY B 208 -54.03 32.74 -9.80
C GLY B 208 -54.17 34.24 -9.53
N ALA B 209 -53.22 34.82 -8.80
CA ALA B 209 -53.23 36.24 -8.38
C ALA B 209 -53.22 37.20 -9.55
N LEU B 210 -52.55 36.83 -10.63
CA LEU B 210 -52.53 37.67 -11.84
C LEU B 210 -53.62 37.26 -12.85
N GLY B 211 -54.54 36.37 -12.47
CA GLY B 211 -55.55 35.82 -13.40
C GLY B 211 -55.28 34.38 -13.79
N GLU B 212 -56.26 33.75 -14.47
CA GLU B 212 -56.13 32.33 -14.89
C GLU B 212 -55.22 32.12 -16.11
N GLU B 213 -55.22 33.09 -17.05
CA GLU B 213 -54.35 33.04 -18.23
C GLU B 213 -52.87 33.14 -17.80
N ALA B 214 -52.56 34.08 -16.92
CA ALA B 214 -51.20 34.24 -16.38
C ALA B 214 -50.74 33.01 -15.57
N GLY B 215 -51.64 32.46 -14.76
CA GLY B 215 -51.34 31.27 -13.98
C GLY B 215 -51.03 30.11 -14.90
N ALA B 216 -51.80 29.99 -15.98
CA ALA B 216 -51.61 28.96 -16.99
C ALA B 216 -50.30 29.11 -17.77
N GLN B 217 -49.94 30.35 -18.11
CA GLN B 217 -48.70 30.64 -18.86
C GLN B 217 -47.41 30.30 -18.08
N ILE B 218 -47.37 30.71 -16.82
CA ILE B 218 -46.24 30.38 -15.92
C ILE B 218 -46.10 28.87 -15.75
N GLN B 219 -47.25 28.20 -15.70
CA GLN B 219 -47.30 26.73 -15.55
C GLN B 219 -46.78 26.01 -16.82
N LEU B 220 -47.10 26.55 -18.00
CA LEU B 220 -46.55 26.05 -19.27
C LEU B 220 -45.02 26.21 -19.33
N LEU B 221 -44.54 27.39 -18.97
CA LEU B 221 -43.12 27.69 -18.93
C LEU B 221 -42.33 26.73 -18.02
N GLU B 222 -42.79 26.56 -16.78
CA GLU B 222 -42.12 25.67 -15.80
C GLU B 222 -42.10 24.21 -16.25
N GLU B 223 -43.27 23.68 -16.65
CA GLU B 223 -43.38 22.30 -17.13
C GLU B 223 -42.45 22.07 -18.33
N GLY B 224 -42.49 22.97 -19.31
CA GLY B 224 -41.61 22.90 -20.48
C GLY B 224 -40.13 23.03 -20.15
N TRP B 225 -39.83 23.80 -19.11
CA TRP B 225 -38.43 23.97 -18.67
C TRP B 225 -37.83 22.69 -18.16
N ASP B 226 -38.57 22.01 -17.27
CA ASP B 226 -38.11 20.73 -16.69
C ASP B 226 -38.00 19.64 -17.76
N GLN B 227 -38.92 19.67 -18.71
CA GLN B 227 -38.92 18.74 -19.84
C GLN B 227 -37.64 18.88 -20.67
N ARG B 228 -37.42 20.09 -21.14
CA ARG B 228 -36.24 20.47 -21.92
C ARG B 228 -34.91 20.21 -21.22
N ALA B 229 -34.83 20.55 -19.95
CA ALA B 229 -33.61 20.37 -19.18
C ALA B 229 -33.19 18.90 -19.20
N PRO B 230 -32.00 18.60 -19.76
CA PRO B 230 -31.57 17.19 -19.75
C PRO B 230 -31.40 16.55 -18.35
N ILE B 231 -31.05 17.34 -17.35
CA ILE B 231 -31.00 16.81 -15.97
C ILE B 231 -32.23 17.19 -15.15
N GLY B 232 -33.32 17.59 -15.81
CA GLY B 232 -34.50 18.11 -15.11
C GLY B 232 -34.34 19.46 -14.44
N TRP B 233 -35.47 20.00 -13.99
CA TRP B 233 -35.47 21.29 -13.29
C TRP B 233 -36.53 21.39 -12.20
N ASN B 234 -36.07 21.68 -10.99
CA ASN B 234 -36.94 21.84 -9.82
C ASN B 234 -37.11 23.29 -9.41
N MET B 235 -38.28 23.84 -9.75
CA MET B 235 -38.60 25.25 -9.49
C MET B 235 -38.64 25.54 -7.98
N LYS B 236 -38.91 24.51 -7.18
CA LYS B 236 -38.90 24.67 -5.71
C LYS B 236 -37.51 24.72 -5.05
N ASP B 237 -36.46 24.38 -5.77
CA ASP B 237 -35.12 24.25 -5.20
C ASP B 237 -34.18 25.30 -5.72
N ALA B 238 -33.80 26.23 -4.85
CA ALA B 238 -32.91 27.34 -5.20
C ALA B 238 -31.45 27.00 -4.94
N THR B 239 -31.21 25.87 -4.30
CA THR B 239 -29.86 25.46 -3.88
C THR B 239 -28.85 25.30 -5.02
N PRO B 240 -29.22 24.56 -6.09
CA PRO B 240 -28.32 24.48 -7.24
C PRO B 240 -27.87 25.81 -7.81
N VAL B 241 -28.76 26.79 -7.87
CA VAL B 241 -28.37 28.12 -8.37
C VAL B 241 -27.48 28.86 -7.34
N ALA B 242 -27.75 28.71 -6.06
CA ALA B 242 -26.89 29.30 -5.02
C ALA B 242 -25.45 28.75 -5.10
N LYS B 243 -25.34 27.45 -5.37
CA LYS B 243 -24.01 26.83 -5.47
C LYS B 243 -23.24 27.34 -6.63
N THR B 244 -23.97 27.54 -7.73
CA THR B 244 -23.38 28.09 -8.98
C THR B 244 -22.82 29.49 -8.72
N VAL B 245 -23.56 30.30 -7.98
CA VAL B 245 -23.08 31.63 -7.54
C VAL B 245 -21.81 31.44 -6.68
N CYS B 246 -21.87 30.55 -5.70
CA CYS B 246 -20.69 30.32 -4.83
C CYS B 246 -19.52 29.88 -5.64
N ALA B 247 -19.77 29.11 -6.67
CA ALA B 247 -18.73 28.68 -7.59
C ALA B 247 -18.01 29.86 -8.26
N LEU B 248 -18.80 30.81 -8.77
CA LEU B 248 -18.23 32.02 -9.40
C LEU B 248 -17.54 32.91 -8.39
N LEU B 249 -18.01 32.87 -7.14
CA LEU B 249 -17.40 33.64 -6.06
C LEU B 249 -16.08 33.03 -5.64
N SER B 250 -15.89 31.75 -5.93
CA SER B 250 -14.71 31.02 -5.50
C SER B 250 -13.51 31.27 -6.43
N ASP B 251 -12.42 30.58 -6.15
CA ASP B 251 -11.21 30.69 -6.94
C ASP B 251 -11.18 29.73 -8.14
N TRP B 252 -12.25 28.94 -8.32
CA TRP B 252 -12.28 27.82 -9.29
C TRP B 252 -12.81 28.13 -10.68
N LEU B 253 -13.22 29.36 -10.90
CA LEU B 253 -13.47 29.86 -12.24
C LEU B 253 -12.74 31.20 -12.44
N PRO B 254 -11.41 31.16 -12.45
CA PRO B 254 -10.55 32.39 -12.46
C PRO B 254 -10.36 33.08 -13.78
N ALA B 255 -10.76 32.44 -14.87
CA ALA B 255 -10.52 32.98 -16.22
C ALA B 255 -11.82 33.40 -16.90
N THR B 256 -12.91 33.44 -16.13
CA THR B 256 -14.24 33.76 -16.65
C THR B 256 -14.67 35.13 -16.17
N THR B 257 -15.06 35.99 -17.11
CA THR B 257 -15.51 37.33 -16.79
C THR B 257 -16.25 37.96 -17.98
N GLY B 258 -17.10 38.94 -17.68
CA GLY B 258 -17.97 39.56 -18.70
C GLY B 258 -18.97 38.55 -19.23
N ASP B 259 -19.12 37.46 -18.49
CA ASP B 259 -19.75 36.27 -19.00
C ASP B 259 -21.03 35.86 -18.28
N ILE B 260 -21.70 34.87 -18.88
CA ILE B 260 -22.92 34.31 -18.34
C ILE B 260 -22.82 32.81 -18.16
N ILE B 261 -23.06 32.38 -16.92
CA ILE B 261 -23.16 30.97 -16.57
C ILE B 261 -24.60 30.60 -16.30
N TYR B 262 -25.04 29.52 -16.94
CA TYR B 262 -26.43 29.12 -16.93
C TYR B 262 -26.68 28.01 -15.91
N ALA B 263 -27.36 28.35 -14.83
CA ALA B 263 -27.82 27.37 -13.86
C ALA B 263 -29.30 27.09 -14.09
N ASP B 264 -29.60 26.41 -15.20
CA ASP B 264 -30.99 26.25 -15.63
C ASP B 264 -31.35 24.80 -16.02
N GLY B 265 -30.56 23.85 -15.54
CA GLY B 265 -30.71 22.44 -15.92
C GLY B 265 -30.37 22.09 -17.38
N GLY B 266 -29.69 23.02 -18.07
CA GLY B 266 -29.39 22.86 -19.51
C GLY B 266 -30.54 23.19 -20.46
N ALA B 267 -31.66 23.67 -19.91
CA ALA B 267 -32.85 23.90 -20.73
C ALA B 267 -32.56 24.82 -21.95
N HIS B 268 -31.81 25.88 -21.73
CA HIS B 268 -31.56 26.83 -22.82
C HIS B 268 -30.78 26.23 -23.97
N THR B 269 -30.17 25.08 -23.77
CA THR B 269 -29.43 24.39 -24.89
C THR B 269 -30.32 23.45 -25.72
N GLN B 270 -31.62 23.38 -25.39
CA GLN B 270 -32.53 22.40 -26.03
C GLN B 270 -33.77 23.06 -26.60
N LEU B 271 -34.11 22.72 -27.84
CA LEU B 271 -35.31 23.25 -28.49
C LEU B 271 -36.55 22.63 -27.91
N LEU B 272 -36.61 21.31 -27.90
CA LEU B 272 -37.62 20.64 -27.07
C LEU B 272 -37.19 19.26 -26.58
N GLY C 6 28.16 -5.20 38.52
CA GLY C 6 26.98 -6.05 38.16
C GLY C 6 26.07 -5.45 37.10
N LEU C 7 25.63 -6.31 36.18
CA LEU C 7 24.86 -5.89 35.00
C LEU C 7 23.46 -5.46 35.39
N LEU C 8 22.93 -6.07 36.45
CA LEU C 8 21.56 -5.81 36.90
C LEU C 8 21.56 -5.16 38.29
N ASP C 9 22.61 -4.39 38.56
CA ASP C 9 22.83 -3.83 39.89
C ASP C 9 21.66 -2.92 40.36
N GLY C 10 21.14 -3.25 41.53
CA GLY C 10 20.07 -2.49 42.14
C GLY C 10 18.78 -2.58 41.37
N LYS C 11 18.63 -3.63 40.56
CA LYS C 11 17.38 -3.85 39.85
C LYS C 11 16.50 -4.82 40.66
N ARG C 12 15.20 -4.60 40.63
CA ARG C 12 14.27 -5.50 41.30
C ARG C 12 13.57 -6.33 40.26
N ILE C 13 13.76 -7.65 40.32
CA ILE C 13 13.29 -8.50 39.24
C ILE C 13 12.47 -9.70 39.73
N LEU C 14 11.29 -9.81 39.14
CA LEU C 14 10.42 -10.95 39.39
C LEU C 14 10.76 -12.11 38.42
N VAL C 15 11.03 -13.29 38.97
CA VAL C 15 11.31 -14.46 38.17
C VAL C 15 10.34 -15.60 38.46
N SER C 16 9.54 -15.95 37.44
CA SER C 16 8.63 -17.07 37.55
C SER C 16 9.24 -18.34 36.96
N GLY C 17 8.60 -19.48 37.23
CA GLY C 17 8.88 -20.72 36.54
C GLY C 17 9.96 -21.65 37.08
N ILE C 18 10.43 -21.40 38.31
CA ILE C 18 11.38 -22.34 38.93
C ILE C 18 10.59 -23.55 39.49
N ILE C 19 10.96 -24.75 39.05
CA ILE C 19 10.44 -26.02 39.60
C ILE C 19 11.56 -27.03 40.00
N THR C 20 12.64 -27.13 39.22
CA THR C 20 13.86 -27.84 39.67
C THR C 20 15.08 -26.96 39.46
N ASP C 21 16.23 -27.45 39.89
CA ASP C 21 17.51 -26.76 39.63
C ASP C 21 18.05 -26.93 38.19
N SER C 22 17.37 -27.73 37.39
CA SER C 22 17.60 -27.78 35.95
C SER C 22 16.61 -26.87 35.15
N SER C 23 15.72 -26.16 35.86
CA SER C 23 14.78 -25.21 35.22
C SER C 23 15.57 -24.07 34.60
N ILE C 24 15.15 -23.59 33.43
CA ILE C 24 15.81 -22.45 32.80
C ILE C 24 15.71 -21.26 33.76
N ALA C 25 14.53 -21.12 34.38
CA ALA C 25 14.24 -20.07 35.35
C ALA C 25 15.18 -20.10 36.54
N PHE C 26 15.62 -21.30 36.94
CA PHE C 26 16.56 -21.39 38.04
C PHE C 26 17.86 -20.70 37.68
N HIS C 27 18.35 -20.97 36.49
CA HIS C 27 19.65 -20.41 36.03
C HIS C 27 19.56 -18.91 35.74
N ILE C 28 18.44 -18.48 35.18
CA ILE C 28 18.16 -17.05 34.99
C ILE C 28 18.30 -16.33 36.32
N ALA C 29 17.60 -16.82 37.32
CA ALA C 29 17.65 -16.23 38.66
C ALA C 29 19.06 -16.20 39.23
N ARG C 30 19.76 -17.31 39.11
CA ARG C 30 21.13 -17.41 39.60
CA ARG C 30 21.13 -17.41 39.60
C ARG C 30 22.05 -16.35 38.96
N VAL C 31 22.04 -16.30 37.63
CA VAL C 31 22.88 -15.37 36.90
C VAL C 31 22.48 -13.93 37.24
N ALA C 32 21.19 -13.69 37.34
CA ALA C 32 20.70 -12.35 37.67
C ALA C 32 21.21 -11.90 39.04
N GLN C 33 21.13 -12.80 40.01
CA GLN C 33 21.63 -12.55 41.35
C GLN C 33 23.13 -12.37 41.37
N GLU C 34 23.85 -13.24 40.68
CA GLU C 34 25.31 -13.08 40.46
C GLU C 34 25.66 -11.67 39.96
N GLN C 35 24.72 -11.07 39.19
CA GLN C 35 24.88 -9.75 38.54
C GLN C 35 24.27 -8.59 39.31
N GLY C 36 23.84 -8.85 40.55
CA GLY C 36 23.46 -7.79 41.49
C GLY C 36 21.96 -7.51 41.59
N ALA C 37 21.17 -8.28 40.85
CA ALA C 37 19.75 -8.14 40.89
C ALA C 37 19.23 -8.56 42.27
N GLN C 38 18.20 -7.86 42.75
CA GLN C 38 17.43 -8.29 43.93
C GLN C 38 16.12 -8.92 43.40
N LEU C 39 15.89 -10.17 43.74
CA LEU C 39 14.81 -10.97 43.13
C LEU C 39 13.57 -11.16 43.99
N VAL C 40 12.44 -11.30 43.31
CA VAL C 40 11.21 -11.84 43.87
C VAL C 40 10.84 -13.06 43.01
N LEU C 41 10.65 -14.22 43.64
CA LEU C 41 10.40 -15.46 42.90
C LEU C 41 8.92 -15.81 42.97
N THR C 42 8.39 -16.43 41.92
CA THR C 42 7.04 -17.04 41.99
C THR C 42 7.04 -18.53 41.65
N GLY C 43 6.14 -19.25 42.28
CA GLY C 43 6.06 -20.72 42.09
C GLY C 43 4.64 -21.23 41.95
N PHE C 44 4.52 -22.38 41.31
CA PHE C 44 3.23 -23.06 41.10
C PHE C 44 3.15 -24.44 41.78
N ASP C 45 2.09 -24.64 42.57
CA ASP C 45 1.66 -25.97 43.04
C ASP C 45 2.60 -26.55 44.11
N ARG C 46 3.73 -27.08 43.67
CA ARG C 46 4.69 -27.76 44.54
C ARG C 46 5.59 -26.72 45.32
N LEU C 47 4.94 -25.91 46.17
CA LEU C 47 5.59 -24.76 46.84
C LEU C 47 6.68 -25.15 47.90
N ARG C 48 6.46 -26.24 48.62
CA ARG C 48 7.44 -26.75 49.57
C ARG C 48 8.74 -27.20 48.85
N LEU C 49 8.59 -27.97 47.77
CA LEU C 49 9.74 -28.39 46.91
C LEU C 49 10.49 -27.18 46.39
N ILE C 50 9.76 -26.28 45.76
CA ILE C 50 10.34 -25.07 45.14
C ILE C 50 11.18 -24.26 46.15
N GLN C 51 10.62 -24.08 47.35
CA GLN C 51 11.29 -23.36 48.43
C GLN C 51 12.66 -23.98 48.73
N ARG C 52 12.68 -25.30 48.76
CA ARG C 52 13.88 -26.06 49.04
C ARG C 52 14.90 -25.86 47.90
N ILE C 53 14.42 -25.90 46.66
CA ILE C 53 15.24 -25.67 45.46
C ILE C 53 15.87 -24.27 45.48
N THR C 54 15.07 -23.28 45.81
CA THR C 54 15.48 -21.86 45.74
C THR C 54 16.44 -21.47 46.84
N ASP C 55 16.49 -22.28 47.90
CA ASP C 55 17.51 -22.08 48.97
C ASP C 55 18.89 -22.33 48.43
N ARG C 56 18.98 -23.11 47.34
CA ARG C 56 20.24 -23.37 46.65
C ARG C 56 20.74 -22.20 45.78
N LEU C 57 19.90 -21.20 45.57
CA LEU C 57 20.31 -19.97 44.86
C LEU C 57 21.38 -19.17 45.68
N PRO C 58 22.23 -18.37 45.00
CA PRO C 58 23.30 -17.61 45.65
C PRO C 58 22.83 -16.71 46.78
N ALA C 59 21.63 -16.16 46.63
CA ALA C 59 21.07 -15.28 47.63
C ALA C 59 19.63 -15.65 48.04
N LYS C 60 19.24 -15.25 49.26
CA LYS C 60 17.88 -15.41 49.76
C LYS C 60 16.94 -14.51 48.98
N ALA C 61 15.72 -15.00 48.73
CA ALA C 61 14.73 -14.20 47.99
C ALA C 61 13.30 -14.68 48.30
N PRO C 62 12.36 -13.72 48.46
CA PRO C 62 10.99 -14.11 48.82
C PRO C 62 10.34 -14.94 47.75
N LEU C 63 9.67 -16.00 48.17
CA LEU C 63 8.95 -16.88 47.27
C LEU C 63 7.46 -16.69 47.43
N LEU C 64 6.80 -16.37 46.32
CA LEU C 64 5.35 -16.13 46.30
C LEU C 64 4.66 -17.14 45.42
N GLU C 65 3.40 -17.41 45.73
CA GLU C 65 2.65 -18.39 44.98
C GLU C 65 1.93 -17.74 43.77
N LEU C 66 1.98 -18.42 42.64
CA LEU C 66 1.31 -17.98 41.42
C LEU C 66 1.00 -19.16 40.47
N ASP C 67 -0.24 -19.59 40.52
CA ASP C 67 -0.85 -20.39 39.47
C ASP C 67 -1.46 -19.38 38.49
N VAL C 68 -0.86 -19.28 37.29
CA VAL C 68 -1.34 -18.29 36.28
C VAL C 68 -2.80 -18.53 35.80
N GLN C 69 -3.33 -19.73 36.01
CA GLN C 69 -4.75 -20.01 35.73
C GLN C 69 -5.74 -19.49 36.84
N ASN C 70 -5.18 -19.02 37.95
CA ASN C 70 -5.98 -18.51 39.03
C ASN C 70 -6.16 -17.00 38.90
N GLU C 71 -7.40 -16.58 38.57
CA GLU C 71 -7.73 -15.14 38.45
C GLU C 71 -7.53 -14.38 39.79
N GLU C 72 -7.70 -15.08 40.92
CA GLU C 72 -7.50 -14.46 42.27
C GLU C 72 -6.00 -14.21 42.54
N HIS C 73 -5.16 -15.19 42.20
CA HIS C 73 -3.67 -15.08 42.37
C HIS C 73 -3.10 -13.92 41.58
N LEU C 74 -3.67 -13.73 40.39
CA LEU C 74 -3.27 -12.64 39.51
C LEU C 74 -3.76 -11.30 40.02
N ALA C 75 -5.03 -11.24 40.43
CA ALA C 75 -5.60 -9.99 40.93
C ALA C 75 -4.85 -9.50 42.18
N SER C 76 -4.33 -10.44 42.97
CA SER C 76 -3.65 -10.12 44.23
C SER C 76 -2.14 -10.04 44.11
N LEU C 77 -1.62 -10.41 42.96
CA LEU C 77 -0.16 -10.52 42.73
C LEU C 77 0.60 -9.21 42.95
N ALA C 78 0.10 -8.12 42.37
CA ALA C 78 0.74 -6.81 42.50
C ALA C 78 0.90 -6.40 43.97
N GLY C 79 -0.19 -6.49 44.72
CA GLY C 79 -0.19 -6.18 46.14
C GLY C 79 0.80 -7.06 46.90
N ARG C 80 0.78 -8.35 46.59
CA ARG C 80 1.63 -9.33 47.29
C ARG C 80 3.10 -9.12 47.00
N VAL C 81 3.42 -8.65 45.78
CA VAL C 81 4.81 -8.32 45.42
C VAL C 81 5.29 -7.08 46.16
N THR C 82 4.45 -6.05 46.15
CA THR C 82 4.78 -4.77 46.81
C THR C 82 5.16 -5.00 48.32
N GLU C 83 4.35 -5.80 49.00
CA GLU C 83 4.67 -6.32 50.36
C GLU C 83 6.09 -6.86 50.49
N ALA C 84 6.45 -7.71 49.55
CA ALA C 84 7.72 -8.41 49.58
C ALA C 84 8.93 -7.49 49.30
N ILE C 85 8.77 -6.51 48.42
CA ILE C 85 9.85 -5.58 48.07
C ILE C 85 9.77 -4.25 48.80
N GLY C 86 8.69 -4.05 49.54
CA GLY C 86 8.51 -2.85 50.33
C GLY C 86 7.75 -1.76 49.58
N ALA C 87 6.85 -1.10 50.26
CA ALA C 87 6.03 -0.04 49.69
C ALA C 87 6.90 1.15 49.23
N GLY C 88 6.46 1.78 48.14
CA GLY C 88 7.21 2.87 47.52
C GLY C 88 8.26 2.35 46.53
N ASN C 89 8.34 1.02 46.42
CA ASN C 89 9.27 0.37 45.50
C ASN C 89 8.52 -0.26 44.35
N LYS C 90 9.21 -0.32 43.21
CA LYS C 90 8.66 -0.95 42.02
C LYS C 90 9.64 -1.93 41.40
N LEU C 91 9.09 -2.77 40.52
CA LEU C 91 9.85 -3.76 39.76
C LEU C 91 10.49 -3.15 38.51
N ASP C 92 11.74 -3.52 38.27
CA ASP C 92 12.45 -3.15 37.00
C ASP C 92 12.37 -4.27 35.96
N GLY C 93 12.01 -5.47 36.41
CA GLY C 93 12.02 -6.63 35.54
C GLY C 93 11.04 -7.72 35.92
N VAL C 94 10.56 -8.41 34.91
CA VAL C 94 9.64 -9.51 35.06
C VAL C 94 10.05 -10.57 34.11
N VAL C 95 10.21 -11.78 34.60
CA VAL C 95 10.59 -12.94 33.76
C VAL C 95 9.50 -14.01 33.77
N HIS C 96 8.93 -14.27 32.60
CA HIS C 96 7.94 -15.33 32.34
C HIS C 96 8.69 -16.54 31.81
N SER C 97 8.83 -17.54 32.63
CA SER C 97 9.49 -18.77 32.22
C SER C 97 8.56 -19.96 32.52
N ILE C 98 7.41 -19.93 31.87
CA ILE C 98 6.33 -20.83 32.17
C ILE C 98 5.78 -21.43 30.90
N GLY C 99 5.53 -22.73 30.95
CA GLY C 99 5.02 -23.45 29.82
C GLY C 99 4.41 -24.77 30.28
N PHE C 100 3.39 -25.22 29.57
CA PHE C 100 2.76 -26.47 29.87
C PHE C 100 1.88 -26.90 28.73
N MET C 101 2.00 -28.17 28.38
CA MET C 101 1.08 -28.76 27.43
C MET C 101 0.79 -30.23 27.83
N PRO C 102 -0.48 -30.57 28.05
CA PRO C 102 -0.76 -31.98 28.35
C PRO C 102 -0.25 -32.95 27.31
N GLN C 103 0.07 -34.16 27.78
CA GLN C 103 0.30 -35.32 26.91
C GLN C 103 -0.87 -35.47 25.96
N PRO C 110 -0.75 -38.61 18.63
CA PRO C 110 -0.89 -37.96 17.32
C PRO C 110 -1.44 -36.54 17.43
N PHE C 111 -1.03 -35.70 16.49
CA PHE C 111 -1.49 -34.30 16.41
C PHE C 111 -3.02 -34.16 16.49
N PHE C 112 -3.70 -35.01 15.74
CA PHE C 112 -5.17 -34.97 15.62
C PHE C 112 -5.93 -35.49 16.83
N ASP C 113 -5.28 -36.24 17.70
CA ASP C 113 -5.98 -36.85 18.85
C ASP C 113 -5.93 -35.98 20.12
N ALA C 114 -5.37 -34.79 20.01
CA ALA C 114 -5.41 -33.84 21.13
C ALA C 114 -6.80 -33.18 21.23
N PRO C 115 -7.51 -33.37 22.35
CA PRO C 115 -8.79 -32.73 22.52
C PRO C 115 -8.63 -31.28 22.92
N TYR C 116 -9.50 -30.43 22.40
CA TYR C 116 -9.31 -29.00 22.55
C TYR C 116 -9.10 -28.54 24.01
N ALA C 117 -9.83 -29.16 24.93
CA ALA C 117 -9.75 -28.83 26.37
C ALA C 117 -8.31 -28.87 26.87
N ASP C 118 -7.55 -29.85 26.41
CA ASP C 118 -6.15 -29.97 26.77
C ASP C 118 -5.33 -28.90 26.05
N VAL C 119 -5.61 -28.72 24.77
CA VAL C 119 -4.96 -27.69 24.00
C VAL C 119 -5.19 -26.30 24.60
N SER C 120 -6.45 -25.99 24.92
CA SER C 120 -6.82 -24.71 25.50
C SER C 120 -6.11 -24.46 26.80
N LYS C 121 -6.00 -25.50 27.63
CA LYS C 121 -5.27 -25.36 28.92
C LYS C 121 -3.78 -25.02 28.70
N GLY C 122 -3.18 -25.61 27.69
CA GLY C 122 -1.79 -25.34 27.36
C GLY C 122 -1.54 -23.91 26.83
N ILE C 123 -2.43 -23.43 25.97
CA ILE C 123 -2.35 -22.07 25.46
C ILE C 123 -2.56 -21.06 26.58
N HIS C 124 -3.47 -21.37 27.48
CA HIS C 124 -3.80 -20.53 28.63
C HIS C 124 -2.55 -20.33 29.44
N ILE C 125 -1.90 -21.43 29.76
CA ILE C 125 -0.72 -21.38 30.60
C ILE C 125 0.54 -20.86 29.85
N SER C 126 0.69 -21.29 28.61
CA SER C 126 1.91 -21.01 27.83
C SER C 126 1.93 -19.65 27.06
N ALA C 127 0.77 -19.14 26.65
CA ALA C 127 0.66 -17.88 25.87
C ALA C 127 -0.15 -16.75 26.56
N TYR C 128 -1.45 -17.00 26.81
CA TYR C 128 -2.30 -16.02 27.45
C TYR C 128 -1.72 -15.50 28.75
N SER C 129 -1.20 -16.42 29.57
CA SER C 129 -0.61 -16.02 30.87
C SER C 129 0.48 -14.96 30.76
N TYR C 130 1.11 -14.85 29.58
CA TYR C 130 2.13 -13.80 29.35
C TYR C 130 1.46 -12.42 29.40
N ALA C 131 0.31 -12.33 28.75
CA ALA C 131 -0.51 -11.11 28.78
C ALA C 131 -1.03 -10.80 30.17
N SER C 132 -1.56 -11.81 30.85
CA SER C 132 -2.16 -11.59 32.18
C SER C 132 -1.13 -11.22 33.25
N MET C 133 0.05 -11.86 33.21
CA MET C 133 1.18 -11.44 34.06
C MET C 133 1.56 -9.98 33.82
N ALA C 134 1.62 -9.58 32.55
CA ALA C 134 1.95 -8.20 32.20
C ALA C 134 0.91 -7.21 32.76
N LYS C 135 -0.38 -7.54 32.57
CA LYS C 135 -1.48 -6.76 33.15
C LYS C 135 -1.37 -6.61 34.67
N ALA C 136 -1.06 -7.71 35.35
CA ALA C 136 -0.95 -7.71 36.81
C ALA C 136 0.21 -6.85 37.33
N LEU C 137 1.34 -6.86 36.61
CA LEU C 137 2.58 -6.28 37.09
C LEU C 137 3.00 -4.94 36.50
N LEU C 138 2.51 -4.58 35.33
CA LEU C 138 2.87 -3.28 34.72
C LEU C 138 2.60 -2.08 35.66
N PRO C 139 1.45 -2.05 36.33
CA PRO C 139 1.19 -0.92 37.23
C PRO C 139 2.25 -0.74 38.32
N ILE C 140 2.98 -1.82 38.67
CA ILE C 140 4.05 -1.74 39.63
C ILE C 140 5.45 -1.88 39.01
N MET C 141 5.59 -1.46 37.74
CA MET C 141 6.89 -1.47 37.08
C MET C 141 7.43 -0.06 36.86
N ASN C 142 8.76 0.08 36.96
CA ASN C 142 9.45 1.36 36.66
C ASN C 142 9.65 1.58 35.18
N PRO C 143 9.79 2.84 34.78
CA PRO C 143 10.17 3.06 33.40
C PRO C 143 11.59 2.59 33.16
N GLY C 144 11.87 2.18 31.94
CA GLY C 144 13.18 1.59 31.58
C GLY C 144 13.18 0.08 31.81
N GLY C 145 12.11 -0.42 32.38
CA GLY C 145 12.07 -1.79 32.79
C GLY C 145 11.76 -2.71 31.65
N SER C 146 11.80 -4.00 31.94
CA SER C 146 11.79 -5.03 30.89
C SER C 146 11.00 -6.25 31.30
N ILE C 147 10.21 -6.75 30.34
CA ILE C 147 9.51 -8.01 30.52
C ILE C 147 10.07 -9.02 29.52
N VAL C 148 10.38 -10.21 30.03
CA VAL C 148 10.97 -11.26 29.21
C VAL C 148 10.26 -12.62 29.38
N GLY C 149 9.94 -13.23 28.25
CA GLY C 149 9.31 -14.52 28.22
C GLY C 149 10.16 -15.49 27.43
N MET C 150 9.98 -16.78 27.70
CA MET C 150 10.74 -17.83 27.00
C MET C 150 9.95 -18.40 25.80
N ASP C 151 10.62 -18.42 24.67
CA ASP C 151 10.06 -18.90 23.40
C ASP C 151 10.88 -20.12 22.87
N PHE C 152 10.27 -20.90 21.97
CA PHE C 152 10.97 -21.96 21.23
C PHE C 152 10.47 -21.87 19.80
N ASP C 153 11.39 -21.64 18.86
CA ASP C 153 11.05 -21.10 17.53
C ASP C 153 9.96 -21.92 16.86
N PRO C 154 8.76 -21.35 16.69
CA PRO C 154 7.64 -22.13 16.14
C PRO C 154 7.32 -21.84 14.71
N SER C 155 8.22 -21.14 14.03
CA SER C 155 7.93 -20.70 12.65
C SER C 155 7.90 -21.84 11.64
N ARG C 156 8.46 -22.98 12.02
CA ARG C 156 8.45 -24.16 11.17
C ARG C 156 7.92 -25.30 11.98
N ALA C 157 7.15 -26.16 11.35
CA ALA C 157 6.62 -27.30 12.08
C ALA C 157 7.77 -28.29 12.36
N MET C 158 7.59 -29.07 13.40
CA MET C 158 8.51 -30.15 13.75
C MET C 158 7.80 -31.34 14.39
N PRO C 159 8.39 -32.55 14.31
CA PRO C 159 7.76 -33.69 15.00
C PRO C 159 7.70 -33.51 16.52
N ALA C 160 6.67 -34.10 17.11
CA ALA C 160 6.51 -34.23 18.59
C ALA C 160 5.99 -33.00 19.31
N TYR C 161 6.68 -31.90 19.14
CA TYR C 161 6.37 -30.66 19.85
C TYR C 161 4.90 -30.21 19.62
N ASN C 162 4.39 -30.53 18.43
CA ASN C 162 2.94 -30.49 18.13
C ASN C 162 2.23 -29.22 18.61
N TRP C 163 1.23 -29.38 19.48
CA TRP C 163 0.41 -28.24 19.94
C TRP C 163 1.19 -27.24 20.80
N MET C 164 2.29 -27.65 21.39
CA MET C 164 3.13 -26.70 22.11
C MET C 164 3.77 -25.70 21.13
N THR C 165 4.08 -26.16 19.93
CA THR C 165 4.50 -25.28 18.85
C THR C 165 3.42 -24.21 18.53
N VAL C 166 2.18 -24.66 18.44
CA VAL C 166 1.02 -23.77 18.23
C VAL C 166 0.91 -22.73 19.35
N ALA C 167 1.11 -23.18 20.58
CA ALA C 167 1.14 -22.27 21.73
C ALA C 167 2.25 -21.19 21.66
N LYS C 168 3.42 -21.59 21.19
CA LYS C 168 4.53 -20.65 21.01
C LYS C 168 4.26 -19.66 19.87
N SER C 169 3.63 -20.12 18.81
CA SER C 169 3.20 -19.23 17.75
C SER C 169 2.26 -18.18 18.31
N ALA C 170 1.36 -18.63 19.18
CA ALA C 170 0.40 -17.73 19.83
C ALA C 170 1.10 -16.78 20.76
N LEU C 171 2.07 -17.30 21.51
CA LEU C 171 2.81 -16.48 22.49
C LEU C 171 3.56 -15.33 21.82
N GLU C 172 4.14 -15.62 20.67
CA GLU C 172 4.90 -14.61 19.91
C GLU C 172 3.97 -13.48 19.49
N SER C 173 2.80 -13.84 18.98
CA SER C 173 1.76 -12.85 18.63
C SER C 173 1.35 -12.01 19.88
N VAL C 174 1.04 -12.72 20.96
CA VAL C 174 0.78 -12.07 22.25
C VAL C 174 1.88 -11.05 22.69
N ASN C 175 3.14 -11.44 22.59
CA ASN C 175 4.27 -10.56 22.97
C ASN C 175 4.34 -9.20 22.21
N ARG C 176 3.94 -9.21 20.95
CA ARG C 176 3.83 -7.97 20.15
C ARG C 176 2.73 -7.01 20.62
N PHE C 177 1.60 -7.55 21.10
CA PHE C 177 0.55 -6.72 21.67
C PHE C 177 0.84 -6.28 23.08
N VAL C 178 1.45 -7.16 23.86
CA VAL C 178 1.88 -6.77 25.21
C VAL C 178 2.86 -5.60 25.13
N ALA C 179 3.74 -5.61 24.12
CA ALA C 179 4.67 -4.51 23.92
C ALA C 179 3.94 -3.16 23.79
N ARG C 180 2.85 -3.16 23.04
CA ARG C 180 2.07 -1.94 22.81
C ARG C 180 1.58 -1.40 24.12
N GLU C 181 1.03 -2.29 24.97
CA GLU C 181 0.59 -1.90 26.31
C GLU C 181 1.78 -1.47 27.17
N ALA C 182 2.86 -2.23 27.12
CA ALA C 182 4.03 -2.03 28.00
C ALA C 182 4.80 -0.72 27.70
N GLY C 183 4.73 -0.29 26.45
CA GLY C 183 5.36 0.92 26.01
C GLY C 183 4.83 2.15 26.69
N LYS C 184 3.52 2.14 26.99
CA LYS C 184 2.87 3.25 27.71
C LYS C 184 3.52 3.49 29.07
N TYR C 185 4.09 2.45 29.67
CA TYR C 185 4.77 2.55 30.98
C TYR C 185 6.29 2.77 30.86
N GLY C 186 6.79 2.94 29.65
CA GLY C 186 8.27 2.99 29.43
C GLY C 186 8.94 1.62 29.61
N VAL C 187 8.18 0.56 29.37
CA VAL C 187 8.61 -0.81 29.63
C VAL C 187 8.65 -1.65 28.32
N ARG C 188 9.73 -2.38 28.16
CA ARG C 188 9.96 -3.21 26.99
CA ARG C 188 9.97 -3.21 27.00
C ARG C 188 9.43 -4.62 27.21
N SER C 189 9.08 -5.30 26.11
CA SER C 189 8.56 -6.68 26.18
C SER C 189 9.21 -7.51 25.09
N ASN C 190 9.83 -8.60 25.46
CA ASN C 190 10.52 -9.46 24.49
C ASN C 190 10.54 -10.93 24.86
N LEU C 191 10.74 -11.76 23.83
CA LEU C 191 10.93 -13.17 24.05
C LEU C 191 12.37 -13.56 23.76
N VAL C 192 12.87 -14.53 24.51
CA VAL C 192 14.09 -15.23 24.18
C VAL C 192 13.74 -16.61 23.60
N ALA C 193 14.06 -16.79 22.32
CA ALA C 193 13.84 -18.04 21.66
C ALA C 193 15.07 -18.90 21.88
N ALA C 194 14.99 -19.78 22.86
CA ALA C 194 16.12 -20.62 23.23
C ALA C 194 16.19 -21.89 22.40
N GLY C 195 17.42 -22.36 22.23
CA GLY C 195 17.65 -23.74 21.75
C GLY C 195 17.26 -24.80 22.80
N PRO C 196 17.23 -26.08 22.42
CA PRO C 196 16.71 -27.16 23.29
C PRO C 196 17.60 -27.41 24.49
N ILE C 197 17.00 -27.44 25.65
CA ILE C 197 17.69 -27.51 26.92
C ILE C 197 17.17 -28.72 27.68
N ARG C 198 18.08 -29.56 28.13
CA ARG C 198 17.72 -30.80 28.85
C ARG C 198 17.25 -30.54 30.25
N THR C 199 15.98 -30.17 30.39
CA THR C 199 15.36 -30.07 31.69
C THR C 199 15.04 -31.47 32.18
N LEU C 200 14.67 -31.60 33.43
CA LEU C 200 14.29 -32.87 33.98
C LEU C 200 13.22 -33.51 33.15
N ALA C 201 12.19 -32.73 32.87
CA ALA C 201 11.08 -33.13 31.99
C ALA C 201 11.59 -33.68 30.64
N MET C 202 12.38 -32.86 29.93
CA MET C 202 13.05 -33.27 28.68
C MET C 202 13.94 -34.52 28.83
N SER C 203 14.74 -34.58 29.90
CA SER C 203 15.60 -35.77 30.19
C SER C 203 14.78 -37.10 30.25
N ALA C 204 13.58 -37.02 30.85
CA ALA C 204 12.69 -38.17 30.97
C ALA C 204 12.15 -38.61 29.63
N ILE C 205 11.77 -37.65 28.77
CA ILE C 205 11.31 -37.96 27.40
C ILE C 205 12.43 -38.62 26.60
N VAL C 206 13.66 -38.06 26.67
CA VAL C 206 14.85 -38.69 26.05
C VAL C 206 15.01 -40.13 26.54
N GLY C 207 14.80 -40.35 27.83
CA GLY C 207 14.84 -41.70 28.42
C GLY C 207 13.61 -42.60 28.18
N GLY C 208 12.67 -42.16 27.33
CA GLY C 208 11.61 -43.03 26.82
C GLY C 208 10.25 -42.94 27.48
N ALA C 209 10.07 -42.00 28.41
CA ALA C 209 8.80 -41.82 29.17
C ALA C 209 7.59 -41.52 28.31
N LEU C 210 7.79 -40.79 27.21
CA LEU C 210 6.68 -40.48 26.27
C LEU C 210 6.64 -41.50 25.08
N GLY C 211 7.39 -42.61 25.19
CA GLY C 211 7.50 -43.59 24.10
C GLY C 211 8.85 -43.54 23.40
N GLU C 212 9.11 -44.56 22.58
CA GLU C 212 10.39 -44.67 21.87
C GLU C 212 10.49 -43.75 20.63
N GLU C 213 9.37 -43.53 19.95
CA GLU C 213 9.32 -42.61 18.81
C GLU C 213 9.60 -41.14 19.26
N ALA C 214 8.96 -40.72 20.34
CA ALA C 214 9.18 -39.40 20.93
C ALA C 214 10.61 -39.21 21.42
N GLY C 215 11.16 -40.27 22.06
CA GLY C 215 12.52 -40.22 22.52
C GLY C 215 13.47 -40.07 21.35
N ALA C 216 13.18 -40.80 20.30
CA ALA C 216 14.00 -40.78 19.10
C ALA C 216 13.97 -39.40 18.40
N GLN C 217 12.78 -38.80 18.34
CA GLN C 217 12.60 -37.52 17.62
C GLN C 217 13.34 -36.38 18.32
N ILE C 218 13.25 -36.33 19.66
CA ILE C 218 14.05 -35.36 20.48
C ILE C 218 15.57 -35.49 20.27
N GLN C 219 16.01 -36.73 20.14
CA GLN C 219 17.45 -37.04 19.90
C GLN C 219 17.94 -36.57 18.48
N LEU C 220 17.08 -36.76 17.48
CA LEU C 220 17.35 -36.21 16.12
C LEU C 220 17.46 -34.69 16.10
N LEU C 221 16.49 -34.05 16.76
CA LEU C 221 16.43 -32.59 16.86
C LEU C 221 17.67 -31.98 17.53
N GLU C 222 18.03 -32.52 18.68
CA GLU C 222 19.24 -32.04 19.40
C GLU C 222 20.55 -32.16 18.59
N GLU C 223 20.81 -33.36 18.07
CA GLU C 223 22.05 -33.61 17.30
C GLU C 223 22.10 -32.66 16.10
N GLY C 224 21.01 -32.58 15.34
CA GLY C 224 20.92 -31.63 14.21
C GLY C 224 21.07 -30.14 14.62
N TRP C 225 20.62 -29.79 15.83
CA TRP C 225 20.70 -28.41 16.33
C TRP C 225 22.16 -27.97 16.51
N ASP C 226 22.92 -28.82 17.19
CA ASP C 226 24.33 -28.56 17.45
C ASP C 226 25.16 -28.50 16.15
N GLN C 227 24.79 -29.36 15.22
CA GLN C 227 25.40 -29.40 13.89
C GLN C 227 25.23 -28.09 13.14
N ARG C 228 23.98 -27.70 13.00
CA ARG C 228 23.58 -26.44 12.36
C ARG C 228 24.16 -25.19 13.01
N ALA C 229 24.12 -25.16 14.34
CA ALA C 229 24.63 -24.00 15.08
C ALA C 229 26.10 -23.71 14.72
N PRO C 230 26.39 -22.51 14.15
CA PRO C 230 27.79 -22.21 13.82
C PRO C 230 28.75 -22.22 15.00
N ILE C 231 28.28 -21.88 16.19
CA ILE C 231 29.13 -21.97 17.38
C ILE C 231 28.81 -23.19 18.25
N GLY C 232 28.13 -24.18 17.68
CA GLY C 232 27.68 -25.34 18.45
C GLY C 232 26.54 -25.06 19.43
N TRP C 233 26.00 -26.14 19.97
CA TRP C 233 24.93 -26.04 20.94
C TRP C 233 24.98 -27.18 21.99
N ASN C 234 25.04 -26.78 23.25
CA ASN C 234 25.05 -27.72 24.40
C ASN C 234 23.70 -27.76 25.15
N MET C 235 22.95 -28.83 24.92
CA MET C 235 21.63 -28.99 25.50
C MET C 235 21.71 -29.09 27.03
N LYS C 236 22.87 -29.49 27.55
CA LYS C 236 23.09 -29.61 29.02
C LYS C 236 23.46 -28.23 29.72
N ASP C 237 23.73 -27.18 28.95
CA ASP C 237 24.13 -25.88 29.51
C ASP C 237 23.07 -24.79 29.28
N ALA C 238 22.45 -24.35 30.35
CA ALA C 238 21.39 -23.33 30.27
C ALA C 238 21.92 -21.94 30.46
N THR C 239 23.19 -21.86 30.82
CA THR C 239 23.84 -20.58 31.15
C THR C 239 23.77 -19.53 30.03
N PRO C 240 24.11 -19.93 28.81
CA PRO C 240 24.09 -18.94 27.72
C PRO C 240 22.74 -18.32 27.48
N VAL C 241 21.68 -19.11 27.64
CA VAL C 241 20.31 -18.54 27.52
C VAL C 241 19.96 -17.62 28.72
N ALA C 242 20.40 -17.98 29.92
CA ALA C 242 20.15 -17.15 31.10
C ALA C 242 20.80 -15.79 30.95
N LYS C 243 21.98 -15.78 30.35
CA LYS C 243 22.72 -14.52 30.16
C LYS C 243 22.01 -13.64 29.16
N THR C 244 21.43 -14.29 28.15
CA THR C 244 20.66 -13.59 27.13
C THR C 244 19.45 -12.90 27.75
N VAL C 245 18.80 -13.58 28.66
CA VAL C 245 17.67 -13.02 29.40
C VAL C 245 18.15 -11.85 30.23
N CYS C 246 19.23 -12.05 30.97
CA CYS C 246 19.77 -10.95 31.78
C CYS C 246 20.09 -9.74 30.90
N ALA C 247 20.59 -10.00 29.70
CA ALA C 247 20.89 -8.93 28.75
C ALA C 247 19.63 -8.10 28.45
N LEU C 248 18.54 -8.78 28.18
CA LEU C 248 17.25 -8.09 27.85
C LEU C 248 16.65 -7.39 29.06
N LEU C 249 16.94 -7.93 30.24
CA LEU C 249 16.58 -7.29 31.52
C LEU C 249 17.39 -6.05 31.83
N SER C 250 18.57 -5.96 31.24
CA SER C 250 19.51 -4.86 31.52
C SER C 250 19.15 -3.60 30.76
N ASP C 251 20.02 -2.58 30.87
CA ASP C 251 19.83 -1.31 30.15
C ASP C 251 20.44 -1.29 28.75
N TRP C 252 21.04 -2.41 28.34
CA TRP C 252 21.91 -2.47 27.12
C TRP C 252 21.22 -2.92 25.82
N LEU C 253 19.94 -3.22 25.89
CA LEU C 253 19.12 -3.35 24.70
C LEU C 253 17.84 -2.51 24.85
N PRO C 254 18.00 -1.17 24.88
CA PRO C 254 16.92 -0.24 25.23
C PRO C 254 15.95 0.08 24.13
N ALA C 255 16.25 -0.32 22.90
CA ALA C 255 15.42 0.07 21.74
C ALA C 255 14.70 -1.12 21.16
N THR C 256 14.76 -2.25 21.87
CA THR C 256 14.21 -3.49 21.38
C THR C 256 12.96 -3.81 22.19
N THR C 257 11.87 -4.07 21.47
CA THR C 257 10.61 -4.47 22.11
C THR C 257 9.65 -5.14 21.10
N GLY C 258 8.70 -5.93 21.61
CA GLY C 258 7.75 -6.66 20.74
C GLY C 258 8.48 -7.73 19.92
N ASP C 259 9.69 -8.02 20.35
CA ASP C 259 10.65 -8.71 19.52
C ASP C 259 11.08 -10.05 20.10
N ILE C 260 11.79 -10.79 19.26
CA ILE C 260 12.38 -12.08 19.60
C ILE C 260 13.91 -12.09 19.38
N ILE C 261 14.62 -12.40 20.46
CA ILE C 261 16.06 -12.65 20.44
C ILE C 261 16.38 -14.12 20.58
N TYR C 262 17.25 -14.60 19.71
CA TYR C 262 17.47 -16.06 19.57
C TYR C 262 18.73 -16.44 20.28
N ALA C 263 18.60 -17.16 21.37
CA ALA C 263 19.75 -17.75 22.07
C ALA C 263 19.82 -19.26 21.76
N ASP C 264 20.19 -19.56 20.52
CA ASP C 264 20.13 -20.93 20.01
C ASP C 264 21.36 -21.38 19.28
N GLY C 265 22.47 -20.72 19.52
CA GLY C 265 23.76 -21.04 18.80
C GLY C 265 23.78 -20.67 17.32
N GLY C 266 22.79 -19.89 16.88
CA GLY C 266 22.63 -19.52 15.47
C GLY C 266 21.95 -20.57 14.61
N ALA C 267 21.52 -21.68 15.22
CA ALA C 267 20.94 -22.79 14.46
C ALA C 267 19.79 -22.36 13.53
N HIS C 268 18.89 -21.49 14.03
CA HIS C 268 17.72 -21.07 13.22
C HIS C 268 18.11 -20.28 11.97
N THR C 269 19.34 -19.77 11.89
CA THR C 269 19.82 -19.09 10.69
C THR C 269 20.41 -20.02 9.61
N GLN C 270 20.46 -21.31 9.88
CA GLN C 270 21.12 -22.26 8.98
C GLN C 270 20.17 -23.37 8.58
N LEU C 271 20.08 -23.62 7.29
CA LEU C 271 19.30 -24.72 6.78
C LEU C 271 19.94 -26.07 7.16
N LEU C 272 21.20 -26.26 6.83
CA LEU C 272 21.94 -27.41 7.38
C LEU C 272 23.43 -27.13 7.49
N THR D 5 32.76 -2.07 37.31
CA THR D 5 33.04 -2.79 36.01
C THR D 5 32.29 -2.15 34.83
N GLY D 6 33.04 -1.89 33.78
CA GLY D 6 32.53 -1.64 32.45
C GLY D 6 32.08 -2.91 31.76
N LEU D 7 31.16 -2.75 30.80
CA LEU D 7 30.59 -3.87 30.05
C LEU D 7 31.58 -4.50 29.08
N LEU D 8 32.50 -3.69 28.56
CA LEU D 8 33.50 -4.16 27.58
C LEU D 8 34.94 -4.08 28.15
N ASP D 9 35.03 -4.25 29.46
CA ASP D 9 36.28 -4.07 30.18
C ASP D 9 37.38 -4.99 29.68
N GLY D 10 38.50 -4.36 29.32
CA GLY D 10 39.67 -5.09 28.85
C GLY D 10 39.45 -5.77 27.51
N LYS D 11 38.48 -5.29 26.73
CA LYS D 11 38.26 -5.81 25.38
C LYS D 11 38.96 -4.91 24.36
N ARG D 12 39.50 -5.53 23.31
CA ARG D 12 40.12 -4.77 22.20
C ARG D 12 39.18 -4.79 21.04
N ILE D 13 38.70 -3.62 20.65
CA ILE D 13 37.66 -3.55 19.63
C ILE D 13 38.01 -2.61 18.46
N LEU D 14 37.92 -3.16 17.25
CA LEU D 14 38.08 -2.39 16.04
C LEU D 14 36.73 -1.76 15.59
N VAL D 15 36.73 -0.45 15.39
CA VAL D 15 35.50 0.28 14.97
C VAL D 15 35.70 1.05 13.69
N SER D 16 35.00 0.63 12.66
CA SER D 16 35.06 1.32 11.37
C SER D 16 33.93 2.31 11.24
N GLY D 17 34.01 3.13 10.22
CA GLY D 17 32.89 3.93 9.76
C GLY D 17 32.69 5.31 10.41
N ILE D 18 33.66 5.81 11.17
CA ILE D 18 33.58 7.19 11.67
C ILE D 18 33.93 8.21 10.58
N ILE D 19 33.00 9.12 10.30
CA ILE D 19 33.24 10.25 9.39
C ILE D 19 32.86 11.63 10.02
N THR D 20 31.74 11.70 10.74
CA THR D 20 31.43 12.90 11.55
C THR D 20 31.07 12.48 12.95
N ASP D 21 30.85 13.45 13.84
CA ASP D 21 30.43 13.16 15.23
C ASP D 21 28.95 12.80 15.32
N SER D 22 28.25 12.87 14.21
CA SER D 22 26.86 12.35 14.12
C SER D 22 26.82 10.92 13.48
N SER D 23 28.00 10.37 13.15
CA SER D 23 28.11 9.00 12.64
C SER D 23 27.68 8.04 13.71
N ILE D 24 26.97 6.97 13.32
CA ILE D 24 26.55 5.94 14.29
C ILE D 24 27.80 5.35 14.90
N ALA D 25 28.83 5.16 14.05
CA ALA D 25 30.13 4.62 14.47
C ALA D 25 30.80 5.48 15.53
N PHE D 26 30.62 6.79 15.47
CA PHE D 26 31.20 7.67 16.47
C PHE D 26 30.64 7.37 17.87
N HIS D 27 29.32 7.24 17.94
CA HIS D 27 28.65 6.96 19.20
C HIS D 27 28.94 5.55 19.74
N ILE D 28 28.96 4.58 18.84
CA ILE D 28 29.38 3.23 19.19
C ILE D 28 30.74 3.27 19.90
N ALA D 29 31.70 3.89 19.25
CA ALA D 29 33.05 4.02 19.82
C ALA D 29 33.03 4.70 21.19
N ARG D 30 32.30 5.80 21.28
CA ARG D 30 32.19 6.55 22.53
CA ARG D 30 32.19 6.55 22.53
C ARG D 30 31.66 5.65 23.66
N VAL D 31 30.56 5.00 23.41
CA VAL D 31 29.91 4.18 24.44
C VAL D 31 30.80 3.03 24.81
N ALA D 32 31.44 2.45 23.81
CA ALA D 32 32.34 1.33 24.03
C ALA D 32 33.48 1.76 24.97
N GLN D 33 34.07 2.93 24.68
CA GLN D 33 35.14 3.46 25.49
C GLN D 33 34.66 3.80 26.89
N GLU D 34 33.49 4.45 26.99
CA GLU D 34 32.83 4.70 28.30
C GLU D 34 32.70 3.42 29.13
N GLN D 35 32.57 2.28 28.43
CA GLN D 35 32.40 0.93 29.03
C GLN D 35 33.68 0.11 29.18
N GLY D 36 34.83 0.75 28.94
CA GLY D 36 36.14 0.15 29.25
C GLY D 36 36.85 -0.55 28.09
N ALA D 37 36.25 -0.48 26.92
CA ALA D 37 36.86 -1.04 25.75
C ALA D 37 38.10 -0.22 25.37
N GLN D 38 39.11 -0.91 24.86
CA GLN D 38 40.28 -0.26 24.25
C GLN D 38 40.12 -0.39 22.73
N LEU D 39 40.07 0.73 22.03
CA LEU D 39 39.70 0.76 20.61
C LEU D 39 40.86 0.90 19.60
N VAL D 40 40.62 0.34 18.42
CA VAL D 40 41.37 0.65 17.20
C VAL D 40 40.37 1.16 16.18
N LEU D 41 40.62 2.35 15.61
CA LEU D 41 39.64 2.97 14.69
C LEU D 41 40.10 2.82 13.28
N THR D 42 39.17 2.71 12.33
CA THR D 42 39.53 2.79 10.89
C THR D 42 38.75 3.90 10.17
N GLY D 43 39.39 4.50 9.16
CA GLY D 43 38.80 5.57 8.38
C GLY D 43 39.02 5.47 6.88
N PHE D 44 38.11 6.08 6.12
CA PHE D 44 38.16 6.10 4.67
C PHE D 44 38.30 7.52 4.10
N ASP D 45 39.31 7.69 3.23
CA ASP D 45 39.44 8.87 2.40
C ASP D 45 39.85 10.13 3.21
N ARG D 46 38.86 10.78 3.86
CA ARG D 46 39.05 12.06 4.56
C ARG D 46 39.74 11.87 5.94
N LEU D 47 40.99 11.39 5.91
CA LEU D 47 41.73 10.97 7.12
C LEU D 47 42.07 12.10 8.10
N ARG D 48 42.39 13.27 7.55
CA ARG D 48 42.69 14.44 8.37
C ARG D 48 41.48 14.91 9.17
N LEU D 49 40.34 15.03 8.48
CA LEU D 49 39.06 15.34 9.13
C LEU D 49 38.73 14.32 10.22
N ILE D 50 38.75 13.04 9.85
CA ILE D 50 38.41 11.95 10.76
C ILE D 50 39.25 12.01 12.04
N GLN D 51 40.54 12.23 11.88
CA GLN D 51 41.49 12.34 13.01
C GLN D 51 41.04 13.43 13.98
N ARG D 52 40.64 14.55 13.42
CA ARG D 52 40.16 15.69 14.21
C ARG D 52 38.87 15.34 14.96
N ILE D 53 37.95 14.65 14.27
CA ILE D 53 36.69 14.17 14.87
C ILE D 53 36.94 13.21 16.03
N THR D 54 37.86 12.26 15.83
CA THR D 54 38.13 11.19 16.81
C THR D 54 38.91 11.68 18.03
N ASP D 55 39.55 12.84 17.91
CA ASP D 55 40.18 13.52 19.05
C ASP D 55 39.12 13.98 20.07
N ARG D 56 37.87 14.16 19.60
CA ARG D 56 36.72 14.47 20.46
C ARG D 56 36.15 13.23 21.25
N LEU D 57 36.62 12.03 20.94
CA LEU D 57 36.26 10.83 21.72
C LEU D 57 36.83 10.88 23.15
N PRO D 58 36.17 10.19 24.10
CA PRO D 58 36.63 10.19 25.50
C PRO D 58 38.09 9.84 25.70
N ALA D 59 38.59 8.93 24.88
CA ALA D 59 39.96 8.43 25.00
C ALA D 59 40.70 8.47 23.66
N LYS D 60 42.04 8.57 23.73
CA LYS D 60 42.92 8.50 22.53
C LYS D 60 42.90 7.08 21.97
N ALA D 61 42.95 6.95 20.65
CA ALA D 61 42.92 5.63 20.02
C ALA D 61 43.54 5.69 18.64
N PRO D 62 44.32 4.66 18.26
CA PRO D 62 45.01 4.69 16.97
C PRO D 62 44.05 4.69 15.80
N LEU D 63 44.32 5.54 14.83
CA LEU D 63 43.48 5.65 13.65
C LEU D 63 44.23 5.08 12.45
N LEU D 64 43.63 4.10 11.81
CA LEU D 64 44.22 3.44 10.66
C LEU D 64 43.36 3.68 9.44
N GLU D 65 43.99 3.63 8.28
CA GLU D 65 43.28 3.84 7.01
C GLU D 65 42.70 2.53 6.44
N LEU D 66 41.46 2.60 5.95
CA LEU D 66 40.79 1.47 5.34
C LEU D 66 39.69 1.88 4.36
N ASP D 67 40.04 1.83 3.09
CA ASP D 67 39.10 1.83 1.99
C ASP D 67 38.81 0.35 1.71
N VAL D 68 37.58 -0.10 2.02
CA VAL D 68 37.22 -1.52 1.87
C VAL D 68 37.26 -2.02 0.41
N GLN D 69 37.23 -1.11 -0.56
CA GLN D 69 37.45 -1.47 -1.97
C GLN D 69 38.95 -1.73 -2.35
N ASN D 70 39.87 -1.41 -1.45
CA ASN D 70 41.27 -1.59 -1.70
C ASN D 70 41.76 -2.94 -1.22
N GLU D 71 42.08 -3.83 -2.18
CA GLU D 71 42.58 -5.17 -1.86
C GLU D 71 43.91 -5.14 -1.06
N GLU D 72 44.73 -4.11 -1.29
CA GLU D 72 46.01 -3.96 -0.54
C GLU D 72 45.79 -3.54 0.91
N HIS D 73 44.85 -2.60 1.12
CA HIS D 73 44.46 -2.15 2.49
C HIS D 73 43.92 -3.30 3.35
N LEU D 74 43.16 -4.16 2.72
CA LEU D 74 42.63 -5.34 3.38
C LEU D 74 43.72 -6.39 3.67
N ALA D 75 44.56 -6.67 2.67
CA ALA D 75 45.62 -7.67 2.83
C ALA D 75 46.60 -7.26 3.93
N SER D 76 46.80 -5.96 4.11
CA SER D 76 47.74 -5.42 5.11
C SER D 76 47.08 -5.07 6.47
N LEU D 77 45.73 -5.11 6.53
CA LEU D 77 44.98 -4.61 7.70
C LEU D 77 45.32 -5.35 8.97
N ALA D 78 45.35 -6.67 8.90
CA ALA D 78 45.68 -7.50 10.08
C ALA D 78 47.03 -7.13 10.68
N GLY D 79 48.06 -7.07 9.82
CA GLY D 79 49.41 -6.69 10.24
C GLY D 79 49.44 -5.31 10.83
N ARG D 80 48.75 -4.38 10.19
CA ARG D 80 48.70 -2.99 10.64
C ARG D 80 48.00 -2.84 11.96
N VAL D 81 46.98 -3.66 12.20
CA VAL D 81 46.24 -3.63 13.50
C VAL D 81 47.12 -4.18 14.62
N THR D 82 47.78 -5.31 14.36
CA THR D 82 48.64 -5.96 15.35
C THR D 82 49.71 -4.99 15.87
N GLU D 83 50.36 -4.28 14.93
CA GLU D 83 51.30 -3.18 15.27
C GLU D 83 50.69 -2.16 16.25
N ALA D 84 49.44 -1.78 16.02
CA ALA D 84 48.77 -0.73 16.83
C ALA D 84 48.40 -1.22 18.20
N ILE D 85 48.01 -2.49 18.33
CA ILE D 85 47.61 -3.06 19.64
C ILE D 85 48.73 -3.85 20.32
N GLY D 86 49.84 -4.03 19.61
CA GLY D 86 50.98 -4.74 20.14
C GLY D 86 50.97 -6.22 19.82
N ALA D 87 52.12 -6.76 19.45
CA ALA D 87 52.26 -8.18 19.11
C ALA D 87 51.94 -9.08 20.31
N GLY D 88 51.36 -10.25 20.01
CA GLY D 88 50.90 -11.18 21.05
C GLY D 88 49.51 -10.84 21.55
N ASN D 89 48.95 -9.77 21.00
CA ASN D 89 47.58 -9.35 21.33
C ASN D 89 46.63 -9.58 20.16
N LYS D 90 45.38 -9.81 20.51
CA LYS D 90 44.34 -10.01 19.51
C LYS D 90 43.11 -9.17 19.80
N LEU D 91 42.27 -9.07 18.77
CA LEU D 91 41.00 -8.37 18.84
C LEU D 91 39.90 -9.23 19.46
N ASP D 92 39.09 -8.63 20.33
CA ASP D 92 37.85 -9.28 20.85
C ASP D 92 36.59 -8.85 20.06
N GLY D 93 36.71 -7.76 19.30
CA GLY D 93 35.56 -7.18 18.62
C GLY D 93 35.89 -6.44 17.35
N VAL D 94 34.96 -6.48 16.43
CA VAL D 94 35.06 -5.77 15.16
C VAL D 94 33.70 -5.17 14.88
N VAL D 95 33.68 -3.89 14.55
CA VAL D 95 32.44 -3.22 14.20
C VAL D 95 32.48 -2.68 12.75
N HIS D 96 31.56 -3.17 11.93
CA HIS D 96 31.37 -2.72 10.54
C HIS D 96 30.25 -1.72 10.53
N SER D 97 30.60 -0.47 10.33
CA SER D 97 29.60 0.58 10.26
C SER D 97 29.82 1.40 9.00
N ILE D 98 29.69 0.70 7.88
CA ILE D 98 30.01 1.22 6.59
C ILE D 98 28.87 0.95 5.59
N GLY D 99 28.54 1.96 4.80
CA GLY D 99 27.53 1.86 3.77
C GLY D 99 27.70 2.96 2.74
N PHE D 100 27.32 2.66 1.51
CA PHE D 100 27.41 3.62 0.42
C PHE D 100 26.61 3.19 -0.75
N MET D 101 25.86 4.11 -1.31
CA MET D 101 25.18 3.87 -2.55
C MET D 101 25.13 5.17 -3.38
N PRO D 102 25.67 5.13 -4.60
CA PRO D 102 25.54 6.32 -5.42
C PRO D 102 24.10 6.83 -5.49
N GLN D 103 23.96 8.16 -5.56
CA GLN D 103 22.63 8.83 -5.60
C GLN D 103 21.78 8.32 -6.79
N THR D 104 22.42 7.71 -7.76
CA THR D 104 21.73 7.09 -8.88
C THR D 104 20.89 5.84 -8.50
N GLY D 105 21.27 5.17 -7.42
CA GLY D 105 20.57 3.96 -6.96
C GLY D 105 19.73 4.20 -5.72
N MET D 106 19.66 5.47 -5.31
CA MET D 106 18.88 5.94 -4.18
C MET D 106 17.96 7.08 -4.66
N GLY D 107 17.12 7.47 -3.72
CA GLY D 107 16.38 8.79 -3.62
C GLY D 107 15.24 8.95 -4.61
N ILE D 108 15.23 10.11 -5.27
CA ILE D 108 14.18 10.46 -6.25
C ILE D 108 14.46 9.87 -7.62
N ASN D 109 15.70 9.46 -7.89
CA ASN D 109 16.06 8.84 -9.17
C ASN D 109 15.35 7.46 -9.30
N PRO D 110 14.64 7.23 -10.44
CA PRO D 110 13.86 6.00 -10.49
C PRO D 110 14.67 4.70 -10.28
N PHE D 111 14.00 3.72 -9.69
CA PHE D 111 14.60 2.40 -9.44
C PHE D 111 15.28 1.78 -10.68
N PHE D 112 14.60 1.87 -11.82
CA PHE D 112 15.06 1.28 -13.08
C PHE D 112 16.23 2.00 -13.75
N ASP D 113 16.47 3.27 -13.38
CA ASP D 113 17.51 4.08 -14.05
C ASP D 113 18.85 4.01 -13.35
N ALA D 114 18.98 3.15 -12.35
CA ALA D 114 20.27 2.91 -11.71
C ALA D 114 21.12 1.96 -12.61
N PRO D 115 22.29 2.44 -13.10
CA PRO D 115 23.14 1.57 -13.90
C PRO D 115 23.92 0.61 -13.02
N TYR D 116 24.10 -0.63 -13.50
CA TYR D 116 24.63 -1.68 -12.66
C TYR D 116 25.97 -1.33 -12.00
N ALA D 117 26.83 -0.63 -12.73
CA ALA D 117 28.14 -0.22 -12.21
C ALA D 117 28.04 0.51 -10.89
N ASP D 118 27.02 1.35 -10.77
CA ASP D 118 26.80 2.11 -9.55
C ASP D 118 26.26 1.17 -8.48
N VAL D 119 25.31 0.34 -8.89
CA VAL D 119 24.73 -0.66 -8.00
C VAL D 119 25.80 -1.60 -7.44
N SER D 120 26.64 -2.11 -8.33
CA SER D 120 27.74 -3.02 -7.97
C SER D 120 28.71 -2.38 -6.99
N LYS D 121 29.03 -1.12 -7.21
CA LYS D 121 29.90 -0.42 -6.27
C LYS D 121 29.27 -0.31 -4.85
N GLY D 122 27.97 -0.09 -4.80
CA GLY D 122 27.28 0.01 -3.52
C GLY D 122 27.17 -1.30 -2.76
N ILE D 123 26.92 -2.37 -3.48
CA ILE D 123 26.93 -3.72 -2.88
C ILE D 123 28.33 -4.13 -2.39
N HIS D 124 29.34 -3.77 -3.17
CA HIS D 124 30.75 -4.02 -2.82
C HIS D 124 31.07 -3.42 -1.47
N ILE D 125 30.73 -2.13 -1.33
CA ILE D 125 31.04 -1.39 -0.11
C ILE D 125 30.12 -1.79 1.04
N SER D 126 28.85 -1.98 0.73
CA SER D 126 27.80 -2.13 1.76
C SER D 126 27.57 -3.55 2.25
N ALA D 127 27.83 -4.53 1.40
CA ALA D 127 27.60 -5.97 1.75
C ALA D 127 28.86 -6.81 1.70
N TYR D 128 29.47 -6.90 0.52
CA TYR D 128 30.69 -7.73 0.34
C TYR D 128 31.77 -7.41 1.34
N SER D 129 31.96 -6.11 1.55
CA SER D 129 32.99 -5.64 2.47
C SER D 129 32.86 -6.24 3.89
N TYR D 130 31.64 -6.64 4.26
CA TYR D 130 31.41 -7.27 5.56
C TYR D 130 32.15 -8.63 5.62
N ALA D 131 32.06 -9.37 4.52
CA ALA D 131 32.79 -10.61 4.37
C ALA D 131 34.29 -10.42 4.31
N SER D 132 34.74 -9.45 3.52
CA SER D 132 36.21 -9.22 3.37
C SER D 132 36.89 -8.68 4.66
N MET D 133 36.20 -7.78 5.38
CA MET D 133 36.67 -7.36 6.75
C MET D 133 36.78 -8.56 7.70
N ALA D 134 35.79 -9.46 7.66
CA ALA D 134 35.82 -10.66 8.50
C ALA D 134 37.00 -11.59 8.14
N LYS D 135 37.19 -11.82 6.85
CA LYS D 135 38.38 -12.55 6.34
C LYS D 135 39.71 -11.96 6.85
N ALA D 136 39.84 -10.64 6.75
CA ALA D 136 41.08 -9.96 7.10
C ALA D 136 41.39 -10.07 8.58
N LEU D 137 40.35 -10.01 9.40
CA LEU D 137 40.49 -9.83 10.86
C LEU D 137 40.25 -11.08 11.73
N LEU D 138 39.54 -12.09 11.23
CA LEU D 138 39.32 -13.30 12.01
C LEU D 138 40.62 -13.95 12.50
N PRO D 139 41.65 -14.07 11.63
CA PRO D 139 42.91 -14.71 12.06
C PRO D 139 43.55 -14.01 13.26
N ILE D 140 43.21 -12.72 13.49
CA ILE D 140 43.68 -11.99 14.67
C ILE D 140 42.58 -11.70 15.71
N MET D 141 41.56 -12.56 15.77
CA MET D 141 40.49 -12.42 16.78
C MET D 141 40.55 -13.51 17.82
N ASN D 142 40.21 -13.15 19.05
CA ASN D 142 40.13 -14.11 20.16
C ASN D 142 38.85 -14.90 20.14
N PRO D 143 38.87 -16.11 20.70
CA PRO D 143 37.59 -16.77 20.92
C PRO D 143 36.74 -15.99 21.91
N GLY D 144 35.43 -16.10 21.74
CA GLY D 144 34.46 -15.35 22.58
C GLY D 144 34.14 -14.03 21.95
N GLY D 145 34.85 -13.71 20.88
CA GLY D 145 34.77 -12.42 20.26
C GLY D 145 33.59 -12.27 19.34
N SER D 146 33.39 -11.04 18.90
CA SER D 146 32.13 -10.66 18.24
C SER D 146 32.37 -9.71 17.07
N ILE D 147 31.66 -9.98 15.98
CA ILE D 147 31.66 -9.12 14.83
C ILE D 147 30.25 -8.57 14.66
N VAL D 148 30.19 -7.25 14.49
CA VAL D 148 28.93 -6.56 14.36
C VAL D 148 28.89 -5.61 13.17
N GLY D 149 27.84 -5.75 12.40
CA GLY D 149 27.57 -4.84 11.25
C GLY D 149 26.24 -4.12 11.39
N MET D 150 26.14 -2.96 10.71
CA MET D 150 24.91 -2.14 10.74
C MET D 150 23.95 -2.41 9.56
N ASP D 151 22.69 -2.69 9.92
CA ASP D 151 21.65 -3.08 8.97
C ASP D 151 20.49 -2.03 9.03
N PHE D 152 19.68 -2.00 7.98
CA PHE D 152 18.42 -1.26 7.96
C PHE D 152 17.40 -2.18 7.29
N ASP D 153 16.32 -2.48 8.02
CA ASP D 153 15.48 -3.64 7.69
C ASP D 153 15.03 -3.60 6.26
N PRO D 154 15.49 -4.56 5.42
CA PRO D 154 15.15 -4.55 4.01
C PRO D 154 14.10 -5.55 3.58
N SER D 155 13.39 -6.13 4.54
CA SER D 155 12.43 -7.23 4.23
C SER D 155 11.19 -6.76 3.52
N ARG D 156 10.93 -5.47 3.57
CA ARG D 156 9.84 -4.85 2.80
C ARG D 156 10.40 -3.71 1.96
N ALA D 157 9.85 -3.52 0.78
CA ALA D 157 10.29 -2.42 -0.07
C ALA D 157 9.77 -1.10 0.49
N MET D 158 10.49 -0.02 0.21
CA MET D 158 10.10 1.32 0.61
C MET D 158 10.54 2.35 -0.41
N PRO D 159 9.87 3.51 -0.45
CA PRO D 159 10.34 4.55 -1.36
C PRO D 159 11.76 5.06 -1.07
N ALA D 160 12.46 5.43 -2.14
CA ALA D 160 13.76 6.16 -2.10
C ALA D 160 14.97 5.27 -1.83
N TYR D 161 14.94 4.54 -0.74
CA TYR D 161 16.07 3.74 -0.30
C TYR D 161 16.53 2.75 -1.40
N ASN D 162 15.56 2.33 -2.21
CA ASN D 162 15.81 1.67 -3.48
C ASN D 162 16.94 0.59 -3.44
N TRP D 163 17.99 0.77 -4.23
CA TRP D 163 19.06 -0.25 -4.34
C TRP D 163 19.87 -0.40 -3.04
N MET D 164 19.84 0.60 -2.17
CA MET D 164 20.48 0.41 -0.86
C MET D 164 19.73 -0.68 -0.06
N THR D 165 18.42 -0.75 -0.26
CA THR D 165 17.62 -1.81 0.37
C THR D 165 18.08 -3.17 -0.13
N VAL D 166 18.27 -3.26 -1.44
CA VAL D 166 18.82 -4.50 -2.06
C VAL D 166 20.17 -4.86 -1.43
N ALA D 167 21.03 -3.85 -1.24
CA ALA D 167 22.38 -4.08 -0.63
C ALA D 167 22.28 -4.60 0.79
N LYS D 168 21.29 -4.10 1.55
CA LYS D 168 21.02 -4.58 2.92
C LYS D 168 20.45 -6.00 2.91
N SER D 169 19.63 -6.33 1.92
CA SER D 169 19.15 -7.69 1.77
C SER D 169 20.35 -8.62 1.53
N ALA D 170 21.29 -8.15 0.71
CA ALA D 170 22.49 -8.91 0.41
C ALA D 170 23.35 -9.04 1.65
N LEU D 171 23.47 -7.97 2.41
CA LEU D 171 24.32 -7.95 3.60
C LEU D 171 23.86 -8.95 4.63
N GLU D 172 22.56 -9.05 4.78
CA GLU D 172 21.95 -9.99 5.74
C GLU D 172 22.29 -11.41 5.39
N SER D 173 22.13 -11.74 4.12
CA SER D 173 22.55 -13.07 3.61
C SER D 173 24.06 -13.29 3.91
N VAL D 174 24.90 -12.32 3.53
CA VAL D 174 26.35 -12.37 3.79
C VAL D 174 26.68 -12.66 5.28
N ASN D 175 25.99 -11.97 6.18
CA ASN D 175 26.22 -12.16 7.63
C ASN D 175 25.98 -13.61 8.10
N ARG D 176 25.02 -14.32 7.48
CA ARG D 176 24.76 -15.72 7.81
C ARG D 176 25.88 -16.65 7.41
N PHE D 177 26.55 -16.35 6.30
CA PHE D 177 27.69 -17.12 5.89
C PHE D 177 28.94 -16.77 6.64
N VAL D 178 29.10 -15.49 6.93
CA VAL D 178 30.27 -15.07 7.70
C VAL D 178 30.21 -15.74 9.06
N ALA D 179 29.01 -15.91 9.63
CA ALA D 179 28.84 -16.59 10.93
C ALA D 179 29.40 -18.01 10.87
N ARG D 180 29.17 -18.70 9.77
CA ARG D 180 29.70 -20.06 9.59
C ARG D 180 31.20 -20.06 9.68
N GLU D 181 31.84 -19.12 8.98
CA GLU D 181 33.30 -19.00 9.02
C GLU D 181 33.77 -18.57 10.40
N ALA D 182 33.05 -17.61 10.98
CA ALA D 182 33.44 -17.00 12.26
C ALA D 182 33.34 -17.98 13.44
N GLY D 183 32.42 -18.92 13.34
CA GLY D 183 32.21 -19.93 14.37
C GLY D 183 33.42 -20.80 14.61
N LYS D 184 34.16 -21.09 13.53
CA LYS D 184 35.38 -21.88 13.60
C LYS D 184 36.39 -21.27 14.56
N TYR D 185 36.37 -19.96 14.68
CA TYR D 185 37.26 -19.20 15.58
C TYR D 185 36.70 -18.95 16.98
N GLY D 186 35.50 -19.48 17.26
CA GLY D 186 34.76 -19.12 18.49
C GLY D 186 34.19 -17.70 18.50
N VAL D 187 33.92 -17.17 17.31
CA VAL D 187 33.58 -15.79 17.13
C VAL D 187 32.17 -15.67 16.56
N ARG D 188 31.37 -14.79 17.16
CA ARG D 188 29.99 -14.55 16.74
CA ARG D 188 29.99 -14.55 16.74
C ARG D 188 29.92 -13.45 15.67
N SER D 189 28.86 -13.51 14.85
CA SER D 189 28.64 -12.54 13.79
C SER D 189 27.19 -12.15 13.75
N ASN D 190 26.93 -10.85 13.84
CA ASN D 190 25.55 -10.36 13.85
C ASN D 190 25.39 -8.95 13.27
N LEU D 191 24.17 -8.65 12.87
CA LEU D 191 23.82 -7.32 12.46
C LEU D 191 22.87 -6.65 13.47
N VAL D 192 23.01 -5.34 13.60
CA VAL D 192 22.04 -4.52 14.29
C VAL D 192 21.22 -3.74 13.28
N ALA D 193 19.95 -4.07 13.22
CA ALA D 193 19.03 -3.41 12.31
C ALA D 193 18.48 -2.21 13.04
N ALA D 194 19.09 -1.04 12.78
CA ALA D 194 18.71 0.22 13.44
C ALA D 194 17.56 0.93 12.77
N GLY D 195 16.83 1.67 13.60
CA GLY D 195 15.83 2.65 13.12
C GLY D 195 16.53 3.85 12.50
N PRO D 196 15.78 4.69 11.77
CA PRO D 196 16.35 5.85 11.09
C PRO D 196 17.02 6.87 12.03
N ILE D 197 18.25 7.24 11.71
CA ILE D 197 19.08 8.12 12.54
C ILE D 197 19.50 9.34 11.71
N ARG D 198 19.25 10.52 12.25
CA ARG D 198 19.54 11.80 11.55
C ARG D 198 21.04 12.05 11.52
N THR D 199 21.74 11.42 10.58
CA THR D 199 23.14 11.75 10.35
C THR D 199 23.17 13.05 9.56
N LEU D 200 24.35 13.65 9.44
CA LEU D 200 24.48 14.92 8.69
C LEU D 200 23.97 14.73 7.27
N ALA D 201 24.38 13.60 6.66
CA ALA D 201 23.91 13.20 5.31
C ALA D 201 22.37 13.20 5.23
N MET D 202 21.73 12.45 6.14
CA MET D 202 20.27 12.46 6.30
C MET D 202 19.81 13.89 6.60
N GLU D 222 10.08 8.95 9.19
CA GLU D 222 10.44 9.11 10.57
C GLU D 222 9.21 9.21 11.49
N GLU D 223 8.24 10.06 11.11
CA GLU D 223 7.04 10.26 11.93
C GLU D 223 6.31 8.95 12.17
N GLY D 224 6.10 8.18 11.09
CA GLY D 224 5.45 6.85 11.17
C GLY D 224 6.24 5.84 11.99
N TRP D 225 7.54 5.98 11.98
CA TRP D 225 8.43 5.09 12.77
C TRP D 225 8.24 5.25 14.27
N ASP D 226 8.27 6.50 14.72
CA ASP D 226 8.10 6.84 16.12
C ASP D 226 6.69 6.46 16.59
N GLN D 227 5.71 6.65 15.71
CA GLN D 227 4.32 6.27 16.00
C GLN D 227 4.17 4.79 16.26
N ARG D 228 4.64 4.01 15.29
CA ARG D 228 4.65 2.53 15.35
C ARG D 228 5.43 1.95 16.54
N ALA D 229 6.61 2.52 16.79
CA ALA D 229 7.47 2.04 17.87
C ALA D 229 6.72 2.11 19.21
N PRO D 230 6.53 0.95 19.89
CA PRO D 230 5.85 1.01 21.17
C PRO D 230 6.56 1.84 22.25
N ILE D 231 7.86 1.90 22.21
CA ILE D 231 8.60 2.76 23.14
C ILE D 231 9.09 4.05 22.47
N GLY D 232 8.48 4.41 21.34
CA GLY D 232 8.91 5.61 20.61
C GLY D 232 10.26 5.48 19.92
N TRP D 233 10.54 6.46 19.07
CA TRP D 233 11.81 6.50 18.36
C TRP D 233 12.30 7.91 18.10
N ASN D 234 13.50 8.19 18.61
CA ASN D 234 14.15 9.49 18.46
C ASN D 234 15.29 9.48 17.39
N MET D 235 15.00 10.06 16.22
CA MET D 235 15.89 10.08 15.08
C MET D 235 17.16 10.82 15.40
N LYS D 236 17.06 11.75 16.35
CA LYS D 236 18.22 12.56 16.77
C LYS D 236 19.17 11.81 17.76
N ASP D 237 18.75 10.66 18.31
CA ASP D 237 19.52 9.96 19.34
C ASP D 237 20.05 8.62 18.84
N ALA D 238 21.38 8.54 18.69
CA ALA D 238 22.04 7.33 18.23
C ALA D 238 22.50 6.43 19.36
N THR D 239 22.38 6.93 20.59
CA THR D 239 22.86 6.22 21.81
C THR D 239 22.23 4.81 22.01
N PRO D 240 20.88 4.70 21.91
CA PRO D 240 20.28 3.40 22.10
C PRO D 240 20.81 2.34 21.13
N VAL D 241 21.08 2.74 19.88
CA VAL D 241 21.64 1.76 18.90
C VAL D 241 23.10 1.45 19.22
N ALA D 242 23.86 2.43 19.70
CA ALA D 242 25.25 2.20 20.12
C ALA D 242 25.35 1.20 21.26
N LYS D 243 24.41 1.30 22.18
CA LYS D 243 24.36 0.38 23.33
C LYS D 243 24.05 -1.03 22.89
N THR D 244 23.16 -1.13 21.92
CA THR D 244 22.77 -2.42 21.37
C THR D 244 23.99 -3.12 20.73
N VAL D 245 24.79 -2.34 20.01
CA VAL D 245 26.03 -2.84 19.43
C VAL D 245 26.98 -3.28 20.55
N CYS D 246 27.18 -2.43 21.54
CA CYS D 246 28.01 -2.79 22.70
C CYS D 246 27.52 -4.08 23.37
N ALA D 247 26.20 -4.27 23.42
CA ALA D 247 25.61 -5.47 23.97
C ALA D 247 26.07 -6.72 23.20
N LEU D 248 26.00 -6.64 21.88
CA LEU D 248 26.44 -7.77 21.03
C LEU D 248 27.95 -7.99 21.10
N LEU D 249 28.70 -6.91 21.34
CA LEU D 249 30.15 -6.99 21.53
C LEU D 249 30.53 -7.60 22.85
N SER D 250 29.61 -7.56 23.80
CA SER D 250 29.86 -8.05 25.16
C SER D 250 29.72 -9.56 25.26
N ASP D 251 29.85 -10.07 26.47
CA ASP D 251 29.73 -11.49 26.72
C ASP D 251 28.29 -11.95 26.98
N TRP D 252 27.33 -11.00 26.94
CA TRP D 252 25.93 -11.22 27.44
C TRP D 252 24.90 -11.67 26.40
N LEU D 253 25.35 -11.82 25.16
CA LEU D 253 24.56 -12.53 24.15
C LEU D 253 25.43 -13.60 23.45
N PRO D 254 25.84 -14.62 24.21
CA PRO D 254 26.86 -15.59 23.77
C PRO D 254 26.36 -16.70 22.88
N ALA D 255 25.06 -16.83 22.73
CA ALA D 255 24.47 -17.92 21.93
C ALA D 255 23.78 -17.41 20.63
N THR D 256 24.03 -16.15 20.31
CA THR D 256 23.42 -15.51 19.15
C THR D 256 24.49 -15.29 18.07
N THR D 257 24.20 -15.75 16.87
CA THR D 257 25.09 -15.56 15.74
C THR D 257 24.37 -15.81 14.41
N GLY D 258 24.91 -15.25 13.33
CA GLY D 258 24.24 -15.30 12.00
C GLY D 258 22.92 -14.54 12.00
N ASP D 259 22.76 -13.69 12.99
CA ASP D 259 21.44 -13.15 13.36
C ASP D 259 21.34 -11.65 13.26
N ILE D 260 20.09 -11.18 13.39
CA ILE D 260 19.73 -9.77 13.36
C ILE D 260 18.97 -9.36 14.62
N ILE D 261 19.55 -8.38 15.31
CA ILE D 261 18.92 -7.72 16.45
C ILE D 261 18.45 -6.34 16.05
N TYR D 262 17.22 -6.04 16.42
CA TYR D 262 16.57 -4.84 15.98
C TYR D 262 16.63 -3.80 17.07
N ALA D 263 17.40 -2.75 16.83
CA ALA D 263 17.36 -1.56 17.69
C ALA D 263 16.56 -0.46 16.99
N ASP D 264 15.26 -0.65 16.92
CA ASP D 264 14.38 0.25 16.16
C ASP D 264 13.12 0.70 16.91
N GLY D 265 13.15 0.59 18.23
CA GLY D 265 11.99 0.97 19.09
C GLY D 265 10.81 0.00 18.99
N GLY D 266 11.04 -1.16 18.38
CA GLY D 266 9.98 -2.14 18.13
C GLY D 266 9.13 -1.86 16.92
N ALA D 267 9.48 -0.82 16.15
CA ALA D 267 8.65 -0.38 15.01
C ALA D 267 8.38 -1.53 13.99
N HIS D 268 9.42 -2.30 13.66
CA HIS D 268 9.27 -3.41 12.68
C HIS D 268 8.30 -4.52 13.16
N THR D 269 7.92 -4.55 14.44
CA THR D 269 6.91 -5.55 14.95
C THR D 269 5.48 -5.09 14.86
N GLN D 270 5.29 -3.88 14.38
CA GLN D 270 3.95 -3.25 14.38
C GLN D 270 3.55 -2.81 12.97
N LEU D 271 2.35 -3.20 12.55
CA LEU D 271 1.80 -2.76 11.26
C LEU D 271 1.45 -1.26 11.32
N LEU D 272 0.67 -0.86 12.31
CA LEU D 272 0.52 0.58 12.60
C LEU D 272 0.21 0.87 14.05
N THR E 5 -12.65 -25.61 -20.72
CA THR E 5 -12.56 -26.40 -19.44
C THR E 5 -12.48 -25.46 -18.23
N GLY E 6 -13.35 -25.74 -17.27
CA GLY E 6 -13.33 -25.11 -15.96
C GLY E 6 -12.08 -25.55 -15.21
N LEU E 7 -11.63 -24.68 -14.32
CA LEU E 7 -10.40 -24.90 -13.55
C LEU E 7 -10.56 -26.03 -12.55
N LEU E 8 -11.76 -26.19 -12.04
CA LEU E 8 -12.04 -27.17 -11.00
C LEU E 8 -13.03 -28.25 -11.52
N ASP E 9 -12.95 -28.51 -12.81
CA ASP E 9 -13.88 -29.40 -13.48
C ASP E 9 -13.87 -30.82 -12.91
N GLY E 10 -15.07 -31.28 -12.54
CA GLY E 10 -15.24 -32.60 -11.97
C GLY E 10 -14.58 -32.78 -10.62
N LYS E 11 -14.33 -31.69 -9.91
CA LYS E 11 -13.81 -31.77 -8.54
C LYS E 11 -14.93 -31.69 -7.54
N ARG E 12 -14.80 -32.44 -6.45
CA ARG E 12 -15.79 -32.41 -5.39
C ARG E 12 -15.21 -31.62 -4.23
N ILE E 13 -15.84 -30.49 -3.90
CA ILE E 13 -15.25 -29.56 -2.93
C ILE E 13 -16.21 -29.16 -1.80
N LEU E 14 -15.74 -29.37 -0.58
CA LEU E 14 -16.47 -28.95 0.59
C LEU E 14 -16.12 -27.50 0.95
N VAL E 15 -17.15 -26.65 1.09
CA VAL E 15 -16.96 -25.26 1.45
C VAL E 15 -17.71 -24.91 2.69
N SER E 16 -16.96 -24.57 3.73
CA SER E 16 -17.57 -24.08 5.00
C SER E 16 -17.61 -22.58 5.05
N GLY E 17 -18.32 -22.07 6.04
CA GLY E 17 -18.26 -20.66 6.42
C GLY E 17 -19.18 -19.66 5.73
N ILE E 18 -20.16 -20.14 4.98
CA ILE E 18 -21.13 -19.21 4.39
C ILE E 18 -22.17 -18.81 5.45
N ILE E 19 -22.30 -17.50 5.67
CA ILE E 19 -23.36 -16.95 6.55
C ILE E 19 -24.17 -15.81 5.87
N THR E 20 -23.51 -14.94 5.11
CA THR E 20 -24.22 -13.99 4.22
C THR E 20 -23.65 -14.06 2.83
N ASP E 21 -24.26 -13.32 1.91
CA ASP E 21 -23.74 -13.22 0.50
C ASP E 21 -22.53 -12.31 0.36
N SER E 22 -22.15 -11.64 1.45
CA SER E 22 -20.88 -10.89 1.48
C SER E 22 -19.77 -11.70 2.18
N SER E 23 -20.09 -12.94 2.60
CA SER E 23 -19.07 -13.86 3.18
C SER E 23 -18.02 -14.20 2.13
N ILE E 24 -16.76 -14.28 2.53
CA ILE E 24 -15.71 -14.65 1.59
C ILE E 24 -16.04 -16.04 1.05
N ALA E 25 -16.52 -16.90 1.95
CA ALA E 25 -16.91 -18.28 1.60
C ALA E 25 -17.97 -18.32 0.53
N PHE E 26 -18.85 -17.34 0.54
CA PHE E 26 -19.91 -17.31 -0.48
C PHE E 26 -19.28 -17.15 -1.87
N HIS E 27 -18.34 -16.21 -1.99
CA HIS E 27 -17.69 -15.92 -3.27
C HIS E 27 -16.79 -17.06 -3.74
N ILE E 28 -16.08 -17.67 -2.79
CA ILE E 28 -15.27 -18.87 -3.08
C ILE E 28 -16.14 -19.93 -3.74
N ALA E 29 -17.26 -20.24 -3.10
CA ALA E 29 -18.21 -21.22 -3.62
C ALA E 29 -18.70 -20.86 -5.01
N ARG E 30 -19.08 -19.60 -5.18
CA ARG E 30 -19.57 -19.10 -6.47
CA ARG E 30 -19.57 -19.08 -6.47
C ARG E 30 -18.54 -19.31 -7.58
N VAL E 31 -17.32 -18.83 -7.34
CA VAL E 31 -16.26 -18.93 -8.35
C VAL E 31 -15.90 -20.37 -8.63
N ALA E 32 -15.87 -21.18 -7.59
CA ALA E 32 -15.60 -22.59 -7.73
C ALA E 32 -16.63 -23.27 -8.65
N GLN E 33 -17.91 -22.98 -8.39
CA GLN E 33 -19.02 -23.51 -9.19
C GLN E 33 -18.95 -23.00 -10.62
N GLU E 34 -18.71 -21.70 -10.79
CA GLU E 34 -18.46 -21.10 -12.12
C GLU E 34 -17.39 -21.86 -12.89
N GLN E 35 -16.45 -22.42 -12.15
CA GLN E 35 -15.30 -23.18 -12.70
C GLN E 35 -15.49 -24.69 -12.76
N GLY E 36 -16.71 -25.16 -12.51
CA GLY E 36 -17.07 -26.56 -12.75
C GLY E 36 -17.02 -27.48 -11.55
N ALA E 37 -16.70 -26.92 -10.41
CA ALA E 37 -16.64 -27.69 -9.20
C ALA E 37 -18.05 -28.13 -8.82
N GLN E 38 -18.15 -29.32 -8.25
CA GLN E 38 -19.38 -29.82 -7.63
C GLN E 38 -19.20 -29.69 -6.09
N LEU E 39 -20.08 -28.91 -5.45
CA LEU E 39 -19.89 -28.51 -4.05
C LEU E 39 -20.73 -29.26 -3.04
N VAL E 40 -20.15 -29.38 -1.84
CA VAL E 40 -20.89 -29.70 -0.62
C VAL E 40 -20.67 -28.54 0.36
N LEU E 41 -21.75 -27.96 0.87
CA LEU E 41 -21.65 -26.76 1.73
C LEU E 41 -21.86 -27.15 3.16
N THR E 42 -21.21 -26.44 4.09
CA THR E 42 -21.54 -26.61 5.53
C THR E 42 -21.92 -25.28 6.19
N GLY E 43 -22.79 -25.37 7.20
CA GLY E 43 -23.26 -24.19 7.92
C GLY E 43 -23.39 -24.37 9.43
N PHE E 44 -23.34 -23.25 10.14
CA PHE E 44 -23.46 -23.22 11.59
C PHE E 44 -24.69 -22.44 12.08
N ASP E 45 -25.46 -23.10 12.96
CA ASP E 45 -26.52 -22.46 13.75
C ASP E 45 -27.68 -21.99 12.86
N ARG E 46 -27.50 -20.86 12.17
CA ARG E 46 -28.59 -20.21 11.41
C ARG E 46 -28.83 -20.90 10.07
N LEU E 47 -29.25 -22.18 10.12
CA LEU E 47 -29.31 -23.03 8.93
C LEU E 47 -30.40 -22.62 7.94
N ARG E 48 -31.52 -22.11 8.45
CA ARG E 48 -32.63 -21.65 7.58
C ARG E 48 -32.18 -20.43 6.76
N LEU E 49 -31.57 -19.44 7.42
CA LEU E 49 -30.98 -18.26 6.73
C LEU E 49 -29.97 -18.71 5.67
N ILE E 50 -29.01 -19.53 6.09
CA ILE E 50 -27.90 -19.99 5.22
C ILE E 50 -28.42 -20.68 3.95
N GLN E 51 -29.40 -21.56 4.13
CA GLN E 51 -30.08 -22.23 3.03
C GLN E 51 -30.64 -21.21 2.00
N ARG E 52 -31.26 -20.16 2.51
CA ARG E 52 -31.80 -19.08 1.68
C ARG E 52 -30.69 -18.39 0.91
N ILE E 53 -29.59 -18.10 1.62
CA ILE E 53 -28.42 -17.43 1.03
C ILE E 53 -27.81 -18.27 -0.08
N THR E 54 -27.66 -19.57 0.18
CA THR E 54 -27.00 -20.50 -0.75
C THR E 54 -27.85 -20.85 -1.97
N ASP E 55 -29.16 -20.59 -1.90
CA ASP E 55 -30.01 -20.68 -3.08
C ASP E 55 -29.61 -19.64 -4.11
N ARG E 56 -28.99 -18.55 -3.66
CA ARG E 56 -28.48 -17.48 -4.54
C ARG E 56 -27.15 -17.83 -5.24
N LEU E 57 -26.55 -18.96 -4.90
CA LEU E 57 -25.41 -19.50 -5.67
C LEU E 57 -25.80 -19.98 -7.08
N PRO E 58 -24.83 -19.97 -8.03
CA PRO E 58 -25.11 -20.38 -9.41
C PRO E 58 -25.74 -21.74 -9.56
N ALA E 59 -25.37 -22.64 -8.67
CA ALA E 59 -25.87 -24.02 -8.71
C ALA E 59 -26.39 -24.49 -7.33
N LYS E 60 -27.33 -25.44 -7.37
CA LYS E 60 -27.86 -26.10 -6.18
C LYS E 60 -26.77 -26.99 -5.59
N ALA E 61 -26.71 -27.06 -4.27
CA ALA E 61 -25.67 -27.87 -3.60
C ALA E 61 -26.11 -28.26 -2.21
N PRO E 62 -25.82 -29.50 -1.80
CA PRO E 62 -26.31 -29.96 -0.47
C PRO E 62 -25.72 -29.16 0.67
N LEU E 63 -26.58 -28.78 1.61
CA LEU E 63 -26.17 -28.03 2.75
C LEU E 63 -26.22 -28.90 3.97
N LEU E 64 -25.08 -29.01 4.64
CA LEU E 64 -24.95 -29.86 5.85
C LEU E 64 -24.62 -29.00 7.05
N GLU E 65 -25.01 -29.47 8.24
CA GLU E 65 -24.78 -28.72 9.46
C GLU E 65 -23.40 -29.06 10.07
N LEU E 66 -22.70 -28.02 10.50
CA LEU E 66 -21.39 -28.17 11.17
C LEU E 66 -21.07 -27.01 12.10
N ASP E 67 -21.28 -27.25 13.38
CA ASP E 67 -20.72 -26.47 14.45
C ASP E 67 -19.38 -27.13 14.76
N VAL E 68 -18.29 -26.48 14.41
CA VAL E 68 -16.97 -27.04 14.63
C VAL E 68 -16.62 -27.27 16.12
N GLN E 69 -17.32 -26.61 17.03
CA GLN E 69 -17.19 -26.91 18.49
C GLN E 69 -17.88 -28.23 18.94
N ASN E 70 -18.69 -28.82 18.08
CA ASN E 70 -19.41 -30.04 18.38
C ASN E 70 -18.64 -31.30 17.96
N GLU E 71 -18.13 -32.04 18.94
CA GLU E 71 -17.39 -33.27 18.71
C GLU E 71 -18.25 -34.33 17.97
N GLU E 72 -19.56 -34.32 18.20
CA GLU E 72 -20.47 -35.24 17.49
C GLU E 72 -20.63 -34.90 16.00
N HIS E 73 -20.76 -33.61 15.71
CA HIS E 73 -20.88 -33.11 14.32
C HIS E 73 -19.67 -33.47 13.49
N LEU E 74 -18.52 -33.40 14.14
CA LEU E 74 -17.25 -33.72 13.50
C LEU E 74 -17.11 -35.21 13.29
N ALA E 75 -17.45 -35.99 14.33
CA ALA E 75 -17.34 -37.47 14.23
C ALA E 75 -18.23 -38.03 13.14
N SER E 76 -19.37 -37.37 12.90
CA SER E 76 -20.36 -37.84 11.89
C SER E 76 -20.20 -37.20 10.53
N LEU E 77 -19.33 -36.19 10.44
CA LEU E 77 -19.23 -35.36 9.25
C LEU E 77 -18.87 -36.15 8.01
N ALA E 78 -17.86 -36.98 8.14
CA ALA E 78 -17.39 -37.78 7.01
C ALA E 78 -18.53 -38.62 6.41
N GLY E 79 -19.23 -39.34 7.29
CA GLY E 79 -20.33 -40.18 6.86
C GLY E 79 -21.40 -39.36 6.18
N ARG E 80 -21.71 -38.22 6.81
CA ARG E 80 -22.77 -37.35 6.29
C ARG E 80 -22.42 -36.76 4.92
N VAL E 81 -21.12 -36.50 4.69
CA VAL E 81 -20.66 -35.98 3.40
C VAL E 81 -20.77 -37.06 2.33
N THR E 82 -20.31 -38.26 2.66
CA THR E 82 -20.33 -39.40 1.70
C THR E 82 -21.74 -39.66 1.16
N GLU E 83 -22.71 -39.68 2.07
CA GLU E 83 -24.15 -39.70 1.73
C GLU E 83 -24.55 -38.64 0.68
N ALA E 84 -24.07 -37.41 0.86
CA ALA E 84 -24.44 -36.29 -0.02
C ALA E 84 -23.79 -36.35 -1.41
N ILE E 85 -22.55 -36.83 -1.48
CA ILE E 85 -21.83 -36.95 -2.76
C ILE E 85 -21.89 -38.35 -3.38
N GLY E 86 -22.47 -39.29 -2.62
CA GLY E 86 -22.63 -40.66 -3.10
C GLY E 86 -21.46 -41.57 -2.72
N ALA E 87 -21.79 -42.78 -2.29
CA ALA E 87 -20.79 -43.77 -1.86
C ALA E 87 -19.89 -44.16 -3.01
N GLY E 88 -18.63 -44.44 -2.68
CA GLY E 88 -17.61 -44.71 -3.69
C GLY E 88 -16.99 -43.45 -4.25
N ASN E 89 -17.46 -42.28 -3.75
CA ASN E 89 -16.90 -40.97 -4.11
C ASN E 89 -16.15 -40.33 -2.96
N LYS E 90 -15.17 -39.52 -3.31
CA LYS E 90 -14.37 -38.80 -2.33
C LYS E 90 -14.24 -37.34 -2.69
N LEU E 91 -13.80 -36.57 -1.69
CA LEU E 91 -13.57 -35.13 -1.83
C LEU E 91 -12.21 -34.83 -2.42
N ASP E 92 -12.16 -33.88 -3.32
CA ASP E 92 -10.88 -33.35 -3.86
C ASP E 92 -10.44 -32.07 -3.14
N GLY E 93 -11.38 -31.43 -2.45
CA GLY E 93 -11.12 -30.16 -1.83
C GLY E 93 -11.94 -29.89 -0.60
N VAL E 94 -11.34 -29.13 0.31
CA VAL E 94 -11.98 -28.70 1.55
C VAL E 94 -11.60 -27.25 1.76
N VAL E 95 -12.57 -26.42 2.02
CA VAL E 95 -12.32 -25.02 2.30
C VAL E 95 -12.79 -24.66 3.72
N HIS E 96 -11.84 -24.22 4.54
CA HIS E 96 -12.09 -23.68 5.90
C HIS E 96 -12.17 -22.16 5.83
N SER E 97 -13.36 -21.62 5.94
CA SER E 97 -13.53 -20.19 5.91
C SER E 97 -14.34 -19.79 7.13
N ILE E 98 -13.79 -20.11 8.30
CA ILE E 98 -14.50 -19.84 9.56
C ILE E 98 -13.59 -19.15 10.53
N GLY E 99 -14.19 -18.19 11.19
CA GLY E 99 -13.47 -17.37 12.16
C GLY E 99 -14.47 -16.75 13.13
N PHE E 100 -14.05 -16.60 14.36
CA PHE E 100 -14.87 -15.98 15.38
C PHE E 100 -14.01 -15.53 16.52
N MET E 101 -14.27 -14.34 16.99
CA MET E 101 -13.69 -13.88 18.23
C MET E 101 -14.71 -12.98 18.96
N PRO E 102 -15.05 -13.32 20.21
CA PRO E 102 -15.94 -12.45 20.91
C PRO E 102 -15.43 -11.00 20.91
N GLN E 103 -16.38 -10.05 20.89
CA GLN E 103 -16.06 -8.62 20.84
C GLN E 103 -15.16 -8.19 22.01
N THR E 104 -15.13 -9.00 23.05
CA THR E 104 -14.26 -8.76 24.20
C THR E 104 -12.75 -8.90 23.87
N GLY E 105 -12.44 -9.70 22.86
CA GLY E 105 -11.03 -9.96 22.48
C GLY E 105 -10.65 -9.27 21.19
N MET E 106 -11.57 -8.51 20.65
CA MET E 106 -11.41 -7.97 19.32
C MET E 106 -12.33 -6.78 19.16
N GLY E 107 -11.80 -5.65 18.71
CA GLY E 107 -12.57 -4.41 18.64
C GLY E 107 -12.13 -3.29 19.57
N ILE E 108 -13.09 -2.75 20.32
CA ILE E 108 -12.91 -1.58 21.16
C ILE E 108 -12.32 -1.91 22.53
N ASN E 109 -12.46 -3.15 22.96
CA ASN E 109 -12.03 -3.57 24.30
C ASN E 109 -10.49 -3.67 24.39
N PRO E 110 -9.89 -3.12 25.49
CA PRO E 110 -8.42 -3.25 25.62
C PRO E 110 -7.93 -4.69 25.53
N PHE E 111 -6.72 -4.85 24.99
CA PHE E 111 -6.08 -6.15 24.85
C PHE E 111 -6.13 -6.97 26.16
N PHE E 112 -5.81 -6.32 27.28
CA PHE E 112 -5.69 -6.98 28.58
C PHE E 112 -6.99 -7.37 29.24
N ASP E 113 -8.10 -6.79 28.79
CA ASP E 113 -9.41 -7.02 29.39
C ASP E 113 -10.21 -8.19 28.76
N ALA E 114 -9.60 -8.88 27.81
CA ALA E 114 -10.21 -10.10 27.22
C ALA E 114 -10.03 -11.30 28.18
N PRO E 115 -11.15 -11.87 28.66
CA PRO E 115 -11.02 -12.99 29.58
C PRO E 115 -10.74 -14.27 28.81
N TYR E 116 -9.94 -15.15 29.39
CA TYR E 116 -9.42 -16.27 28.63
C TYR E 116 -10.51 -17.13 28.00
N ALA E 117 -11.62 -17.32 28.71
CA ALA E 117 -12.76 -18.11 28.20
C ALA E 117 -13.20 -17.64 26.82
N ASP E 118 -13.21 -16.34 26.60
CA ASP E 118 -13.62 -15.78 25.33
C ASP E 118 -12.51 -16.02 24.29
N VAL E 119 -11.28 -15.78 24.72
CA VAL E 119 -10.15 -16.00 23.89
C VAL E 119 -10.13 -17.46 23.44
N SER E 120 -10.25 -18.37 24.39
CA SER E 120 -10.17 -19.81 24.12
C SER E 120 -11.20 -20.20 23.10
N LYS E 121 -12.41 -19.66 23.26
CA LYS E 121 -13.49 -19.99 22.34
C LYS E 121 -13.16 -19.52 20.93
N GLY E 122 -12.51 -18.38 20.81
CA GLY E 122 -12.11 -17.88 19.51
C GLY E 122 -11.01 -18.71 18.85
N ILE E 123 -10.04 -19.16 19.64
CA ILE E 123 -8.94 -20.00 19.12
C ILE E 123 -9.46 -21.35 18.71
N HIS E 124 -10.38 -21.86 19.50
CA HIS E 124 -11.04 -23.14 19.20
C HIS E 124 -11.65 -23.07 17.79
N ILE E 125 -12.41 -22.00 17.54
CA ILE E 125 -13.20 -21.89 16.33
C ILE E 125 -12.34 -21.49 15.18
N SER E 126 -11.41 -20.57 15.46
CA SER E 126 -10.61 -19.95 14.41
C SER E 126 -9.33 -20.70 14.00
N ALA E 127 -8.73 -21.46 14.94
CA ALA E 127 -7.46 -22.20 14.65
C ALA E 127 -7.60 -23.71 14.80
N TYR E 128 -7.93 -24.18 16.01
CA TYR E 128 -8.05 -25.64 16.29
C TYR E 128 -8.97 -26.34 15.31
N SER E 129 -10.12 -25.71 15.02
CA SER E 129 -11.10 -26.29 14.12
C SER E 129 -10.54 -26.61 12.74
N TYR E 130 -9.45 -25.95 12.37
CA TYR E 130 -8.74 -26.25 11.08
C TYR E 130 -8.16 -27.67 11.14
N ALA E 131 -7.55 -27.99 12.27
CA ALA E 131 -7.02 -29.32 12.53
C ALA E 131 -8.11 -30.38 12.61
N SER E 132 -9.17 -30.08 13.34
CA SER E 132 -10.24 -31.05 13.52
C SER E 132 -11.04 -31.33 12.22
N MET E 133 -11.28 -30.30 11.42
CA MET E 133 -11.88 -30.48 10.08
C MET E 133 -11.03 -31.37 9.21
N ALA E 134 -9.73 -31.15 9.26
CA ALA E 134 -8.79 -31.98 8.49
C ALA E 134 -8.84 -33.46 8.94
N LYS E 135 -8.81 -33.68 10.26
CA LYS E 135 -9.00 -35.06 10.85
C LYS E 135 -10.27 -35.74 10.38
N ALA E 136 -11.37 -34.99 10.37
CA ALA E 136 -12.67 -35.53 9.99
C ALA E 136 -12.75 -35.93 8.52
N LEU E 137 -12.13 -35.13 7.67
CA LEU E 137 -12.32 -35.24 6.21
C LEU E 137 -11.19 -35.90 5.41
N LEU E 138 -9.99 -35.94 5.95
CA LEU E 138 -8.85 -36.56 5.22
C LEU E 138 -9.15 -38.01 4.80
N PRO E 139 -9.72 -38.82 5.70
CA PRO E 139 -10.04 -40.20 5.33
C PRO E 139 -10.95 -40.33 4.10
N ILE E 140 -11.73 -39.28 3.81
CA ILE E 140 -12.57 -39.25 2.60
C ILE E 140 -12.08 -38.24 1.53
N MET E 141 -10.76 -38.00 1.49
CA MET E 141 -10.19 -37.16 0.43
C MET E 141 -9.38 -38.00 -0.57
N ASN E 142 -9.42 -37.58 -1.84
CA ASN E 142 -8.56 -38.17 -2.89
C ASN E 142 -7.12 -37.65 -2.84
N PRO E 143 -6.17 -38.45 -3.35
CA PRO E 143 -4.83 -37.89 -3.53
C PRO E 143 -4.85 -36.80 -4.60
N GLY E 144 -3.93 -35.84 -4.45
CA GLY E 144 -3.88 -34.66 -5.31
C GLY E 144 -4.73 -33.54 -4.73
N GLY E 145 -5.49 -33.85 -3.69
CA GLY E 145 -6.49 -32.95 -3.18
C GLY E 145 -5.88 -31.87 -2.31
N SER E 146 -6.72 -30.91 -1.94
CA SER E 146 -6.24 -29.67 -1.34
C SER E 146 -7.15 -29.19 -0.23
N ILE E 147 -6.52 -28.74 0.84
CA ILE E 147 -7.24 -28.15 1.95
C ILE E 147 -6.81 -26.69 2.08
N VAL E 148 -7.78 -25.80 2.19
CA VAL E 148 -7.49 -24.37 2.21
C VAL E 148 -8.24 -23.66 3.33
N GLY E 149 -7.48 -22.86 4.06
CA GLY E 149 -8.04 -22.04 5.15
C GLY E 149 -7.76 -20.57 4.94
N MET E 150 -8.60 -19.74 5.55
CA MET E 150 -8.47 -18.30 5.41
C MET E 150 -7.68 -17.63 6.58
N ASP E 151 -6.68 -16.82 6.21
CA ASP E 151 -5.75 -16.19 7.12
C ASP E 151 -5.78 -14.64 6.94
N PHE E 152 -5.30 -13.93 7.95
CA PHE E 152 -5.14 -12.47 7.88
C PHE E 152 -3.80 -12.21 8.59
N ASP E 153 -2.87 -11.59 7.86
CA ASP E 153 -1.43 -11.65 8.21
C ASP E 153 -1.22 -11.19 9.63
N PRO E 154 -0.83 -12.12 10.53
CA PRO E 154 -0.65 -11.77 11.92
C PRO E 154 0.76 -11.54 12.38
N SER E 155 1.70 -11.41 11.44
CA SER E 155 3.14 -11.34 11.79
C SER E 155 3.51 -10.06 12.47
N ARG E 156 2.67 -9.05 12.35
CA ARG E 156 2.88 -7.77 13.04
C ARG E 156 1.62 -7.44 13.80
N ALA E 157 1.78 -6.82 14.96
CA ALA E 157 0.61 -6.40 15.74
C ALA E 157 -0.07 -5.20 15.04
N MET E 158 -1.38 -5.09 15.27
CA MET E 158 -2.17 -3.94 14.78
C MET E 158 -3.27 -3.57 15.77
N PRO E 159 -3.77 -2.32 15.71
CA PRO E 159 -4.88 -1.96 16.59
C PRO E 159 -6.16 -2.75 16.29
N ALA E 160 -6.94 -2.96 17.36
CA ALA E 160 -8.29 -3.54 17.31
C ALA E 160 -8.34 -5.09 17.16
N TYR E 161 -7.69 -5.59 16.12
CA TYR E 161 -7.77 -7.00 15.74
C TYR E 161 -7.34 -7.92 16.91
N ASN E 162 -6.43 -7.41 17.72
CA ASN E 162 -6.12 -7.92 19.04
C ASN E 162 -5.99 -9.46 19.12
N TRP E 163 -6.83 -10.12 19.90
CA TRP E 163 -6.74 -11.57 20.08
C TRP E 163 -7.09 -12.39 18.82
N MET E 164 -7.82 -11.81 17.89
CA MET E 164 -8.06 -12.47 16.62
C MET E 164 -6.71 -12.62 15.84
N THR E 165 -5.85 -11.62 15.98
CA THR E 165 -4.51 -11.73 15.45
C THR E 165 -3.79 -12.99 16.06
N VAL E 166 -3.88 -13.13 17.38
CA VAL E 166 -3.23 -14.23 18.08
C VAL E 166 -3.78 -15.55 17.54
N ALA E 167 -5.10 -15.60 17.32
CA ALA E 167 -5.72 -16.78 16.74
C ALA E 167 -5.16 -17.11 15.35
N LYS E 168 -4.92 -16.08 14.55
CA LYS E 168 -4.36 -16.26 13.22
C LYS E 168 -2.89 -16.71 13.25
N SER E 169 -2.15 -16.22 14.22
CA SER E 169 -0.83 -16.73 14.46
C SER E 169 -0.86 -18.19 14.77
N ALA E 170 -1.83 -18.58 15.61
CA ALA E 170 -2.01 -19.97 16.01
C ALA E 170 -2.42 -20.82 14.82
N LEU E 171 -3.31 -20.28 13.99
CA LEU E 171 -3.83 -21.00 12.82
C LEU E 171 -2.71 -21.32 11.81
N GLU E 172 -1.81 -20.38 11.64
CA GLU E 172 -0.66 -20.54 10.75
C GLU E 172 0.23 -21.71 11.20
N SER E 173 0.56 -21.70 12.47
CA SER E 173 1.29 -22.83 13.06
C SER E 173 0.52 -24.16 12.82
N VAL E 174 -0.78 -24.17 13.15
CA VAL E 174 -1.64 -25.34 12.95
C VAL E 174 -1.58 -25.88 11.51
N ASN E 175 -1.67 -24.97 10.56
CA ASN E 175 -1.62 -25.35 9.11
C ASN E 175 -0.34 -26.11 8.72
N ARG E 176 0.77 -25.76 9.35
CA ARG E 176 2.06 -26.46 9.08
C ARG E 176 2.07 -27.89 9.59
N PHE E 177 1.40 -28.13 10.71
CA PHE E 177 1.27 -29.51 11.23
C PHE E 177 0.22 -30.32 10.49
N VAL E 178 -0.88 -29.66 10.14
CA VAL E 178 -1.92 -30.34 9.35
C VAL E 178 -1.32 -30.82 8.02
N ALA E 179 -0.43 -30.03 7.44
CA ALA E 179 0.27 -30.41 6.18
C ALA E 179 1.04 -31.72 6.31
N ARG E 180 1.71 -31.89 7.44
CA ARG E 180 2.40 -33.12 7.73
C ARG E 180 1.43 -34.31 7.71
N GLU E 181 0.30 -34.19 8.40
CA GLU E 181 -0.72 -35.24 8.40
C GLU E 181 -1.34 -35.43 7.01
N ALA E 182 -1.64 -34.31 6.34
CA ALA E 182 -2.32 -34.32 5.04
C ALA E 182 -1.45 -34.94 3.91
N GLY E 183 -0.13 -34.81 4.05
CA GLY E 183 0.83 -35.31 3.06
C GLY E 183 0.81 -36.81 2.91
N LYS E 184 0.53 -37.50 4.03
CA LYS E 184 0.38 -38.95 4.04
C LYS E 184 -0.71 -39.39 3.08
N TYR E 185 -1.74 -38.56 2.89
CA TYR E 185 -2.87 -38.84 1.99
C TYR E 185 -2.68 -38.28 0.56
N GLY E 186 -1.51 -37.70 0.27
CA GLY E 186 -1.26 -37.02 -1.03
C GLY E 186 -2.04 -35.70 -1.14
N VAL E 187 -2.33 -35.11 0.02
CA VAL E 187 -3.19 -33.94 0.12
C VAL E 187 -2.38 -32.76 0.63
N ARG E 188 -2.56 -31.63 -0.04
CA ARG E 188 -1.91 -30.36 0.31
CA ARG E 188 -1.91 -30.36 0.31
C ARG E 188 -2.74 -29.56 1.33
N SER E 189 -2.07 -28.73 2.12
CA SER E 189 -2.75 -27.88 3.11
C SER E 189 -2.14 -26.49 3.05
N ASN E 190 -2.97 -25.48 2.85
CA ASN E 190 -2.47 -24.09 2.76
C ASN E 190 -3.46 -23.06 3.27
N LEU E 191 -2.92 -21.88 3.61
CA LEU E 191 -3.75 -20.73 3.95
C LEU E 191 -3.65 -19.68 2.87
N VAL E 192 -4.77 -18.99 2.64
CA VAL E 192 -4.77 -17.75 1.89
C VAL E 192 -4.87 -16.56 2.86
N ALA E 193 -3.83 -15.76 2.87
CA ALA E 193 -3.78 -14.57 3.70
C ALA E 193 -4.33 -13.42 2.92
N ALA E 194 -5.62 -13.13 3.14
CA ALA E 194 -6.32 -12.12 2.37
C ALA E 194 -6.16 -10.74 2.95
N GLY E 195 -6.25 -9.74 2.06
CA GLY E 195 -6.37 -8.33 2.44
C GLY E 195 -7.75 -8.07 3.02
N PRO E 196 -7.95 -6.88 3.66
CA PRO E 196 -9.23 -6.55 4.29
C PRO E 196 -10.38 -6.47 3.31
N ILE E 197 -11.46 -7.16 3.65
CA ILE E 197 -12.64 -7.29 2.82
C ILE E 197 -13.85 -6.78 3.57
N ARG E 198 -14.62 -5.90 2.92
CA ARG E 198 -15.83 -5.30 3.50
C ARG E 198 -16.96 -6.30 3.58
N THR E 199 -16.94 -7.15 4.59
CA THR E 199 -18.09 -8.00 4.88
C THR E 199 -19.18 -7.12 5.52
N LEU E 200 -20.38 -7.66 5.71
CA LEU E 200 -21.47 -6.90 6.35
C LEU E 200 -21.00 -6.41 7.72
N ALA E 201 -20.39 -7.32 8.49
CA ALA E 201 -19.81 -7.02 9.80
C ALA E 201 -18.85 -5.82 9.73
N MET E 202 -17.84 -5.95 8.87
CA MET E 202 -16.88 -4.86 8.61
C MET E 202 -17.54 -3.54 8.18
N SER E 203 -18.50 -3.63 7.26
CA SER E 203 -19.21 -2.44 6.74
C SER E 203 -19.89 -1.64 7.88
N ALA E 204 -20.43 -2.36 8.87
CA ALA E 204 -21.06 -1.74 10.03
C ALA E 204 -20.05 -0.99 10.89
N ILE E 205 -18.89 -1.59 11.12
CA ILE E 205 -17.81 -0.92 11.88
C ILE E 205 -17.39 0.38 11.17
N VAL E 206 -17.14 0.30 9.85
CA VAL E 206 -16.81 1.48 9.03
C VAL E 206 -17.87 2.58 9.20
N GLY E 207 -19.14 2.14 9.24
CA GLY E 207 -20.28 3.02 9.49
C GLY E 207 -20.48 3.48 10.94
N GLY E 208 -19.55 3.18 11.84
CA GLY E 208 -19.54 3.77 13.18
C GLY E 208 -20.13 2.97 14.33
N ALA E 209 -20.51 1.72 14.06
CA ALA E 209 -21.21 0.84 15.03
C ALA E 209 -20.38 0.56 16.26
N LEU E 210 -19.10 0.49 16.09
CA LEU E 210 -18.20 0.26 17.22
C LEU E 210 -17.56 1.59 17.75
N GLY E 211 -18.10 2.74 17.32
CA GLY E 211 -17.59 4.04 17.73
C GLY E 211 -16.85 4.75 16.61
N GLU E 212 -16.51 6.03 16.83
CA GLU E 212 -15.85 6.85 15.85
C GLU E 212 -14.34 6.57 15.75
N GLU E 213 -13.71 6.24 16.87
CA GLU E 213 -12.28 5.87 16.88
C GLU E 213 -12.05 4.58 16.11
N ALA E 214 -12.89 3.58 16.35
CA ALA E 214 -12.82 2.28 15.63
C ALA E 214 -13.10 2.43 14.13
N GLY E 215 -14.09 3.25 13.80
CA GLY E 215 -14.44 3.50 12.41
C GLY E 215 -13.28 4.17 11.72
N ALA E 216 -12.65 5.11 12.43
CA ALA E 216 -11.47 5.83 11.90
C ALA E 216 -10.25 4.91 11.71
N GLN E 217 -10.03 3.99 12.67
CA GLN E 217 -8.89 3.05 12.60
C GLN E 217 -8.98 2.04 11.44
N ILE E 218 -10.16 1.43 11.24
CA ILE E 218 -10.40 0.52 10.09
C ILE E 218 -10.23 1.28 8.75
N GLN E 219 -10.63 2.55 8.74
CA GLN E 219 -10.48 3.41 7.56
C GLN E 219 -9.00 3.74 7.25
N LEU E 220 -8.20 3.96 8.29
CA LEU E 220 -6.75 4.13 8.12
C LEU E 220 -6.09 2.89 7.52
N LEU E 221 -6.43 1.74 8.10
CA LEU E 221 -5.91 0.44 7.65
C LEU E 221 -6.21 0.17 6.17
N GLU E 222 -7.47 0.32 5.79
CA GLU E 222 -7.90 0.11 4.39
C GLU E 222 -7.21 1.06 3.38
N GLU E 223 -7.26 2.36 3.66
CA GLU E 223 -6.65 3.37 2.78
C GLU E 223 -5.13 3.09 2.62
N GLY E 224 -4.44 2.84 3.73
CA GLY E 224 -3.01 2.49 3.69
C GLY E 224 -2.72 1.19 2.95
N TRP E 225 -3.64 0.25 3.03
CA TRP E 225 -3.48 -1.05 2.36
C TRP E 225 -3.44 -0.89 0.84
N ASP E 226 -4.40 -0.13 0.31
CA ASP E 226 -4.52 0.11 -1.12
C ASP E 226 -3.32 0.91 -1.62
N GLN E 227 -2.86 1.85 -0.80
CA GLN E 227 -1.66 2.66 -1.14
C GLN E 227 -0.40 1.81 -1.27
N ARG E 228 -0.13 1.03 -0.23
CA ARG E 228 0.99 0.06 -0.18
C ARG E 228 0.95 -0.98 -1.28
N ALA E 229 -0.22 -1.54 -1.54
CA ALA E 229 -0.39 -2.58 -2.57
C ALA E 229 0.05 -2.06 -3.96
N PRO E 230 1.07 -2.71 -4.57
CA PRO E 230 1.52 -2.21 -5.86
C PRO E 230 0.48 -2.29 -6.95
N ILE E 231 -0.43 -3.25 -6.86
CA ILE E 231 -1.53 -3.33 -7.82
C ILE E 231 -2.83 -2.82 -7.24
N GLY E 232 -2.75 -2.04 -6.15
CA GLY E 232 -3.96 -1.59 -5.48
C GLY E 232 -4.74 -2.69 -4.74
N TRP E 233 -5.70 -2.25 -3.94
CA TRP E 233 -6.56 -3.14 -3.19
C TRP E 233 -7.98 -2.62 -3.04
N ASN E 234 -8.94 -3.43 -3.49
CA ASN E 234 -10.37 -3.12 -3.39
C ASN E 234 -11.08 -3.91 -2.29
N MET E 235 -11.35 -3.24 -1.18
CA MET E 235 -11.96 -3.89 0.00
C MET E 235 -13.38 -4.39 -0.32
N LYS E 236 -14.01 -3.78 -1.30
CA LYS E 236 -15.36 -4.18 -1.71
C LYS E 236 -15.41 -5.46 -2.54
N ASP E 237 -14.26 -5.89 -3.06
CA ASP E 237 -14.22 -7.00 -4.04
C ASP E 237 -13.56 -8.21 -3.43
N ALA E 238 -14.35 -9.27 -3.21
CA ALA E 238 -13.82 -10.53 -2.65
C ALA E 238 -13.37 -11.50 -3.72
N THR E 239 -13.65 -11.17 -4.98
CA THR E 239 -13.40 -12.06 -6.12
C THR E 239 -11.94 -12.46 -6.28
N PRO E 240 -10.99 -11.50 -6.25
CA PRO E 240 -9.58 -11.88 -6.40
C PRO E 240 -9.11 -12.87 -5.33
N VAL E 241 -9.59 -12.77 -4.10
CA VAL E 241 -9.24 -13.75 -3.05
C VAL E 241 -9.92 -15.12 -3.30
N ALA E 242 -11.15 -15.11 -3.77
CA ALA E 242 -11.85 -16.36 -4.13
C ALA E 242 -11.14 -17.14 -5.23
N LYS E 243 -10.61 -16.40 -6.20
CA LYS E 243 -9.85 -17.02 -7.30
C LYS E 243 -8.58 -17.64 -6.80
N THR E 244 -7.94 -16.96 -5.85
CA THR E 244 -6.69 -17.43 -5.23
C THR E 244 -6.92 -18.75 -4.49
N VAL E 245 -8.04 -18.84 -3.78
CA VAL E 245 -8.45 -20.09 -3.16
C VAL E 245 -8.70 -21.18 -4.24
N CYS E 246 -9.48 -20.85 -5.27
CA CYS E 246 -9.72 -21.81 -6.35
C CYS E 246 -8.39 -22.28 -6.98
N ALA E 247 -7.44 -21.37 -7.10
CA ALA E 247 -6.11 -21.72 -7.60
C ALA E 247 -5.44 -22.82 -6.75
N LEU E 248 -5.47 -22.64 -5.43
CA LEU E 248 -4.90 -23.62 -4.50
C LEU E 248 -5.68 -24.93 -4.49
N LEU E 249 -6.98 -24.83 -4.77
CA LEU E 249 -7.83 -26.01 -4.90
C LEU E 249 -7.58 -26.79 -6.20
N SER E 250 -7.01 -26.11 -7.18
CA SER E 250 -6.78 -26.69 -8.50
C SER E 250 -5.53 -27.58 -8.52
N ASP E 251 -5.20 -28.07 -9.70
CA ASP E 251 -3.99 -28.91 -9.90
C ASP E 251 -2.71 -28.08 -10.18
N TRP E 252 -2.84 -26.75 -10.22
CA TRP E 252 -1.78 -25.85 -10.72
C TRP E 252 -0.82 -25.26 -9.67
N LEU E 253 -1.02 -25.60 -8.42
CA LEU E 253 -0.01 -25.38 -7.40
C LEU E 253 0.23 -26.69 -6.62
N PRO E 254 0.76 -27.73 -7.32
CA PRO E 254 0.91 -29.08 -6.78
C PRO E 254 2.11 -29.32 -5.85
N ALA E 255 3.03 -28.35 -5.74
CA ALA E 255 4.21 -28.50 -4.92
C ALA E 255 4.19 -27.58 -3.68
N THR E 256 3.05 -26.97 -3.42
CA THR E 256 2.92 -26.01 -2.32
C THR E 256 2.06 -26.60 -1.21
N THR E 257 2.60 -26.59 0.02
CA THR E 257 1.89 -27.11 1.20
C THR E 257 2.52 -26.62 2.50
N GLY E 258 1.73 -26.63 3.58
CA GLY E 258 2.16 -26.07 4.87
C GLY E 258 2.40 -24.55 4.79
N ASP E 259 1.88 -23.96 3.72
CA ASP E 259 2.33 -22.64 3.30
C ASP E 259 1.21 -21.59 3.35
N ILE E 260 1.64 -20.33 3.14
CA ILE E 260 0.75 -19.18 3.08
C ILE E 260 0.91 -18.39 1.76
N ILE E 261 -0.19 -18.26 1.04
CA ILE E 261 -0.26 -17.46 -0.16
C ILE E 261 -1.02 -16.20 0.14
N TYR E 262 -0.46 -15.09 -0.30
CA TYR E 262 -0.97 -13.80 0.05
C TYR E 262 -1.80 -13.22 -1.10
N ALA E 263 -3.12 -13.14 -0.91
CA ALA E 263 -4.01 -12.42 -1.82
C ALA E 263 -4.36 -11.07 -1.21
N ASP E 264 -3.38 -10.19 -1.15
CA ASP E 264 -3.51 -8.91 -0.48
C ASP E 264 -2.97 -7.73 -1.32
N GLY E 265 -2.87 -7.92 -2.63
CA GLY E 265 -2.41 -6.85 -3.54
C GLY E 265 -0.94 -6.54 -3.41
N GLY E 266 -0.22 -7.41 -2.70
CA GLY E 266 1.19 -7.23 -2.43
C GLY E 266 1.50 -6.30 -1.28
N ALA E 267 0.45 -5.82 -0.58
CA ALA E 267 0.63 -4.82 0.51
C ALA E 267 1.62 -5.27 1.60
N HIS E 268 1.56 -6.54 2.00
CA HIS E 268 2.49 -7.06 3.02
C HIS E 268 3.99 -7.05 2.59
N THR E 269 4.29 -6.89 1.31
CA THR E 269 5.70 -6.80 0.85
C THR E 269 6.22 -5.37 0.84
N GLN E 270 5.40 -4.41 1.24
CA GLN E 270 5.80 -3.00 1.15
C GLN E 270 5.69 -2.32 2.50
N LEU E 271 6.75 -1.62 2.89
CA LEU E 271 6.74 -0.86 4.13
C LEU E 271 5.83 0.36 3.99
N LEU E 272 6.06 1.16 2.96
CA LEU E 272 5.05 2.16 2.58
C LEU E 272 5.07 2.49 1.10
N GLY F 6 -7.48 -24.58 -21.94
CA GLY F 6 -6.10 -24.18 -21.59
C GLY F 6 -6.04 -23.04 -20.58
N LEU F 7 -5.13 -23.17 -19.64
CA LEU F 7 -4.96 -22.22 -18.55
C LEU F 7 -4.39 -20.89 -19.02
N LEU F 8 -3.56 -20.93 -20.05
CA LEU F 8 -2.88 -19.72 -20.57
C LEU F 8 -3.36 -19.40 -21.99
N ASP F 9 -4.60 -19.76 -22.27
CA ASP F 9 -5.17 -19.64 -23.61
C ASP F 9 -5.15 -18.21 -24.15
N GLY F 10 -4.56 -18.07 -25.33
CA GLY F 10 -4.48 -16.78 -25.99
C GLY F 10 -3.59 -15.78 -25.28
N LYS F 11 -2.67 -16.29 -24.47
CA LYS F 11 -1.69 -15.42 -23.83
C LYS F 11 -0.37 -15.43 -24.61
N ARG F 12 0.27 -14.28 -24.66
CA ARG F 12 1.61 -14.16 -25.32
C ARG F 12 2.70 -14.07 -24.22
N ILE F 13 3.57 -15.07 -24.15
CA ILE F 13 4.51 -15.19 -23.04
C ILE F 13 5.96 -15.34 -23.47
N LEU F 14 6.79 -14.45 -22.93
CA LEU F 14 8.23 -14.50 -23.16
C LEU F 14 8.89 -15.42 -22.13
N VAL F 15 9.65 -16.41 -22.60
CA VAL F 15 10.37 -17.33 -21.71
C VAL F 15 11.86 -17.33 -21.95
N SER F 16 12.60 -16.87 -20.96
CA SER F 16 14.07 -16.88 -21.03
C SER F 16 14.64 -18.11 -20.37
N GLY F 17 15.94 -18.33 -20.58
CA GLY F 17 16.72 -19.29 -19.79
C GLY F 17 16.74 -20.74 -20.24
N ILE F 18 16.27 -21.03 -21.45
CA ILE F 18 16.43 -22.38 -21.99
C ILE F 18 17.88 -22.57 -22.49
N ILE F 19 18.55 -23.61 -21.96
CA ILE F 19 19.88 -24.04 -22.47
C ILE F 19 19.95 -25.56 -22.79
N THR F 20 19.34 -26.40 -21.94
CA THR F 20 19.15 -27.81 -22.28
C THR F 20 17.69 -28.20 -22.05
N ASP F 21 17.35 -29.44 -22.39
CA ASP F 21 16.00 -29.99 -22.15
C ASP F 21 15.76 -30.38 -20.69
N SER F 22 16.79 -30.26 -19.87
CA SER F 22 16.67 -30.38 -18.39
C SER F 22 16.53 -29.04 -17.71
N SER F 23 16.58 -27.95 -18.48
CA SER F 23 16.42 -26.61 -17.95
C SER F 23 15.02 -26.47 -17.38
N ILE F 24 14.89 -25.76 -16.25
CA ILE F 24 13.58 -25.49 -15.67
C ILE F 24 12.77 -24.71 -16.68
N ALA F 25 13.42 -23.78 -17.36
CA ALA F 25 12.80 -22.95 -18.41
C ALA F 25 12.23 -23.77 -19.57
N PHE F 26 12.88 -24.88 -19.87
CA PHE F 26 12.38 -25.75 -20.94
C PHE F 26 11.00 -26.28 -20.58
N HIS F 27 10.87 -26.77 -19.36
CA HIS F 27 9.62 -27.39 -18.89
C HIS F 27 8.51 -26.35 -18.71
N ILE F 28 8.87 -25.18 -18.18
CA ILE F 28 7.96 -24.06 -18.10
C ILE F 28 7.35 -23.79 -19.49
N ALA F 29 8.19 -23.63 -20.48
CA ALA F 29 7.73 -23.37 -21.86
C ALA F 29 6.82 -24.47 -22.38
N ARG F 30 7.23 -25.72 -22.16
CA ARG F 30 6.45 -26.89 -22.58
CA ARG F 30 6.44 -26.86 -22.61
C ARG F 30 5.04 -26.85 -21.98
N VAL F 31 4.98 -26.70 -20.66
CA VAL F 31 3.69 -26.73 -19.95
C VAL F 31 2.84 -25.56 -20.38
N ALA F 32 3.46 -24.41 -20.53
CA ALA F 32 2.75 -23.20 -20.96
C ALA F 32 2.11 -23.42 -22.33
N GLN F 33 2.89 -24.00 -23.25
CA GLN F 33 2.41 -24.31 -24.59
C GLN F 33 1.30 -25.35 -24.55
N GLU F 34 1.50 -26.42 -23.78
CA GLU F 34 0.45 -27.43 -23.54
C GLU F 34 -0.87 -26.78 -23.12
N GLN F 35 -0.76 -25.64 -22.42
CA GLN F 35 -1.89 -24.89 -21.86
C GLN F 35 -2.39 -23.74 -22.71
N GLY F 36 -1.88 -23.65 -23.93
CA GLY F 36 -2.43 -22.73 -24.95
C GLY F 36 -1.70 -21.42 -25.13
N ALA F 37 -0.63 -21.25 -24.38
CA ALA F 37 0.15 -20.05 -24.47
C ALA F 37 0.83 -20.00 -25.83
N GLN F 38 0.97 -18.80 -26.36
CA GLN F 38 1.81 -18.57 -27.52
C GLN F 38 3.12 -17.92 -27.04
N LEU F 39 4.24 -18.56 -27.33
CA LEU F 39 5.54 -18.18 -26.74
C LEU F 39 6.48 -17.38 -27.65
N VAL F 40 7.30 -16.55 -26.99
CA VAL F 40 8.52 -15.97 -27.56
C VAL F 40 9.67 -16.41 -26.65
N LEU F 41 10.70 -17.03 -27.22
CA LEU F 41 11.81 -17.57 -26.43
C LEU F 41 12.99 -16.67 -26.53
N THR F 42 13.80 -16.59 -25.47
CA THR F 42 15.13 -15.93 -25.56
C THR F 42 16.27 -16.85 -25.15
N GLY F 43 17.44 -16.64 -25.75
CA GLY F 43 18.61 -17.47 -25.49
C GLY F 43 19.91 -16.69 -25.39
N PHE F 44 20.88 -17.28 -24.69
CA PHE F 44 22.22 -16.68 -24.49
C PHE F 44 23.34 -17.50 -25.11
N ASP F 45 24.16 -16.82 -25.92
CA ASP F 45 25.42 -17.36 -26.39
C ASP F 45 25.21 -18.51 -27.38
N ARG F 46 24.95 -19.71 -26.85
CA ARG F 46 24.89 -20.95 -27.65
C ARG F 46 23.57 -21.08 -28.43
N LEU F 47 23.34 -20.15 -29.36
CA LEU F 47 22.02 -20.01 -30.05
C LEU F 47 21.70 -21.17 -30.97
N ARG F 48 22.70 -21.73 -31.63
CA ARG F 48 22.51 -22.89 -32.52
C ARG F 48 22.04 -24.14 -31.72
N LEU F 49 22.72 -24.42 -30.60
CA LEU F 49 22.33 -25.50 -29.66
C LEU F 49 20.91 -25.29 -29.14
N ILE F 50 20.65 -24.10 -28.63
CA ILE F 50 19.33 -23.74 -28.07
C ILE F 50 18.20 -23.94 -29.07
N GLN F 51 18.42 -23.49 -30.30
CA GLN F 51 17.45 -23.67 -31.42
C GLN F 51 17.10 -25.15 -31.63
N ARG F 52 18.13 -25.99 -31.57
CA ARG F 52 17.96 -27.45 -31.69
C ARG F 52 17.13 -28.00 -30.53
N ILE F 53 17.44 -27.53 -29.33
CA ILE F 53 16.72 -27.94 -28.09
C ILE F 53 15.25 -27.54 -28.16
N THR F 54 15.00 -26.31 -28.59
CA THR F 54 13.62 -25.74 -28.63
C THR F 54 12.75 -26.31 -29.76
N ASP F 55 13.36 -26.94 -30.76
CA ASP F 55 12.61 -27.68 -31.80
C ASP F 55 11.95 -28.93 -31.17
N ARG F 56 12.46 -29.39 -30.01
CA ARG F 56 11.83 -30.46 -29.23
C ARG F 56 10.59 -30.03 -28.41
N LEU F 57 10.33 -28.72 -28.32
CA LEU F 57 9.09 -28.21 -27.68
C LEU F 57 7.83 -28.58 -28.50
N PRO F 58 6.67 -28.71 -27.85
CA PRO F 58 5.42 -29.11 -28.52
C PRO F 58 5.10 -28.28 -29.75
N ALA F 59 5.42 -26.98 -29.70
CA ALA F 59 5.08 -26.05 -30.76
C ALA F 59 6.27 -25.20 -31.19
N LYS F 60 6.23 -24.74 -32.43
CA LYS F 60 7.23 -23.82 -32.97
C LYS F 60 7.09 -22.45 -32.28
N ALA F 61 8.22 -21.78 -32.04
CA ALA F 61 8.21 -20.46 -31.40
C ALA F 61 9.46 -19.68 -31.75
N PRO F 62 9.32 -18.37 -32.05
CA PRO F 62 10.49 -17.57 -32.39
C PRO F 62 11.53 -17.53 -31.30
N LEU F 63 12.79 -17.71 -31.68
CA LEU F 63 13.89 -17.67 -30.77
C LEU F 63 14.70 -16.40 -30.98
N LEU F 64 14.85 -15.61 -29.93
CA LEU F 64 15.58 -14.35 -29.98
C LEU F 64 16.80 -14.41 -29.08
N GLU F 65 17.82 -13.63 -29.41
CA GLU F 65 19.05 -13.60 -28.59
C GLU F 65 18.96 -12.57 -27.45
N LEU F 66 19.41 -12.97 -26.27
CA LEU F 66 19.49 -12.10 -25.11
C LEU F 66 20.56 -12.51 -24.09
N ASP F 67 21.67 -11.80 -24.16
CA ASP F 67 22.67 -11.75 -23.09
C ASP F 67 22.27 -10.60 -22.20
N VAL F 68 21.81 -10.91 -21.00
CA VAL F 68 21.31 -9.86 -20.07
C VAL F 68 22.39 -8.87 -19.64
N GLN F 69 23.67 -9.22 -19.79
CA GLN F 69 24.77 -8.27 -19.55
C GLN F 69 25.01 -7.25 -20.70
N ASN F 70 24.33 -7.46 -21.82
CA ASN F 70 24.46 -6.58 -22.98
C ASN F 70 23.42 -5.46 -22.99
N GLU F 71 23.88 -4.23 -22.73
CA GLU F 71 22.98 -3.07 -22.71
C GLU F 71 22.30 -2.83 -24.09
N GLU F 72 22.95 -3.22 -25.19
CA GLU F 72 22.36 -3.09 -26.52
C GLU F 72 21.24 -4.11 -26.76
N HIS F 73 21.46 -5.35 -26.31
CA HIS F 73 20.44 -6.45 -26.43
C HIS F 73 19.17 -6.09 -25.69
N LEU F 74 19.35 -5.45 -24.54
CA LEU F 74 18.23 -5.01 -23.72
C LEU F 74 17.50 -3.83 -24.34
N ALA F 75 18.26 -2.84 -24.79
CA ALA F 75 17.67 -1.64 -25.41
C ALA F 75 16.87 -1.98 -26.66
N SER F 76 17.28 -3.04 -27.36
CA SER F 76 16.61 -3.45 -28.60
C SER F 76 15.56 -4.55 -28.41
N LEU F 77 15.51 -5.12 -27.21
CA LEU F 77 14.69 -6.29 -26.95
C LEU F 77 13.21 -6.07 -27.22
N ALA F 78 12.68 -4.98 -26.71
CA ALA F 78 11.26 -4.66 -26.89
C ALA F 78 10.88 -4.62 -28.37
N GLY F 79 11.65 -3.87 -29.15
CA GLY F 79 11.42 -3.77 -30.58
C GLY F 79 11.51 -5.12 -31.28
N ARG F 80 12.52 -5.89 -30.90
CA ARG F 80 12.73 -7.21 -31.48
C ARG F 80 11.62 -8.18 -31.16
N VAL F 81 11.04 -8.05 -29.95
CA VAL F 81 9.89 -8.90 -29.54
C VAL F 81 8.63 -8.53 -30.34
N THR F 82 8.36 -7.24 -30.43
CA THR F 82 7.17 -6.74 -31.15
C THR F 82 7.14 -7.27 -32.59
N GLU F 83 8.28 -7.18 -33.28
CA GLU F 83 8.46 -7.80 -34.61
C GLU F 83 8.05 -9.27 -34.65
N ALA F 84 8.45 -10.03 -33.64
CA ALA F 84 8.18 -11.48 -33.60
C ALA F 84 6.71 -11.82 -33.30
N ILE F 85 6.06 -11.04 -32.45
CA ILE F 85 4.64 -11.27 -32.07
C ILE F 85 3.67 -10.40 -32.90
N GLY F 86 4.22 -9.52 -33.73
CA GLY F 86 3.42 -8.68 -34.61
C GLY F 86 3.03 -7.34 -33.98
N ALA F 87 3.12 -6.27 -34.76
CA ALA F 87 2.82 -4.92 -34.28
C ALA F 87 1.36 -4.79 -33.88
N GLY F 88 1.10 -3.97 -32.86
CA GLY F 88 -0.24 -3.82 -32.30
C GLY F 88 -0.55 -4.89 -31.26
N ASN F 89 0.41 -5.77 -31.02
CA ASN F 89 0.31 -6.81 -29.99
C ASN F 89 1.23 -6.54 -28.82
N LYS F 90 0.82 -7.01 -27.65
CA LYS F 90 1.63 -6.89 -26.44
C LYS F 90 1.75 -8.25 -25.69
N LEU F 91 2.75 -8.31 -24.81
CA LEU F 91 3.02 -9.51 -23.99
C LEU F 91 2.12 -9.56 -22.78
N ASP F 92 1.62 -10.75 -22.45
CA ASP F 92 0.88 -10.98 -21.18
C ASP F 92 1.77 -11.54 -20.08
N GLY F 93 2.92 -12.07 -20.48
CA GLY F 93 3.79 -12.76 -19.53
C GLY F 93 5.26 -12.70 -19.88
N VAL F 94 6.09 -12.72 -18.85
CA VAL F 94 7.53 -12.72 -18.99
C VAL F 94 8.06 -13.67 -17.94
N VAL F 95 8.91 -14.59 -18.34
CA VAL F 95 9.54 -15.53 -17.43
C VAL F 95 11.07 -15.36 -17.41
N HIS F 96 11.59 -15.01 -16.23
CA HIS F 96 13.03 -14.90 -15.97
C HIS F 96 13.49 -16.21 -15.33
N SER F 97 14.21 -17.01 -16.09
CA SER F 97 14.73 -18.27 -15.57
C SER F 97 16.22 -18.32 -15.82
N ILE F 98 16.91 -17.36 -15.23
CA ILE F 98 18.32 -17.11 -15.50
CA ILE F 98 18.33 -17.25 -15.47
C ILE F 98 19.11 -16.99 -14.19
N GLY F 99 20.27 -17.63 -14.14
CA GLY F 99 21.14 -17.56 -12.99
C GLY F 99 22.55 -17.95 -13.38
N PHE F 100 23.52 -17.38 -12.68
CA PHE F 100 24.92 -17.69 -12.91
C PHE F 100 25.75 -17.22 -11.77
N MET F 101 26.66 -18.07 -11.32
CA MET F 101 27.65 -17.66 -10.37
C MET F 101 28.98 -18.38 -10.67
N PRO F 102 30.05 -17.61 -10.91
CA PRO F 102 31.31 -18.31 -11.13
C PRO F 102 31.63 -19.34 -10.00
N GLN F 103 32.26 -20.45 -10.37
CA GLN F 103 32.57 -21.54 -9.44
C GLN F 103 33.42 -21.04 -8.27
N THR F 104 34.01 -19.87 -8.42
CA THR F 104 34.75 -19.23 -7.35
C THR F 104 33.85 -18.73 -6.16
N GLY F 105 32.58 -18.45 -6.44
CA GLY F 105 31.66 -17.95 -5.43
C GLY F 105 30.66 -18.97 -5.02
N MET F 106 30.79 -20.17 -5.57
CA MET F 106 29.74 -21.18 -5.44
C MET F 106 30.32 -22.55 -5.72
N GLY F 107 30.13 -23.50 -4.80
CA GLY F 107 30.75 -24.80 -4.90
C GLY F 107 31.76 -25.16 -3.82
N ILE F 108 32.96 -25.55 -4.28
CA ILE F 108 34.04 -26.04 -3.42
C ILE F 108 34.86 -24.92 -2.77
N ASN F 109 34.89 -23.77 -3.43
CA ASN F 109 35.78 -22.64 -3.01
C ASN F 109 35.28 -21.95 -1.73
N PRO F 110 36.20 -21.67 -0.78
CA PRO F 110 35.72 -21.07 0.46
C PRO F 110 34.96 -19.78 0.21
N PHE F 111 33.98 -19.50 1.09
CA PHE F 111 33.17 -18.29 1.03
C PHE F 111 34.02 -17.01 0.89
N PHE F 112 35.07 -16.92 1.70
CA PHE F 112 35.95 -15.75 1.76
C PHE F 112 36.86 -15.58 0.55
N ASP F 113 37.08 -16.63 -0.24
CA ASP F 113 38.05 -16.58 -1.37
C ASP F 113 37.39 -16.22 -2.71
N ALA F 114 36.10 -15.91 -2.68
CA ALA F 114 35.44 -15.38 -3.88
C ALA F 114 35.83 -13.88 -4.10
N PRO F 115 36.44 -13.56 -5.23
CA PRO F 115 36.80 -12.15 -5.51
C PRO F 115 35.59 -11.38 -6.01
N TYR F 116 35.50 -10.12 -5.61
CA TYR F 116 34.28 -9.37 -5.84
C TYR F 116 33.83 -9.34 -7.31
N ALA F 117 34.79 -9.25 -8.22
CA ALA F 117 34.52 -9.22 -9.68
C ALA F 117 33.65 -10.39 -10.12
N ASP F 118 33.91 -11.56 -9.56
CA ASP F 118 33.14 -12.77 -9.87
C ASP F 118 31.78 -12.67 -9.21
N VAL F 119 31.78 -12.24 -7.96
CA VAL F 119 30.54 -12.03 -7.21
C VAL F 119 29.63 -11.03 -7.92
N SER F 120 30.19 -9.88 -8.28
CA SER F 120 29.45 -8.82 -9.00
C SER F 120 28.84 -9.32 -10.32
N LYS F 121 29.59 -10.12 -11.06
CA LYS F 121 29.08 -10.66 -12.33
C LYS F 121 27.89 -11.60 -12.08
N GLY F 122 27.95 -12.36 -11.01
CA GLY F 122 26.84 -13.25 -10.65
C GLY F 122 25.58 -12.52 -10.22
N ILE F 123 25.76 -11.45 -9.44
CA ILE F 123 24.61 -10.63 -8.99
C ILE F 123 24.00 -9.90 -10.17
N HIS F 124 24.85 -9.46 -11.08
CA HIS F 124 24.40 -8.79 -12.31
C HIS F 124 23.45 -9.70 -13.07
N ILE F 125 23.88 -10.94 -13.26
CA ILE F 125 23.14 -11.89 -14.12
C ILE F 125 21.94 -12.48 -13.38
N SER F 126 22.15 -12.76 -12.10
CA SER F 126 21.18 -13.46 -11.30
C SER F 126 20.09 -12.58 -10.62
N ALA F 127 20.42 -11.34 -10.29
CA ALA F 127 19.45 -10.42 -9.59
C ALA F 127 19.10 -9.15 -10.39
N TYR F 128 20.11 -8.32 -10.67
CA TYR F 128 19.92 -7.06 -11.41
C TYR F 128 19.18 -7.28 -12.73
N SER F 129 19.56 -8.34 -13.46
CA SER F 129 18.96 -8.64 -14.75
C SER F 129 17.43 -8.80 -14.66
N TYR F 130 16.93 -9.14 -13.47
CA TYR F 130 15.48 -9.25 -13.26
C TYR F 130 14.82 -7.86 -13.41
N ALA F 131 15.47 -6.86 -12.81
CA ALA F 131 15.06 -5.45 -12.97
C ALA F 131 15.20 -4.94 -14.40
N SER F 132 16.32 -5.23 -15.05
CA SER F 132 16.55 -4.72 -16.43
C SER F 132 15.65 -5.36 -17.47
N MET F 133 15.38 -6.67 -17.33
CA MET F 133 14.36 -7.35 -18.18
C MET F 133 13.00 -6.70 -18.02
N ALA F 134 12.64 -6.39 -16.77
CA ALA F 134 11.36 -5.75 -16.49
C ALA F 134 11.27 -4.36 -17.15
N LYS F 135 12.33 -3.57 -16.99
CA LYS F 135 12.45 -2.27 -17.67
C LYS F 135 12.26 -2.37 -19.18
N ALA F 136 12.91 -3.35 -19.78
CA ALA F 136 12.88 -3.52 -21.23
C ALA F 136 11.51 -3.90 -21.75
N LEU F 137 10.81 -4.74 -20.99
CA LEU F 137 9.57 -5.38 -21.46
C LEU F 137 8.23 -4.83 -20.92
N LEU F 138 8.24 -4.11 -19.81
CA LEU F 138 6.98 -3.51 -19.26
C LEU F 138 6.25 -2.61 -20.26
N PRO F 139 6.99 -1.72 -20.97
CA PRO F 139 6.31 -0.88 -21.96
C PRO F 139 5.54 -1.65 -23.03
N ILE F 140 5.92 -2.91 -23.27
CA ILE F 140 5.16 -3.78 -24.22
C ILE F 140 4.34 -4.91 -23.54
N MET F 141 3.90 -4.67 -22.30
CA MET F 141 3.08 -5.64 -21.56
C MET F 141 1.64 -5.16 -21.39
N ASN F 142 0.71 -6.10 -21.47
CA ASN F 142 -0.70 -5.81 -21.23
C ASN F 142 -1.03 -5.73 -19.75
N PRO F 143 -2.12 -5.03 -19.40
CA PRO F 143 -2.54 -5.09 -18.02
C PRO F 143 -3.05 -6.48 -17.72
N GLY F 144 -2.94 -6.89 -16.46
CA GLY F 144 -3.36 -8.22 -16.02
C GLY F 144 -2.19 -9.15 -16.15
N GLY F 145 -1.11 -8.68 -16.75
CA GLY F 145 0.01 -9.52 -17.09
C GLY F 145 0.89 -9.80 -15.90
N SER F 146 1.82 -10.71 -16.11
CA SER F 146 2.59 -11.30 -15.01
C SER F 146 4.06 -11.48 -15.37
N ILE F 147 4.92 -11.14 -14.40
CA ILE F 147 6.35 -11.36 -14.54
C ILE F 147 6.80 -12.33 -13.47
N VAL F 148 7.56 -13.33 -13.88
CA VAL F 148 7.95 -14.42 -12.98
C VAL F 148 9.42 -14.74 -13.08
N GLY F 149 10.06 -14.79 -11.93
CA GLY F 149 11.47 -15.15 -11.82
C GLY F 149 11.68 -16.35 -10.93
N MET F 150 12.79 -17.07 -11.15
CA MET F 150 13.13 -18.27 -10.39
C MET F 150 14.07 -18.00 -9.18
N ASP F 151 13.62 -18.45 -8.02
CA ASP F 151 14.29 -18.21 -6.74
C ASP F 151 14.70 -19.58 -6.10
N PHE F 152 15.65 -19.53 -5.19
CA PHE F 152 16.02 -20.69 -4.35
C PHE F 152 16.19 -20.13 -2.95
N ASP F 153 15.39 -20.63 -2.02
CA ASP F 153 15.16 -19.96 -0.74
C ASP F 153 16.48 -19.62 -0.06
N PRO F 154 16.80 -18.30 0.04
CA PRO F 154 18.05 -17.89 0.62
C PRO F 154 17.97 -17.39 2.05
N SER F 155 16.86 -17.61 2.70
CA SER F 155 16.65 -17.02 4.05
C SER F 155 17.49 -17.66 5.12
N ARG F 156 18.04 -18.82 4.84
CA ARG F 156 18.96 -19.50 5.76
C ARG F 156 20.22 -19.86 4.98
N ALA F 157 21.36 -19.77 5.65
CA ALA F 157 22.62 -20.11 4.99
C ALA F 157 22.69 -21.64 4.82
N MET F 158 23.43 -22.07 3.80
CA MET F 158 23.70 -23.48 3.57
C MET F 158 25.08 -23.69 2.98
N PRO F 159 25.61 -24.93 3.09
CA PRO F 159 26.93 -25.16 2.50
C PRO F 159 26.92 -25.07 0.98
N ALA F 160 28.05 -24.63 0.42
CA ALA F 160 28.31 -24.64 -1.03
C ALA F 160 27.67 -23.47 -1.84
N TYR F 161 26.36 -23.33 -1.71
CA TYR F 161 25.60 -22.37 -2.51
C TYR F 161 26.12 -20.94 -2.34
N ASN F 162 26.66 -20.69 -1.16
CA ASN F 162 27.52 -19.53 -0.87
C ASN F 162 27.01 -18.19 -1.45
N TRP F 163 27.80 -17.57 -2.34
CA TRP F 163 27.45 -16.23 -2.94
C TRP F 163 26.24 -16.28 -3.89
N MET F 164 25.89 -17.46 -4.40
CA MET F 164 24.64 -17.59 -5.14
C MET F 164 23.44 -17.35 -4.17
N THR F 165 23.58 -17.78 -2.93
CA THR F 165 22.55 -17.53 -1.93
C THR F 165 22.38 -16.02 -1.72
N VAL F 166 23.50 -15.32 -1.62
CA VAL F 166 23.51 -13.89 -1.51
C VAL F 166 22.78 -13.26 -2.71
N ALA F 167 23.07 -13.75 -3.92
CA ALA F 167 22.43 -13.24 -5.14
C ALA F 167 20.91 -13.44 -5.09
N LYS F 168 20.47 -14.57 -4.55
CA LYS F 168 19.04 -14.86 -4.41
C LYS F 168 18.37 -13.98 -3.35
N SER F 169 19.10 -13.70 -2.28
CA SER F 169 18.62 -12.72 -1.31
C SER F 169 18.42 -11.37 -2.02
N ALA F 170 19.38 -11.01 -2.86
CA ALA F 170 19.32 -9.76 -3.60
C ALA F 170 18.18 -9.74 -4.56
N LEU F 171 17.99 -10.85 -5.23
CA LEU F 171 16.93 -10.97 -6.23
C LEU F 171 15.56 -10.80 -5.60
N GLU F 172 15.39 -11.34 -4.42
CA GLU F 172 14.13 -11.22 -3.70
C GLU F 172 13.81 -9.76 -3.41
N SER F 173 14.79 -9.06 -2.92
CA SER F 173 14.67 -7.61 -2.66
C SER F 173 14.29 -6.89 -3.97
N VAL F 174 15.04 -7.18 -5.03
CA VAL F 174 14.76 -6.62 -6.35
C VAL F 174 13.31 -6.82 -6.80
N ASN F 175 12.82 -8.03 -6.62
CA ASN F 175 11.44 -8.37 -7.04
C ASN F 175 10.37 -7.49 -6.36
N ARG F 176 10.62 -7.09 -5.13
CA ARG F 176 9.71 -6.21 -4.41
C ARG F 176 9.65 -4.83 -5.00
N PHE F 177 10.79 -4.34 -5.47
CA PHE F 177 10.84 -3.03 -6.13
C PHE F 177 10.32 -3.09 -7.54
N VAL F 178 10.63 -4.18 -8.26
CA VAL F 178 10.11 -4.34 -9.61
C VAL F 178 8.58 -4.35 -9.58
N ALA F 179 8.01 -4.96 -8.54
CA ALA F 179 6.53 -4.96 -8.36
C ALA F 179 5.96 -3.56 -8.30
N ARG F 180 6.62 -2.67 -7.57
CA ARG F 180 6.20 -1.27 -7.49
C ARG F 180 6.14 -0.66 -8.87
N GLU F 181 7.21 -0.86 -9.67
CA GLU F 181 7.22 -0.35 -11.05
C GLU F 181 6.16 -1.04 -11.94
N ALA F 182 6.07 -2.36 -11.79
CA ALA F 182 5.19 -3.18 -12.62
C ALA F 182 3.68 -2.91 -12.36
N GLY F 183 3.36 -2.51 -11.14
CA GLY F 183 1.99 -2.21 -10.74
C GLY F 183 1.36 -1.06 -11.51
N LYS F 184 2.21 -0.09 -11.87
CA LYS F 184 1.80 1.06 -12.67
C LYS F 184 1.21 0.61 -14.00
N TYR F 185 1.69 -0.52 -14.52
CA TYR F 185 1.23 -1.10 -15.80
C TYR F 185 0.11 -2.14 -15.64
N GLY F 186 -0.36 -2.35 -14.40
CA GLY F 186 -1.36 -3.41 -14.10
C GLY F 186 -0.74 -4.81 -14.17
N VAL F 187 0.56 -4.86 -13.94
CA VAL F 187 1.35 -6.06 -14.11
C VAL F 187 1.93 -6.52 -12.78
N ARG F 188 1.79 -7.82 -12.54
CA ARG F 188 2.27 -8.45 -11.30
CA ARG F 188 2.30 -8.44 -11.29
C ARG F 188 3.72 -8.93 -11.45
N SER F 189 4.41 -9.01 -10.35
CA SER F 189 5.80 -9.49 -10.35
C SER F 189 5.98 -10.44 -9.16
N ASN F 190 6.48 -11.62 -9.44
CA ASN F 190 6.67 -12.63 -8.37
C ASN F 190 7.83 -13.60 -8.67
N LEU F 191 8.33 -14.21 -7.60
CA LEU F 191 9.29 -15.26 -7.71
C LEU F 191 8.67 -16.60 -7.32
N VAL F 192 9.14 -17.67 -8.02
CA VAL F 192 8.88 -19.04 -7.58
C VAL F 192 10.13 -19.62 -6.95
N ALA F 193 10.04 -19.90 -5.66
CA ALA F 193 11.16 -20.45 -4.91
C ALA F 193 11.09 -21.94 -5.01
N ALA F 194 11.84 -22.50 -5.95
CA ALA F 194 11.77 -23.94 -6.23
C ALA F 194 12.67 -24.75 -5.34
N GLY F 195 12.27 -26.00 -5.12
CA GLY F 195 13.14 -27.03 -4.52
C GLY F 195 14.23 -27.44 -5.50
N PRO F 196 15.24 -28.20 -5.02
CA PRO F 196 16.41 -28.60 -5.85
C PRO F 196 16.01 -29.52 -6.98
N ILE F 197 16.46 -29.16 -8.18
CA ILE F 197 16.10 -29.85 -9.40
C ILE F 197 17.38 -30.35 -10.08
N ARG F 198 17.40 -31.64 -10.42
CA ARG F 198 18.55 -32.27 -11.09
C ARG F 198 18.69 -31.84 -12.52
N THR F 199 19.26 -30.67 -12.74
CA THR F 199 19.63 -30.25 -14.09
C THR F 199 20.88 -31.07 -14.49
N LEU F 200 21.29 -30.97 -15.77
CA LEU F 200 22.49 -31.66 -16.24
C LEU F 200 23.71 -31.27 -15.36
N ALA F 201 23.84 -29.96 -15.15
CA ALA F 201 24.88 -29.39 -14.27
C ALA F 201 24.87 -30.05 -12.88
N MET F 202 23.71 -30.00 -12.23
CA MET F 202 23.51 -30.64 -10.89
C MET F 202 23.84 -32.13 -10.90
N SER F 203 23.36 -32.84 -11.93
CA SER F 203 23.60 -34.30 -12.04
C SER F 203 25.11 -34.65 -12.05
N ALA F 204 25.92 -33.79 -12.68
CA ALA F 204 27.37 -33.97 -12.71
C ALA F 204 28.03 -33.80 -11.33
N ILE F 205 27.61 -32.77 -10.58
CA ILE F 205 28.10 -32.56 -9.18
C ILE F 205 27.74 -33.80 -8.29
N VAL F 206 26.49 -34.27 -8.37
CA VAL F 206 26.05 -35.49 -7.66
C VAL F 206 26.95 -36.68 -8.02
N GLY F 207 27.29 -36.77 -9.31
CA GLY F 207 28.22 -37.80 -9.80
C GLY F 207 29.71 -37.58 -9.51
N GLY F 208 30.04 -36.57 -8.70
CA GLY F 208 31.40 -36.42 -8.16
C GLY F 208 32.36 -35.44 -8.85
N ALA F 209 31.86 -34.70 -9.83
CA ALA F 209 32.66 -33.76 -10.63
C ALA F 209 33.30 -32.63 -9.80
N LEU F 210 32.62 -32.22 -8.73
CA LEU F 210 33.17 -31.21 -7.81
C LEU F 210 33.92 -31.81 -6.63
N GLY F 211 34.14 -33.12 -6.65
CA GLY F 211 34.74 -33.82 -5.51
C GLY F 211 33.72 -34.66 -4.75
N GLU F 212 34.22 -35.48 -3.82
CA GLU F 212 33.35 -36.38 -3.03
C GLU F 212 32.60 -35.66 -1.88
N GLU F 213 33.25 -34.65 -1.26
CA GLU F 213 32.61 -33.87 -0.18
C GLU F 213 31.42 -33.06 -0.75
N ALA F 214 31.63 -32.43 -1.91
CA ALA F 214 30.55 -31.71 -2.62
C ALA F 214 29.40 -32.63 -3.05
N GLY F 215 29.76 -33.80 -3.59
CA GLY F 215 28.78 -34.76 -4.04
C GLY F 215 27.95 -35.21 -2.84
N ALA F 216 28.63 -35.42 -1.72
CA ALA F 216 27.98 -35.84 -0.47
C ALA F 216 27.05 -34.76 0.09
N GLN F 217 27.48 -33.50 0.01
CA GLN F 217 26.68 -32.36 0.53
C GLN F 217 25.39 -32.11 -0.23
N ILE F 218 25.47 -32.11 -1.57
CA ILE F 218 24.25 -32.00 -2.43
C ILE F 218 23.29 -33.17 -2.18
N GLN F 219 23.87 -34.35 -1.93
CA GLN F 219 23.09 -35.56 -1.62
C GLN F 219 22.38 -35.45 -0.25
N LEU F 220 23.05 -34.88 0.74
CA LEU F 220 22.44 -34.63 2.03
C LEU F 220 21.26 -33.67 1.89
N LEU F 221 21.48 -32.58 1.17
CA LEU F 221 20.48 -31.57 0.94
C LEU F 221 19.23 -32.13 0.28
N GLU F 222 19.41 -32.86 -0.82
CA GLU F 222 18.27 -33.48 -1.52
C GLU F 222 17.49 -34.47 -0.66
N GLU F 223 18.20 -35.42 -0.04
CA GLU F 223 17.54 -36.44 0.80
C GLU F 223 16.76 -35.76 1.93
N GLY F 224 17.39 -34.82 2.60
CA GLY F 224 16.74 -34.03 3.68
C GLY F 224 15.54 -33.19 3.20
N TRP F 225 15.61 -32.74 1.95
CA TRP F 225 14.53 -31.98 1.36
C TRP F 225 13.25 -32.80 1.20
N ASP F 226 13.40 -33.97 0.61
CA ASP F 226 12.31 -34.89 0.39
C ASP F 226 11.72 -35.36 1.72
N GLN F 227 12.59 -35.57 2.69
CA GLN F 227 12.18 -35.97 4.05
C GLN F 227 11.28 -34.93 4.70
N ARG F 228 11.80 -33.72 4.76
CA ARG F 228 11.10 -32.56 5.29
C ARG F 228 9.77 -32.25 4.57
N ALA F 229 9.78 -32.29 3.25
CA ALA F 229 8.59 -31.99 2.45
C ALA F 229 7.40 -32.93 2.83
N PRO F 230 6.28 -32.35 3.30
CA PRO F 230 5.16 -33.19 3.68
C PRO F 230 4.58 -34.00 2.54
N ILE F 231 4.64 -33.48 1.34
CA ILE F 231 4.20 -34.28 0.17
C ILE F 231 5.38 -34.87 -0.63
N GLY F 232 6.55 -34.95 0.00
CA GLY F 232 7.74 -35.39 -0.68
C GLY F 232 8.31 -34.43 -1.73
N TRP F 233 9.49 -34.75 -2.21
CA TRP F 233 10.13 -33.96 -3.26
C TRP F 233 10.97 -34.79 -4.22
N ASN F 234 10.63 -34.69 -5.51
CA ASN F 234 11.35 -35.39 -6.58
C ASN F 234 12.27 -34.46 -7.36
N MET F 235 13.57 -34.58 -7.09
CA MET F 235 14.59 -33.71 -7.72
C MET F 235 14.65 -33.95 -9.23
N LYS F 236 14.22 -35.13 -9.67
CA LYS F 236 14.23 -35.48 -11.10
C LYS F 236 13.02 -34.87 -11.88
N ASP F 237 12.01 -34.32 -11.18
CA ASP F 237 10.79 -33.84 -11.84
C ASP F 237 10.63 -32.33 -11.74
N ALA F 238 10.72 -31.65 -12.87
CA ALA F 238 10.63 -30.19 -12.91
C ALA F 238 9.23 -29.71 -13.18
N THR F 239 8.35 -30.65 -13.49
CA THR F 239 6.95 -30.36 -13.88
C THR F 239 6.15 -29.60 -12.83
N PRO F 240 6.19 -30.05 -11.57
CA PRO F 240 5.44 -29.32 -10.54
C PRO F 240 5.83 -27.85 -10.41
N VAL F 241 7.13 -27.55 -10.58
CA VAL F 241 7.56 -26.15 -10.51
C VAL F 241 7.11 -25.37 -11.76
N ALA F 242 7.13 -26.02 -12.91
CA ALA F 242 6.66 -25.38 -14.15
C ALA F 242 5.17 -24.99 -14.07
N LYS F 243 4.38 -25.86 -13.44
CA LYS F 243 2.96 -25.62 -13.29
C LYS F 243 2.71 -24.43 -12.37
N THR F 244 3.54 -24.33 -11.34
CA THR F 244 3.45 -23.24 -10.38
C THR F 244 3.72 -21.92 -11.10
N VAL F 245 4.71 -21.93 -11.98
CA VAL F 245 5.02 -20.73 -12.82
C VAL F 245 3.82 -20.40 -13.73
N CYS F 246 3.31 -21.40 -14.41
CA CYS F 246 2.12 -21.21 -15.24
C CYS F 246 0.94 -20.68 -14.43
N ALA F 247 0.81 -21.13 -13.19
CA ALA F 247 -0.22 -20.62 -12.29
C ALA F 247 -0.08 -19.09 -12.09
N LEU F 248 1.13 -18.65 -11.80
CA LEU F 248 1.37 -17.22 -11.59
C LEU F 248 1.19 -16.41 -12.87
N LEU F 249 1.47 -17.05 -14.00
CA LEU F 249 1.29 -16.44 -15.32
C LEU F 249 -0.18 -16.32 -15.68
N SER F 250 -1.02 -17.13 -15.04
CA SER F 250 -2.45 -17.18 -15.35
C SER F 250 -3.22 -16.04 -14.68
N ASP F 251 -4.53 -16.06 -14.85
CA ASP F 251 -5.39 -15.04 -14.23
C ASP F 251 -5.81 -15.40 -12.80
N TRP F 252 -5.36 -16.55 -12.29
CA TRP F 252 -5.92 -17.14 -11.03
C TRP F 252 -5.20 -16.80 -9.72
N LEU F 253 -4.13 -16.03 -9.81
CA LEU F 253 -3.52 -15.40 -8.67
C LEU F 253 -3.36 -13.89 -8.91
N PRO F 254 -4.50 -13.14 -9.01
CA PRO F 254 -4.52 -11.76 -9.47
C PRO F 254 -4.19 -10.72 -8.43
N ALA F 255 -4.10 -11.14 -7.16
CA ALA F 255 -3.90 -10.20 -6.06
C ALA F 255 -2.51 -10.40 -5.42
N THR F 256 -1.66 -11.21 -6.07
CA THR F 256 -0.35 -11.52 -5.55
C THR F 256 0.72 -10.83 -6.38
N THR F 257 1.60 -10.11 -5.69
CA THR F 257 2.71 -9.39 -6.33
C THR F 257 3.79 -8.99 -5.30
N GLY F 258 5.01 -8.76 -5.79
CA GLY F 258 6.15 -8.46 -4.92
C GLY F 258 6.51 -9.64 -4.03
N ASP F 259 6.00 -10.80 -4.40
CA ASP F 259 5.88 -11.93 -3.47
C ASP F 259 6.66 -13.15 -3.95
N ILE F 260 6.73 -14.12 -3.05
CA ILE F 260 7.36 -15.39 -3.29
C ILE F 260 6.40 -16.54 -3.03
N ILE F 261 6.24 -17.37 -4.04
CA ILE F 261 5.54 -18.65 -3.94
C ILE F 261 6.49 -19.82 -3.97
N TYR F 262 6.30 -20.73 -3.03
CA TYR F 262 7.23 -21.82 -2.81
C TYR F 262 6.73 -23.12 -3.46
N ALA F 263 7.41 -23.54 -4.54
CA ALA F 263 7.18 -24.84 -5.15
C ALA F 263 8.30 -25.79 -4.73
N ASP F 264 8.28 -26.17 -3.44
CA ASP F 264 9.35 -26.97 -2.85
C ASP F 264 8.87 -28.17 -2.02
N GLY F 265 7.64 -28.60 -2.25
CA GLY F 265 7.02 -29.71 -1.48
C GLY F 265 6.68 -29.36 -0.05
N GLY F 266 6.70 -28.09 0.29
CA GLY F 266 6.50 -27.63 1.69
C GLY F 266 7.72 -27.72 2.59
N ALA F 267 8.88 -28.13 2.03
CA ALA F 267 10.07 -28.38 2.84
C ALA F 267 10.46 -27.17 3.70
N HIS F 268 10.43 -25.96 3.13
CA HIS F 268 10.80 -24.75 3.88
C HIS F 268 9.93 -24.48 5.13
N THR F 269 8.74 -25.11 5.22
CA THR F 269 7.85 -24.94 6.37
C THR F 269 8.12 -25.91 7.52
N GLN F 270 9.12 -26.77 7.32
CA GLN F 270 9.39 -27.83 8.29
C GLN F 270 10.84 -27.81 8.73
N LEU F 271 11.05 -27.85 10.05
CA LEU F 271 12.41 -27.84 10.60
C LEU F 271 13.07 -29.17 10.32
N LEU F 272 12.40 -30.26 10.68
CA LEU F 272 12.85 -31.58 10.21
C LEU F 272 11.71 -32.59 10.13
C17 9JM G . -4.40 27.91 -31.12
C18 9JM G . -3.49 28.97 -30.97
C19 9JM G . -3.45 29.96 -31.96
C20 9JM G . -4.29 29.90 -33.07
C21 9JM G . -5.18 28.86 -33.21
O2A 9JM G . -1.41 17.75 -28.20
PA 9JM G . -2.03 18.10 -26.87
O1A 9JM G . -1.18 18.04 -25.64
O5B 9JM G . -3.38 17.23 -26.63
C5B 9JM G . -4.10 16.60 -27.67
C4B 9JM G . -4.28 15.15 -27.32
O4B 9JM G . -5.14 14.44 -28.27
C1B 9JM G . -4.68 13.08 -28.26
N9A 9JM G . -5.12 12.31 -29.38
C8A 9JM G . -4.92 12.61 -30.67
N7A 9JM G . -5.48 11.64 -31.44
C5A 9JM G . -6.01 10.75 -30.64
C6A 9JM G . -6.73 9.52 -30.86
N6A 9JM G . -6.99 9.06 -32.22
N1A 9JM G . -7.14 8.83 -29.78
C2A 9JM G . -6.89 9.28 -28.51
N3A 9JM G . -6.22 10.43 -28.28
C4A 9JM G . -5.78 11.17 -29.30
C2B 9JM G . -3.17 13.19 -28.28
O2B 9JM G . -2.56 11.96 -27.93
C3B 9JM G . -2.94 14.35 -27.29
O3B 9JM G . -2.63 13.88 -25.96
O3 9JM G . -2.63 19.63 -27.02
PN 9JM G . -3.66 20.44 -26.01
O1N 9JM G . -3.64 21.88 -26.46
O2N 9JM G . -3.36 20.08 -24.56
O5D 9JM G . -5.10 19.79 -26.48
C5D 9JM G . -6.11 19.32 -25.58
C4D 9JM G . -7.53 19.66 -26.13
O4D 9JM G . -7.91 21.01 -25.78
C3D 9JM G . -7.60 19.61 -27.65
O3D 9JM G . -8.82 19.05 -28.12
C2D 9JM G . -7.56 21.00 -28.10
O2D 9JM G . -8.28 21.11 -29.35
C1D 9JM G . -8.23 21.73 -26.96
N1N 9JM G . -7.89 23.16 -26.84
C2N 9JM G . -6.63 23.59 -26.90
C6N 9JM G . -9.02 24.07 -26.66
C5N 9JM G . -8.64 25.47 -26.55
C4N 9JM G . -7.33 25.86 -26.63
C3N 9JM G . -6.33 24.95 -26.80
C7N 9JM G . -4.90 25.44 -26.88
O7N 9JM G . -4.69 26.65 -26.93
N7N 9JM G . -3.81 24.51 -26.88
C22 9JM G . -5.23 27.87 -32.25
C1 9JM G . -2.57 29.04 -29.77
N2 9JM G . -1.71 30.01 -29.62
O6 9JM G . -0.85 30.06 -28.49
O4 9JM G . -4.48 26.88 -30.16
C17 9JM H . -39.95 33.74 -14.44
C18 9JM H . -40.90 32.78 -14.17
C19 9JM H . -41.98 32.62 -15.03
C20 9JM H . -42.12 33.42 -16.17
C21 9JM H . -41.19 34.38 -16.43
O2A 9JM H . -38.23 38.94 -4.46
PA 9JM H . -36.94 38.22 -4.43
O1A 9JM H . -36.65 37.18 -3.37
O5B 9JM H . -35.69 39.26 -4.54
C5B 9JM H . -35.75 40.45 -5.32
C4B 9JM H . -34.98 41.49 -4.54
O4B 9JM H . -34.89 42.78 -5.20
C1B 9JM H . -34.95 43.72 -4.10
N9A 9JM H . -35.11 45.17 -4.44
C8A 9JM H . -36.16 45.80 -5.04
N7A 9JM H . -35.86 47.16 -5.13
C5A 9JM H . -34.67 47.38 -4.59
C6A 9JM H . -33.80 48.53 -4.36
N6A 9JM H . -34.20 49.92 -4.79
N1A 9JM H . -32.61 48.33 -3.75
C2A 9JM H . -32.22 47.12 -3.35
N3A 9JM H . -32.98 46.04 -3.54
C4A 9JM H . -34.18 46.11 -4.14
C2B 9JM H . -36.07 43.17 -3.25
O2B 9JM H . -36.15 43.73 -1.95
C3B 9JM H . -35.66 41.77 -3.17
O3B 9JM H . -34.71 41.60 -2.11
O3 9JM H . -36.85 37.51 -5.84
PN 9JM H . -35.61 36.74 -6.35
O1N 9JM H . -36.20 35.67 -7.18
O2N 9JM H . -34.72 36.40 -5.20
O5D 9JM H . -34.90 37.87 -7.31
C5D 9JM H . -33.50 38.16 -7.24
C4D 9JM H . -32.87 38.36 -8.67
O4D 9JM H . -32.70 37.12 -9.37
C3D 9JM H . -33.71 39.22 -9.61
O3D 9JM H . -32.84 39.83 -10.52
C2D 9JM H . -34.53 38.30 -10.39
O2D 9JM H . -35.03 38.93 -11.57
C1D 9JM H . -33.46 37.21 -10.65
N1N 9JM H . -33.98 35.92 -11.11
C2N 9JM H . -35.09 35.39 -10.56
C6N 9JM H . -33.24 35.28 -12.17
C5N 9JM H . -33.80 34.01 -12.59
C4N 9JM H . -34.95 33.47 -12.00
C3N 9JM H . -35.57 34.17 -11.00
C7N 9JM H . -36.76 33.59 -10.42
O7N 9JM H . -37.64 33.21 -11.17
N7N 9JM H . -36.90 33.48 -9.03
C22 9JM H . -40.09 34.54 -15.57
C1 9JM H . -40.72 31.95 -12.96
N2 9JM H . -41.56 31.07 -12.65
O6 9JM H . -41.35 30.29 -11.47
O4 9JM H . -38.84 33.90 -13.55
C3 9JM I . 8.93 -27.04 27.97
C4 9JM I . 9.66 -27.00 26.66
C5 9JM I . 9.34 -25.93 25.94
C12 9JM I . 9.89 -25.69 24.72
C13 9JM I . 10.81 -26.62 24.23
C14 9JM I . 11.13 -27.73 24.98
C17 9JM I . 11.96 -29.48 23.45
C18 9JM I . 13.04 -30.30 23.24
C19 9JM I . 13.03 -31.19 22.16
C20 9JM I . 11.93 -31.21 21.29
C21 9JM I . 10.85 -30.37 21.51
O2A 9JM I . 9.44 -27.46 33.48
PA 9JM I . 10.51 -26.38 33.48
O1A 9JM I . 11.67 -26.45 34.49
O5B 9JM I . 9.75 -25.00 33.69
C5B 9JM I . 8.31 -24.93 33.42
C4B 9JM I . 7.54 -24.17 34.50
O4B 9JM I . 6.13 -23.94 34.11
C1B 9JM I . 5.44 -23.92 35.34
N9A 9JM I . 3.97 -24.01 35.29
C8A 9JM I . 3.21 -25.00 34.75
N7A 9JM I . 1.88 -24.73 34.92
C5A 9JM I . 1.79 -23.56 35.57
C6A 9JM I . 0.70 -22.71 36.06
N6A 9JM I . -0.71 -23.12 35.84
N1A 9JM I . 0.99 -21.53 36.71
C2A 9JM I . 2.28 -21.16 36.91
N3A 9JM I . 3.33 -21.91 36.47
C4A 9JM I . 3.14 -23.10 35.81
C2B 9JM I . 6.06 -25.11 36.09
O2B 9JM I . 5.80 -25.16 37.49
C3B 9JM I . 7.51 -24.97 35.78
O3B 9JM I . 8.21 -24.29 36.78
O3 9JM I . 11.04 -26.42 31.97
PN 9JM I . 11.65 -25.23 31.11
O1N 9JM I . 12.11 -25.89 29.81
O2N 9JM I . 12.65 -24.51 31.96
O5D 9JM I . 10.37 -24.27 30.81
C5D 9JM I . 10.49 -22.84 31.04
C4D 9JM I . 10.16 -22.01 29.78
O4D 9JM I . 11.28 -21.99 28.81
C3D 9JM I . 8.95 -22.61 29.06
O3D 9JM I . 8.12 -21.56 28.54
C2D 9JM I . 9.58 -23.39 27.97
O2D 9JM I . 8.69 -23.72 26.93
C1D 9JM I . 10.74 -22.45 27.55
N1N 9JM I . 11.68 -23.16 26.65
C2N 9JM I . 12.31 -24.30 27.02
C6N 9JM I . 11.85 -22.56 25.32
C5N 9JM I . 12.76 -23.30 24.48
C4N 9JM I . 13.38 -24.44 24.90
C3N 9JM I . 13.16 -24.94 26.15
C7N 9JM I . 13.87 -26.20 26.55
O7N 9JM I . 14.33 -26.91 25.70
N7N 9JM I . 13.99 -26.56 27.90
B1 9JM I . 8.32 -25.08 26.67
O2 9JM I . 8.07 -25.87 27.84
C15 9JM I . 10.55 -27.92 26.21
C22 9JM I . 10.86 -29.50 22.59
C23 9JM I . 11.88 -32.00 20.30
O1 9JM I . 7.02 -25.02 25.83
C1 9JM I . 14.15 -30.23 24.21
N2 9JM I . 15.10 -31.02 24.17
O6 9JM I . 16.12 -30.92 25.13
N7 9JM I . 11.94 -32.66 19.34
O4 9JM I . 12.03 -28.63 24.54
O2A 9JM J . 27.85 8.44 6.68
PA 9JM J . 27.82 7.74 8.01
O1A 9JM J . 28.51 8.35 9.16
O5B 9JM J . 28.35 6.25 7.85
C5B 9JM J . 28.79 5.71 6.59
C4B 9JM J . 30.28 5.38 6.67
O4B 9JM J . 30.71 4.53 5.56
C1B 9JM J . 32.05 4.90 5.22
N9A 9JM J . 32.45 4.51 3.82
C8A 9JM J . 31.85 4.85 2.68
N7A 9JM J . 32.53 4.29 1.64
C5A 9JM J . 33.58 3.60 2.14
C6A 9JM J . 34.70 2.77 1.58
N6A 9JM J . 34.89 2.53 0.13
N1A 9JM J . 35.56 2.24 2.43
C2A 9JM J . 35.43 2.44 3.78
N3A 9JM J . 34.43 3.18 4.32
C4A 9JM J . 33.51 3.76 3.55
C2B 9JM J . 32.12 6.40 5.42
O2B 9JM J . 33.44 6.87 5.70
C3B 9JM J . 31.13 6.65 6.59
O3B 9JM J . 31.80 6.87 7.85
O3 9JM J . 26.32 7.61 8.43
PN 9JM J . 25.60 6.37 9.16
O1N 9JM J . 24.19 6.66 8.80
O2N 9JM J . 26.05 6.31 10.59
O5D 9JM J . 26.01 5.00 8.39
C5D 9JM J . 26.85 3.93 8.94
C4D 9JM J . 26.21 2.54 8.67
O4D 9JM J . 25.02 2.38 9.51
C3D 9JM J . 25.75 2.36 7.24
O3D 9JM J . 26.11 1.06 6.73
C2D 9JM J . 24.26 2.50 7.30
O2D 9JM J . 23.56 1.74 6.32
C1D 9JM J . 23.93 2.03 8.68
N1N 9JM J . 22.62 2.56 9.12
C2N 9JM J . 22.34 3.89 9.10
C6N 9JM J . 21.66 1.55 9.55
C5N 9JM J . 20.39 2.11 9.95
C4N 9JM J . 20.15 3.44 9.92
C3N 9JM J . 21.11 4.34 9.51
C7N 9JM J . 20.72 5.79 9.51
O7N 9JM J . 19.52 6.06 9.40
N7N 9JM J . 21.67 6.81 9.65
O2A 9JM K . -18.53 -13.47 9.32
PA 9JM K . -18.02 -14.13 8.03
O1A 9JM K . -18.96 -14.38 6.91
O5B 9JM K . -17.35 -15.54 8.39
C5B 9JM K . -17.45 -16.15 9.67
C4B 9JM K . -18.07 -17.50 9.43
O4B 9JM K . -17.68 -18.41 10.48
C1B 9JM K . -18.88 -19.06 10.89
N9A 9JM K . -18.75 -19.66 12.21
C8A 9JM K . -18.72 -19.03 13.39
N7A 9JM K . -18.60 -19.97 14.37
C5A 9JM K . -18.56 -21.18 13.76
C6A 9JM K . -18.45 -22.55 14.22
N6A 9JM K . -18.35 -22.87 15.65
N1A 9JM K . -18.45 -23.52 13.31
C2A 9JM K . -18.55 -23.23 11.99
N3A 9JM K . -18.66 -21.96 11.56
C4A 9JM K . -18.66 -20.95 12.39
C2B 9JM K . -19.96 -18.02 10.79
O2B 9JM K . -21.28 -18.55 10.78
C3B 9JM K . -19.59 -17.43 9.46
O3B 9JM K . -20.12 -18.24 8.39
O3 9JM K . -16.76 -13.20 7.46
PN 9JM K . -15.59 -13.70 6.42
O1N 9JM K . -14.79 -12.49 6.08
O2N 9JM K . -16.14 -14.52 5.33
O5D 9JM K . -14.65 -14.64 7.32
C5D 9JM K . -14.34 -15.97 6.90
C4D 9JM K . -12.86 -16.23 7.13
O4D 9JM K . -12.07 -15.28 6.40
C3D 9JM K . -12.48 -16.07 8.60
O3D 9JM K . -11.48 -17.06 8.95
C2D 9JM K . -11.91 -14.72 8.67
O2D 9JM K . -11.13 -14.58 9.83
C1D 9JM K . -11.13 -14.72 7.32
N1N 9JM K . -10.63 -13.42 6.84
C2N 9JM K . -11.49 -12.38 6.64
C6N 9JM K . -9.20 -13.33 6.60
C5N 9JM K . -8.76 -12.01 6.12
C4N 9JM K . -9.65 -10.97 5.92
C3N 9JM K . -11.02 -11.14 6.18
C7N 9JM K . -12.00 -9.96 5.96
O7N 9JM K . -11.56 -8.84 5.66
N7N 9JM K . -13.42 -10.20 6.12
O2A 9JM L . 21.65 -23.58 -16.39
PA 9JM L . 20.15 -23.75 -16.31
O1A 9JM L . 19.42 -24.69 -17.25
O5B 9JM L . 19.51 -22.32 -16.45
C5B 9JM L . 20.29 -21.17 -16.25
C4B 9JM L . 20.02 -20.28 -17.41
O4B 9JM L . 20.68 -19.05 -17.21
C1B 9JM L . 20.98 -18.57 -18.52
N9A 9JM L . 21.95 -17.48 -18.50
C8A 9JM L . 23.12 -17.44 -17.83
N7A 9JM L . 23.74 -16.22 -18.08
C5A 9JM L . 22.94 -15.52 -18.92
C6A 9JM L . 23.00 -14.21 -19.55
N6A 9JM L . 24.17 -13.30 -19.34
N1A 9JM L . 21.97 -13.85 -20.35
C2A 9JM L . 20.91 -14.68 -20.56
N3A 9JM L . 20.81 -15.91 -19.98
C4A 9JM L . 21.79 -16.36 -19.17
C2B 9JM L . 21.45 -19.77 -19.28
O2B 9JM L . 21.31 -19.57 -20.68
C3B 9JM L . 20.53 -20.83 -18.76
O3B 9JM L . 19.42 -21.04 -19.66
O3 9JM L . 19.75 -24.17 -14.80
PN 9JM L . 18.25 -24.00 -14.20
O1N 9JM L . 18.05 -25.01 -13.10
O2N 9JM L . 17.28 -23.97 -15.38
O5D 9JM L . 18.30 -22.52 -13.58
C5D 9JM L . 17.37 -21.52 -14.05
C4D 9JM L . 16.90 -20.75 -12.85
O4D 9JM L . 16.27 -21.63 -11.93
C3D 9JM L . 18.07 -20.13 -12.11
O3D 9JM L . 17.71 -18.83 -11.68
C2D 9JM L . 18.28 -21.04 -10.92
O2D 9JM L . 18.92 -20.43 -9.81
C1D 9JM L . 16.88 -21.42 -10.64
N1N 9JM L . 16.79 -22.57 -9.74
C2N 9JM L . 17.34 -23.73 -10.11
C6N 9JM L . 16.08 -22.38 -8.46
C5N 9JM L . 16.03 -23.57 -7.63
C4N 9JM L . 16.60 -24.76 -8.04
C3N 9JM L . 17.25 -24.84 -9.29
C7N 9JM L . 17.86 -26.12 -9.73
O7N 9JM L . 17.81 -27.10 -8.99
N7N 9JM L . 18.48 -26.19 -10.97
#